data_5CGE
#
_entry.id   5CGE
#
_cell.length_a   62.345
_cell.length_b   62.483
_cell.length_c   109.167
_cell.angle_alpha   92.64
_cell.angle_beta   92.05
_cell.angle_gamma   101.46
#
_symmetry.space_group_name_H-M   'P 1'
#
loop_
_entity.id
_entity.type
_entity.pdbx_description
1 polymer 'Hydroxyethylthiazole kinase'
2 non-polymer 2-(2-methyl-1H-imidazol-1-yl)ethanol
3 non-polymer 'MAGNESIUM ION'
4 water water
#
_entity_poly.entity_id   1
_entity_poly.type   'polypeptide(L)'
_entity_poly.pdbx_seq_one_letter_code
;MNYLNNIRIENPLTICYTNDVVKNFTANGLLSIGASPAMSEAPEEAEEFYKVAQALLINIGTLTAQNEQDIIAIAQTANE
AGLPIVFDPVAVGASTYRKQFCKLLLKSAKVSVIKGNASEILALIDDTATMKGTDSDANLDAVTIAKKAYAIYKTAIVIT
GKEDVIVQGDKAIVLANGSPLLARVTGAGCLLGGIIAGFLFRETEPDIEALIEAVSVFNIAAEVAAENENCGGPGTFSPL
LLDTLYHLNETTYQQRIRIQEVEENLYFQSGHHHHHH
;
_entity_poly.pdbx_strand_id   A,B,C,E,D,F
#
# COMPACT_ATOMS: atom_id res chain seq x y z
N MET A 1 47.31 -1.98 -17.14
CA MET A 1 46.16 -2.81 -17.59
C MET A 1 46.03 -4.23 -16.99
N ASN A 2 46.34 -4.33 -15.73
CA ASN A 2 46.29 -5.57 -15.06
C ASN A 2 44.86 -6.20 -14.94
N TYR A 3 43.94 -5.46 -14.31
CA TYR A 3 42.62 -5.98 -14.06
C TYR A 3 41.87 -6.30 -15.34
N LEU A 4 42.01 -5.49 -16.37
CA LEU A 4 41.29 -5.71 -17.61
C LEU A 4 41.71 -7.01 -18.24
N ASN A 5 42.99 -7.37 -18.14
CA ASN A 5 43.38 -8.69 -18.65
C ASN A 5 42.58 -9.80 -17.95
N ASN A 6 42.39 -9.68 -16.66
CA ASN A 6 41.64 -10.64 -15.89
C ASN A 6 40.22 -10.69 -16.23
N ILE A 7 39.61 -9.54 -16.56
CA ILE A 7 38.21 -9.53 -16.89
C ILE A 7 38.04 -10.28 -18.22
N ARG A 8 38.97 -10.08 -19.14
CA ARG A 8 38.89 -10.75 -20.45
C ARG A 8 39.05 -12.29 -20.33
N ILE A 9 39.88 -12.70 -19.39
CA ILE A 9 40.13 -14.14 -19.20
C ILE A 9 39.05 -14.79 -18.36
N GLU A 10 38.62 -14.13 -17.28
CA GLU A 10 37.71 -14.75 -16.29
C GLU A 10 36.24 -14.52 -16.53
N ASN A 11 35.91 -13.52 -17.34
CA ASN A 11 34.51 -13.25 -17.71
C ASN A 11 33.55 -13.09 -16.53
N PRO A 12 33.87 -12.20 -15.58
CA PRO A 12 33.12 -12.04 -14.34
C PRO A 12 31.67 -11.77 -14.55
N LEU A 13 30.84 -12.56 -13.87
CA LEU A 13 29.44 -12.28 -13.84
C LEU A 13 29.12 -11.03 -13.05
N THR A 14 28.49 -10.07 -13.74
CA THR A 14 28.27 -8.78 -13.19
C THR A 14 26.78 -8.52 -13.28
N ILE A 15 26.15 -8.46 -12.12
CA ILE A 15 24.68 -8.26 -12.05
C ILE A 15 24.36 -6.78 -12.13
N CYS A 16 23.41 -6.40 -13.01
CA CYS A 16 23.04 -4.98 -13.14
C CYS A 16 21.55 -4.82 -12.89
N TYR A 17 21.25 -4.02 -11.89
CA TYR A 17 19.90 -3.50 -11.64
C TYR A 17 19.99 -2.02 -12.04
N THR A 18 19.65 -1.73 -13.27
CA THR A 18 19.94 -0.42 -13.82
C THR A 18 18.74 0.10 -14.51
N ASN A 19 18.85 1.31 -15.03
CA ASN A 19 17.69 2.02 -15.47
C ASN A 19 17.28 1.54 -16.88
N ASP A 20 16.03 1.82 -17.20
CA ASP A 20 15.49 1.35 -18.46
C ASP A 20 16.05 2.00 -19.73
N VAL A 21 16.77 3.12 -19.64
CA VAL A 21 17.25 3.79 -20.79
C VAL A 21 18.60 3.21 -21.23
N VAL A 22 19.23 2.45 -20.32
CA VAL A 22 20.71 2.16 -20.55
C VAL A 22 20.98 0.68 -20.47
N LYS A 23 19.99 -0.15 -20.28
CA LYS A 23 20.27 -1.62 -20.07
C LYS A 23 21.08 -2.21 -21.23
N ASN A 24 20.64 -1.99 -22.44
CA ASN A 24 21.31 -2.61 -23.59
C ASN A 24 22.76 -2.08 -23.69
N PHE A 25 22.93 -0.77 -23.59
CA PHE A 25 24.28 -0.24 -23.72
C PHE A 25 25.17 -0.71 -22.60
N THR A 26 24.66 -0.78 -21.40
CA THR A 26 25.44 -1.25 -20.26
C THR A 26 25.89 -2.71 -20.50
N ALA A 27 24.94 -3.53 -20.92
CA ALA A 27 25.31 -4.93 -21.21
C ALA A 27 26.33 -5.03 -22.31
N ASN A 28 26.17 -4.24 -23.39
CA ASN A 28 27.14 -4.29 -24.47
C ASN A 28 28.52 -3.79 -24.06
N GLY A 29 28.52 -2.79 -23.22
CA GLY A 29 29.82 -2.33 -22.74
C GLY A 29 30.52 -3.33 -21.86
N LEU A 30 29.78 -4.00 -21.00
CA LEU A 30 30.35 -5.05 -20.20
C LEU A 30 30.80 -6.20 -21.06
N LEU A 31 30.01 -6.59 -22.07
CA LEU A 31 30.50 -7.62 -23.01
C LEU A 31 31.78 -7.21 -23.76
N SER A 32 31.87 -5.95 -24.10
CA SER A 32 33.03 -5.50 -24.86
C SER A 32 34.32 -5.66 -24.06
N ILE A 33 34.30 -5.48 -22.75
CA ILE A 33 35.51 -5.66 -21.97
C ILE A 33 35.69 -7.09 -21.48
N GLY A 34 34.77 -7.98 -21.78
CA GLY A 34 34.88 -9.40 -21.48
C GLY A 34 34.11 -9.89 -20.28
N ALA A 35 33.35 -8.97 -19.64
CA ALA A 35 32.49 -9.34 -18.52
C ALA A 35 31.22 -10.07 -19.03
N SER A 36 30.49 -10.69 -18.10
CA SER A 36 29.28 -11.37 -18.40
C SER A 36 28.15 -10.65 -17.65
N PRO A 37 27.43 -9.76 -18.35
CA PRO A 37 26.38 -9.02 -17.65
C PRO A 37 25.11 -9.89 -17.48
N ALA A 38 24.39 -9.59 -16.44
CA ALA A 38 23.05 -10.18 -16.20
C ALA A 38 22.18 -9.14 -15.55
N MET A 39 21.14 -8.76 -16.24
CA MET A 39 20.22 -7.76 -15.78
C MET A 39 19.09 -8.46 -15.00
N SER A 40 19.41 -9.00 -13.89
CA SER A 40 18.44 -9.72 -13.08
C SER A 40 17.87 -8.71 -12.07
N GLU A 41 16.53 -8.60 -12.01
CA GLU A 41 15.86 -7.66 -11.14
C GLU A 41 14.94 -8.40 -10.15
N ALA A 42 14.78 -9.70 -10.33
CA ALA A 42 13.86 -10.45 -9.45
C ALA A 42 14.52 -10.77 -8.11
N PRO A 43 13.97 -10.26 -7.01
CA PRO A 43 14.56 -10.66 -5.70
C PRO A 43 14.55 -12.16 -5.45
N GLU A 44 13.62 -12.86 -6.07
CA GLU A 44 13.46 -14.33 -5.92
C GLU A 44 14.64 -15.12 -6.40
N GLU A 45 15.45 -14.56 -7.32
CA GLU A 45 16.62 -15.26 -7.79
C GLU A 45 17.95 -14.60 -7.33
N ALA A 46 17.85 -13.59 -6.47
CA ALA A 46 19.11 -12.87 -6.06
C ALA A 46 20.04 -13.70 -5.26
N GLU A 47 19.52 -14.48 -4.32
CA GLU A 47 20.42 -15.33 -3.51
C GLU A 47 21.24 -16.31 -4.41
N GLU A 48 20.59 -16.99 -5.34
CA GLU A 48 21.32 -17.91 -6.23
C GLU A 48 22.28 -17.22 -7.18
N PHE A 49 21.83 -16.12 -7.80
CA PHE A 49 22.70 -15.40 -8.71
C PHE A 49 23.91 -14.82 -7.95
N TYR A 50 23.68 -14.26 -6.78
CA TYR A 50 24.72 -13.47 -6.10
C TYR A 50 25.82 -14.35 -5.56
N LYS A 51 25.52 -15.61 -5.23
CA LYS A 51 26.53 -16.53 -4.74
C LYS A 51 27.62 -16.73 -5.78
N VAL A 52 27.28 -16.66 -7.05
CA VAL A 52 28.24 -16.89 -8.14
C VAL A 52 28.66 -15.60 -8.92
N ALA A 53 28.09 -14.47 -8.55
CA ALA A 53 28.45 -13.19 -9.20
C ALA A 53 29.67 -12.55 -8.58
N GLN A 54 30.25 -11.62 -9.31
CA GLN A 54 31.41 -10.85 -8.85
C GLN A 54 31.11 -9.41 -8.34
N ALA A 55 29.98 -8.85 -8.78
CA ALA A 55 29.55 -7.55 -8.31
C ALA A 55 28.09 -7.35 -8.70
N LEU A 56 27.50 -6.36 -8.06
CA LEU A 56 26.17 -5.83 -8.40
C LEU A 56 26.23 -4.32 -8.63
N LEU A 57 25.66 -3.87 -9.71
CA LEU A 57 25.38 -2.44 -9.93
C LEU A 57 23.95 -2.14 -9.56
N ILE A 58 23.75 -1.10 -8.78
CA ILE A 58 22.39 -0.53 -8.57
C ILE A 58 22.42 0.87 -9.08
N ASN A 59 21.57 1.15 -10.06
CA ASN A 59 21.48 2.50 -10.69
C ASN A 59 20.00 2.90 -10.66
N ILE A 60 19.69 4.05 -10.10
CA ILE A 60 18.30 4.47 -9.86
C ILE A 60 17.77 5.46 -10.89
N GLY A 61 18.31 5.46 -12.08
CA GLY A 61 17.88 6.42 -13.10
C GLY A 61 16.44 6.47 -13.38
N THR A 62 15.79 5.32 -13.35
CA THR A 62 14.37 5.27 -13.65
C THR A 62 13.61 4.68 -12.45
N LEU A 63 13.97 5.14 -11.26
CA LEU A 63 13.34 4.71 -10.04
C LEU A 63 11.85 4.99 -10.02
N THR A 64 11.08 3.92 -9.69
CA THR A 64 9.65 4.05 -9.48
C THR A 64 9.25 3.16 -8.31
N ALA A 65 7.98 3.23 -7.92
CA ALA A 65 7.48 2.44 -6.80
C ALA A 65 7.71 0.96 -7.01
N GLN A 66 7.57 0.51 -8.25
CA GLN A 66 7.90 -0.91 -8.62
C GLN A 66 9.26 -1.37 -8.13
N ASN A 67 10.25 -0.46 -8.12
CA ASN A 67 11.62 -0.82 -7.88
C ASN A 67 12.01 -0.65 -6.42
N GLU A 68 11.41 0.30 -5.70
CA GLU A 68 11.96 0.71 -4.39
C GLU A 68 12.23 -0.41 -3.45
N GLN A 69 11.21 -1.21 -3.13
CA GLN A 69 11.42 -2.23 -2.14
C GLN A 69 12.31 -3.36 -2.65
N ASP A 70 12.19 -3.67 -3.93
CA ASP A 70 13.03 -4.72 -4.55
C ASP A 70 14.50 -4.32 -4.47
N ILE A 71 14.81 -3.03 -4.68
CA ILE A 71 16.20 -2.62 -4.61
C ILE A 71 16.73 -2.74 -3.18
N ILE A 72 15.93 -2.33 -2.19
CA ILE A 72 16.33 -2.48 -0.81
C ILE A 72 16.55 -3.98 -0.51
N ALA A 73 15.66 -4.82 -0.94
CA ALA A 73 15.79 -6.27 -0.64
C ALA A 73 17.03 -6.84 -1.28
N ILE A 74 17.29 -6.54 -2.56
CA ILE A 74 18.45 -7.14 -3.23
C ILE A 74 19.75 -6.58 -2.66
N ALA A 75 19.78 -5.34 -2.21
CA ALA A 75 20.97 -4.79 -1.59
C ALA A 75 21.32 -5.53 -0.30
N GLN A 76 20.29 -5.89 0.44
CA GLN A 76 20.47 -6.70 1.65
C GLN A 76 20.94 -8.09 1.27
N THR A 77 20.38 -8.69 0.23
CA THR A 77 20.84 -10.00 -0.23
C THR A 77 22.30 -9.94 -0.68
N ALA A 78 22.70 -8.87 -1.34
CA ALA A 78 24.09 -8.71 -1.72
C ALA A 78 25.00 -8.62 -0.49
N ASN A 79 24.62 -7.79 0.47
CA ASN A 79 25.41 -7.65 1.71
C ASN A 79 25.57 -8.99 2.40
N GLU A 80 24.48 -9.77 2.47
CA GLU A 80 24.56 -11.10 3.11
C GLU A 80 25.47 -12.07 2.34
N ALA A 81 25.50 -11.94 1.02
CA ALA A 81 26.29 -12.79 0.13
C ALA A 81 27.74 -12.36 0.02
N GLY A 82 28.09 -11.20 0.59
CA GLY A 82 29.40 -10.62 0.40
C GLY A 82 29.67 -10.10 -1.02
N LEU A 83 28.61 -9.72 -1.71
CA LEU A 83 28.70 -9.31 -3.10
C LEU A 83 28.85 -7.77 -3.14
N PRO A 84 29.94 -7.26 -3.69
CA PRO A 84 30.08 -5.80 -3.67
C PRO A 84 29.08 -5.04 -4.53
N ILE A 85 28.61 -3.89 -4.01
CA ILE A 85 27.62 -3.07 -4.66
C ILE A 85 28.29 -1.80 -5.17
N VAL A 86 28.02 -1.49 -6.43
CA VAL A 86 28.34 -0.19 -6.99
C VAL A 86 27.01 0.55 -7.07
N PHE A 87 26.92 1.70 -6.44
CA PHE A 87 25.66 2.46 -6.39
C PHE A 87 25.80 3.74 -7.17
N ASP A 88 24.87 3.96 -8.08
CA ASP A 88 24.82 5.18 -8.91
C ASP A 88 23.54 5.92 -8.63
N PRO A 89 23.61 6.97 -7.82
CA PRO A 89 22.43 7.73 -7.40
C PRO A 89 22.03 8.78 -8.43
N VAL A 90 21.64 8.31 -9.61
CA VAL A 90 21.33 9.11 -10.76
C VAL A 90 20.31 10.20 -10.44
N ALA A 91 20.71 11.45 -10.69
CA ALA A 91 19.82 12.61 -10.50
C ALA A 91 19.23 12.77 -9.11
N VAL A 92 19.95 12.36 -8.08
CA VAL A 92 19.43 12.40 -6.75
C VAL A 92 19.11 13.81 -6.33
N GLY A 93 19.86 14.77 -6.83
CA GLY A 93 19.58 16.18 -6.53
C GLY A 93 18.32 16.73 -7.15
N ALA A 94 17.69 15.99 -8.09
CA ALA A 94 16.55 16.52 -8.80
C ALA A 94 15.21 16.33 -8.10
N SER A 95 15.08 15.40 -7.15
CA SER A 95 13.86 15.25 -6.45
C SER A 95 14.03 14.80 -5.03
N THR A 96 13.09 15.22 -4.19
CA THR A 96 13.04 14.71 -2.85
C THR A 96 12.77 13.20 -2.84
N TYR A 97 12.01 12.73 -3.83
CA TYR A 97 11.72 11.29 -3.95
C TYR A 97 13.02 10.48 -4.05
N ARG A 98 13.92 10.92 -4.91
CA ARG A 98 15.20 10.21 -5.07
C ARG A 98 16.13 10.41 -3.87
N LYS A 99 16.15 11.63 -3.31
CA LYS A 99 16.94 11.88 -2.12
C LYS A 99 16.52 11.01 -1.00
N GLN A 100 15.24 10.94 -0.75
CA GLN A 100 14.77 10.13 0.38
C GLN A 100 15.13 8.67 0.13
N PHE A 101 15.04 8.23 -1.14
CA PHE A 101 15.28 6.81 -1.39
C PHE A 101 16.76 6.49 -1.18
N CYS A 102 17.64 7.35 -1.66
CA CYS A 102 19.06 7.08 -1.55
C CYS A 102 19.49 7.07 -0.07
N LYS A 103 18.91 7.97 0.73
CA LYS A 103 19.15 7.99 2.19
C LYS A 103 18.71 6.71 2.86
N LEU A 104 17.56 6.22 2.48
CA LEU A 104 17.07 4.91 2.94
C LEU A 104 17.99 3.75 2.50
N LEU A 105 18.42 3.72 1.24
CA LEU A 105 19.23 2.62 0.75
C LEU A 105 20.51 2.60 1.55
N LEU A 106 21.12 3.77 1.71
CA LEU A 106 22.45 3.84 2.31
C LEU A 106 22.39 3.63 3.82
N LYS A 107 21.21 3.75 4.41
CA LYS A 107 21.07 3.36 5.82
C LYS A 107 20.94 1.84 5.90
N SER A 108 20.39 1.23 4.87
CA SER A 108 19.90 -0.16 4.91
C SER A 108 20.99 -1.14 4.50
N ALA A 109 21.98 -0.65 3.75
CA ALA A 109 22.95 -1.52 3.15
C ALA A 109 24.26 -0.79 3.00
N LYS A 110 25.34 -1.53 3.08
CA LYS A 110 26.69 -1.02 2.86
C LYS A 110 27.01 -1.23 1.39
N VAL A 111 27.38 -0.20 0.70
CA VAL A 111 27.81 -0.36 -0.67
C VAL A 111 29.33 -0.21 -0.75
N SER A 112 29.92 -0.62 -1.87
CA SER A 112 31.37 -0.70 -2.03
C SER A 112 31.92 0.46 -2.81
N VAL A 113 31.12 1.02 -3.72
CA VAL A 113 31.49 2.22 -4.45
C VAL A 113 30.26 3.06 -4.68
N ILE A 114 30.38 4.36 -4.46
CA ILE A 114 29.34 5.30 -4.82
C ILE A 114 29.88 6.14 -5.91
N LYS A 115 29.19 6.17 -7.05
CA LYS A 115 29.66 6.85 -8.24
C LYS A 115 28.61 7.87 -8.65
N GLY A 116 29.01 9.09 -8.89
CA GLY A 116 28.07 10.09 -9.41
C GLY A 116 28.81 11.32 -9.87
N ASN A 117 28.06 12.22 -10.46
CA ASN A 117 28.66 13.52 -10.76
C ASN A 117 28.69 14.36 -9.48
N ALA A 118 29.32 15.51 -9.55
CA ALA A 118 29.52 16.35 -8.37
C ALA A 118 28.18 16.78 -7.75
N SER A 119 27.21 17.14 -8.57
CA SER A 119 25.95 17.58 -8.05
C SER A 119 25.22 16.43 -7.35
N GLU A 120 25.36 15.22 -7.88
CA GLU A 120 24.75 14.04 -7.25
C GLU A 120 25.36 13.75 -5.89
N ILE A 121 26.67 13.71 -5.83
CA ILE A 121 27.32 13.41 -4.55
C ILE A 121 27.10 14.53 -3.52
N LEU A 122 27.12 15.76 -3.99
CA LEU A 122 26.83 16.88 -3.11
C LEU A 122 25.40 16.77 -2.52
N ALA A 123 24.44 16.38 -3.35
CA ALA A 123 23.09 16.19 -2.86
C ALA A 123 22.99 15.08 -1.84
N LEU A 124 23.78 14.03 -2.00
CA LEU A 124 23.76 12.95 -1.02
C LEU A 124 24.22 13.40 0.34
N ILE A 125 25.23 14.24 0.35
CA ILE A 125 25.80 14.66 1.65
C ILE A 125 25.15 15.99 2.18
N ASP A 126 24.16 16.51 1.49
CA ASP A 126 23.61 17.87 1.76
C ASP A 126 23.11 18.16 3.20
N ASP A 127 22.46 17.18 3.82
CA ASP A 127 21.99 17.30 5.19
C ASP A 127 22.99 16.65 6.18
N THR A 128 24.18 17.25 6.35
CA THR A 128 25.20 16.73 7.22
C THR A 128 26.10 17.78 7.88
N ALA A 129 26.74 17.31 8.95
CA ALA A 129 27.56 18.13 9.85
C ALA A 129 28.25 19.30 9.14
N THR A 130 28.83 19.00 7.98
CA THR A 130 29.13 19.98 6.90
C THR A 130 30.37 20.76 7.21
N LEU A 140 32.71 22.66 -2.40
CA LEU A 140 32.58 23.14 -3.77
C LEU A 140 33.43 22.30 -4.77
N ASP A 141 34.74 22.10 -4.59
CA ASP A 141 35.45 21.35 -5.62
C ASP A 141 35.20 19.83 -5.43
N ALA A 142 35.40 19.07 -6.51
CA ALA A 142 35.00 17.64 -6.47
C ALA A 142 35.82 16.87 -5.46
N VAL A 143 37.10 17.22 -5.30
CA VAL A 143 37.93 16.51 -4.36
C VAL A 143 37.36 16.69 -2.94
N THR A 144 36.97 17.91 -2.61
CA THR A 144 36.42 18.16 -1.27
C THR A 144 35.14 17.46 -1.05
N ILE A 145 34.30 17.44 -2.07
CA ILE A 145 32.98 16.75 -1.97
C ILE A 145 33.22 15.25 -1.78
N ALA A 146 34.18 14.73 -2.52
CA ALA A 146 34.44 13.28 -2.47
C ALA A 146 35.00 12.86 -1.09
N LYS A 147 35.88 13.68 -0.52
CA LYS A 147 36.41 13.40 0.82
C LYS A 147 35.33 13.50 1.89
N LYS A 148 34.46 14.47 1.80
CA LYS A 148 33.34 14.56 2.70
C LYS A 148 32.45 13.37 2.59
N ALA A 149 32.12 12.97 1.35
CA ALA A 149 31.33 11.74 1.20
C ALA A 149 32.01 10.51 1.74
N TYR A 150 33.31 10.39 1.56
CA TYR A 150 34.04 9.27 2.08
C TYR A 150 33.97 9.24 3.64
N ALA A 151 34.03 10.41 4.25
CA ALA A 151 33.96 10.51 5.73
C ALA A 151 32.62 10.05 6.25
N ILE A 152 31.56 10.37 5.49
CA ILE A 152 30.21 9.98 5.88
C ILE A 152 29.91 8.51 5.64
N TYR A 153 30.26 7.99 4.47
CA TYR A 153 29.84 6.63 4.12
C TYR A 153 30.91 5.56 4.26
N LYS A 154 32.16 5.97 4.42
CA LYS A 154 33.29 5.07 4.57
C LYS A 154 33.31 4.03 3.46
N THR A 155 33.21 4.53 2.24
CA THR A 155 33.01 3.72 1.05
C THR A 155 33.72 4.48 -0.06
N ALA A 156 34.34 3.78 -0.99
CA ALA A 156 34.98 4.43 -2.14
C ALA A 156 34.00 5.38 -2.81
N ILE A 157 34.49 6.55 -3.21
CA ILE A 157 33.71 7.53 -3.91
C ILE A 157 34.35 7.83 -5.27
N VAL A 158 33.55 7.80 -6.31
CA VAL A 158 33.97 8.19 -7.65
C VAL A 158 33.12 9.33 -8.10
N ILE A 159 33.75 10.47 -8.36
CA ILE A 159 33.02 11.59 -8.87
C ILE A 159 33.47 11.88 -10.29
N THR A 160 32.56 11.71 -11.23
CA THR A 160 32.84 11.97 -12.62
C THR A 160 32.63 13.44 -12.96
N GLY A 161 33.38 13.90 -13.94
CA GLY A 161 33.27 15.30 -14.38
C GLY A 161 34.32 15.54 -15.44
N LYS A 162 34.65 16.80 -15.69
CA LYS A 162 35.68 17.10 -16.68
C LYS A 162 36.93 16.32 -16.30
N GLU A 163 37.34 16.46 -15.05
CA GLU A 163 38.30 15.55 -14.40
C GLU A 163 37.56 14.64 -13.43
N ASP A 164 37.95 13.37 -13.35
CA ASP A 164 37.28 12.46 -12.45
C ASP A 164 38.08 12.35 -11.18
N VAL A 165 37.40 12.17 -10.06
CA VAL A 165 38.03 12.02 -8.78
C VAL A 165 37.69 10.68 -8.18
N ILE A 166 38.69 10.00 -7.59
CA ILE A 166 38.43 8.81 -6.82
C ILE A 166 39.03 9.01 -5.43
N VAL A 167 38.26 8.61 -4.42
CA VAL A 167 38.76 8.56 -3.06
C VAL A 167 38.49 7.19 -2.51
N GLN A 168 39.53 6.54 -2.03
CA GLN A 168 39.40 5.24 -1.39
C GLN A 168 40.53 5.11 -0.40
N GLY A 169 40.20 4.59 0.75
CA GLY A 169 41.19 4.39 1.81
C GLY A 169 41.88 5.72 2.09
N ASP A 170 43.20 5.67 2.06
CA ASP A 170 43.98 6.85 2.39
C ASP A 170 44.37 7.67 1.15
N LYS A 171 43.79 7.38 -0.02
CA LYS A 171 44.21 8.07 -1.24
C LYS A 171 43.11 8.77 -1.97
N ALA A 172 43.45 9.89 -2.56
CA ALA A 172 42.58 10.63 -3.46
C ALA A 172 43.35 10.85 -4.74
N ILE A 173 42.75 10.57 -5.88
CA ILE A 173 43.38 10.75 -7.18
C ILE A 173 42.46 11.50 -8.15
N VAL A 174 43.07 12.25 -9.07
CA VAL A 174 42.38 12.98 -10.11
C VAL A 174 42.81 12.48 -11.46
N LEU A 175 41.85 12.13 -12.31
CA LEU A 175 42.12 11.59 -13.63
C LEU A 175 41.61 12.54 -14.70
N ALA A 176 42.31 12.62 -15.83
CA ALA A 176 41.94 13.58 -16.83
C ALA A 176 41.87 13.01 -18.22
N ASN A 177 41.14 11.92 -18.41
CA ASN A 177 40.96 11.37 -19.77
C ASN A 177 39.50 11.49 -20.20
N GLY A 178 39.26 11.34 -21.49
CA GLY A 178 37.88 11.24 -22.02
C GLY A 178 37.63 12.04 -23.27
N SER A 179 36.36 12.21 -23.61
CA SER A 179 35.90 12.96 -24.76
C SER A 179 34.61 13.70 -24.44
N PRO A 180 34.42 14.90 -24.99
CA PRO A 180 33.16 15.58 -24.90
C PRO A 180 32.01 14.86 -25.54
N LEU A 181 32.28 13.95 -26.49
CA LEU A 181 31.19 13.16 -27.07
C LEU A 181 30.54 12.25 -26.07
N LEU A 182 31.22 11.86 -25.01
CA LEU A 182 30.52 11.07 -23.96
C LEU A 182 29.27 11.64 -23.36
N ALA A 183 29.25 12.94 -23.18
CA ALA A 183 28.06 13.63 -22.66
C ALA A 183 26.89 13.64 -23.63
N ARG A 184 27.10 13.22 -24.86
CA ARG A 184 26.08 13.25 -25.83
C ARG A 184 25.61 11.85 -26.09
N VAL A 185 26.05 10.90 -25.27
CA VAL A 185 25.57 9.51 -25.39
C VAL A 185 24.86 9.20 -24.11
N THR A 186 23.56 8.86 -24.17
CA THR A 186 22.85 8.66 -22.95
C THR A 186 23.42 7.45 -22.23
N GLY A 187 23.54 7.54 -20.95
CA GLY A 187 24.01 6.34 -20.28
C GLY A 187 25.52 6.01 -20.42
N ALA A 188 26.30 6.99 -20.93
CA ALA A 188 27.76 6.79 -20.83
C ALA A 188 28.15 6.64 -19.37
N GLY A 189 27.69 7.53 -18.51
CA GLY A 189 28.02 7.47 -17.11
C GLY A 189 27.41 6.26 -16.46
N CYS A 190 26.22 5.87 -16.94
CA CYS A 190 25.60 4.66 -16.43
C CYS A 190 26.40 3.36 -16.76
N LEU A 191 26.89 3.28 -18.00
CA LEU A 191 27.77 2.27 -18.42
C LEU A 191 29.07 2.28 -17.57
N LEU A 192 29.63 3.46 -17.31
CA LEU A 192 30.80 3.52 -16.39
C LEU A 192 30.56 2.85 -15.04
N GLY A 193 29.38 3.03 -14.46
CA GLY A 193 29.08 2.33 -13.21
C GLY A 193 29.18 0.80 -13.41
N GLY A 194 28.65 0.32 -14.52
CA GLY A 194 28.75 -1.09 -14.86
C GLY A 194 30.18 -1.57 -15.05
N ILE A 195 30.98 -0.74 -15.73
CA ILE A 195 32.38 -1.09 -15.95
C ILE A 195 33.08 -1.17 -14.61
N ILE A 196 32.87 -0.19 -13.74
CA ILE A 196 33.42 -0.30 -12.39
C ILE A 196 33.04 -1.61 -11.68
N ALA A 197 31.76 -1.97 -11.75
CA ALA A 197 31.34 -3.24 -11.16
C ALA A 197 32.15 -4.40 -11.77
N GLY A 198 32.40 -4.36 -13.05
CA GLY A 198 33.18 -5.37 -13.72
C GLY A 198 34.60 -5.53 -13.24
N PHE A 199 35.13 -4.51 -12.59
CA PHE A 199 36.51 -4.50 -12.13
C PHE A 199 36.63 -4.95 -10.65
N LEU A 200 35.53 -5.25 -9.98
CA LEU A 200 35.60 -5.51 -8.56
C LEU A 200 36.02 -6.92 -8.12
N PHE A 201 35.68 -7.95 -8.88
CA PHE A 201 36.12 -9.32 -8.56
C PHE A 201 35.79 -9.71 -7.11
N ARG A 202 34.56 -9.38 -6.69
CA ARG A 202 34.02 -9.76 -5.41
C ARG A 202 34.75 -9.19 -4.21
N GLU A 203 35.47 -8.09 -4.41
CA GLU A 203 36.12 -7.39 -3.31
C GLU A 203 35.19 -6.30 -2.77
N THR A 204 34.76 -6.45 -1.53
CA THR A 204 33.87 -5.46 -0.98
C THR A 204 34.54 -4.14 -0.57
N GLU A 205 35.87 -4.17 -0.50
CA GLU A 205 36.69 -2.97 -0.26
C GLU A 205 37.74 -2.90 -1.37
N PRO A 206 37.31 -2.44 -2.55
CA PRO A 206 38.20 -2.61 -3.68
C PRO A 206 39.43 -1.76 -3.55
N ASP A 207 40.51 -2.26 -4.13
CA ASP A 207 41.72 -1.50 -4.24
C ASP A 207 41.50 -0.27 -5.09
N ILE A 208 42.03 0.87 -4.67
CA ILE A 208 41.91 2.06 -5.53
C ILE A 208 42.46 1.79 -6.96
N GLU A 209 43.42 0.89 -7.11
CA GLU A 209 44.03 0.65 -8.43
C GLU A 209 43.01 0.05 -9.39
N ALA A 210 42.09 -0.76 -8.84
CA ALA A 210 41.01 -1.30 -9.66
C ALA A 210 40.09 -0.22 -10.16
N LEU A 211 39.76 0.72 -9.28
CA LEU A 211 38.87 1.81 -9.62
C LEU A 211 39.53 2.73 -10.63
N ILE A 212 40.81 3.03 -10.41
CA ILE A 212 41.56 3.88 -11.36
C ILE A 212 41.59 3.22 -12.74
N GLU A 213 41.84 1.93 -12.78
CA GLU A 213 41.89 1.23 -14.04
C GLU A 213 40.49 1.24 -14.72
N ALA A 214 39.45 1.00 -13.96
CA ALA A 214 38.10 0.97 -14.55
C ALA A 214 37.82 2.31 -15.26
N VAL A 215 37.98 3.43 -14.50
CA VAL A 215 37.66 4.74 -15.04
C VAL A 215 38.56 5.10 -16.20
N SER A 216 39.83 4.73 -16.08
CA SER A 216 40.76 5.02 -17.13
C SER A 216 40.60 4.21 -18.40
N VAL A 217 40.28 2.92 -18.28
CA VAL A 217 39.92 2.17 -19.43
C VAL A 217 38.77 2.83 -20.21
N PHE A 218 37.72 3.19 -19.47
CA PHE A 218 36.54 3.79 -20.11
C PHE A 218 36.86 5.11 -20.79
N ASN A 219 37.54 5.98 -20.06
CA ASN A 219 37.78 7.30 -20.63
C ASN A 219 38.87 7.31 -21.71
N ILE A 220 39.85 6.42 -21.62
CA ILE A 220 40.84 6.31 -22.67
C ILE A 220 40.22 5.75 -23.93
N ALA A 221 39.35 4.73 -23.75
CA ALA A 221 38.62 4.23 -24.91
C ALA A 221 37.82 5.32 -25.60
N ALA A 222 37.19 6.15 -24.79
CA ALA A 222 36.37 7.25 -25.31
C ALA A 222 37.22 8.23 -26.08
N GLU A 223 38.38 8.54 -25.54
CA GLU A 223 39.33 9.45 -26.22
C GLU A 223 39.74 8.87 -27.58
N VAL A 224 40.14 7.62 -27.59
CA VAL A 224 40.59 6.99 -28.77
C VAL A 224 39.47 6.83 -29.81
N ALA A 225 38.28 6.46 -29.38
CA ALA A 225 37.18 6.31 -30.31
C ALA A 225 36.83 7.62 -30.99
N ALA A 226 36.90 8.71 -30.26
CA ALA A 226 36.54 10.04 -30.80
C ALA A 226 37.60 10.48 -31.81
N GLU A 227 38.82 9.96 -31.72
CA GLU A 227 39.89 10.22 -32.73
C GLU A 227 39.81 9.38 -33.97
N ASN A 228 38.93 8.40 -33.99
CA ASN A 228 38.82 7.54 -35.13
C ASN A 228 38.29 8.34 -36.34
N GLU A 229 38.84 8.08 -37.52
CA GLU A 229 38.45 8.82 -38.73
C GLU A 229 36.95 8.62 -39.06
N ASN A 230 36.37 7.50 -38.64
CA ASN A 230 34.96 7.19 -38.87
C ASN A 230 34.05 7.69 -37.79
N CYS A 231 34.56 8.44 -36.82
CA CYS A 231 33.70 9.02 -35.82
C CYS A 231 33.17 10.33 -36.29
N GLY A 232 31.91 10.40 -36.64
CA GLY A 232 31.30 11.60 -37.22
C GLY A 232 30.37 12.33 -36.29
N GLY A 233 30.26 11.90 -35.04
CA GLY A 233 29.33 12.48 -34.09
C GLY A 233 28.90 11.50 -33.04
N PRO A 234 27.95 11.85 -32.23
CA PRO A 234 27.59 11.03 -31.08
C PRO A 234 27.00 9.73 -31.50
N GLY A 235 26.39 9.69 -32.65
CA GLY A 235 25.81 8.40 -33.13
C GLY A 235 26.85 7.39 -33.51
N THR A 236 27.79 7.73 -34.35
CA THR A 236 28.80 6.80 -34.72
C THR A 236 29.81 6.57 -33.62
N PHE A 237 29.94 7.51 -32.72
CA PHE A 237 30.82 7.33 -31.60
C PHE A 237 30.52 6.13 -30.72
N SER A 238 29.23 5.89 -30.49
CA SER A 238 28.89 4.84 -29.56
C SER A 238 29.36 3.43 -30.04
N PRO A 239 29.06 3.01 -31.26
CA PRO A 239 29.69 1.76 -31.79
C PRO A 239 31.20 1.73 -31.69
N LEU A 240 31.84 2.88 -31.99
CA LEU A 240 33.25 2.90 -31.96
C LEU A 240 33.80 2.83 -30.51
N LEU A 241 33.12 3.39 -29.56
CA LEU A 241 33.51 3.26 -28.20
C LEU A 241 33.55 1.76 -27.82
N LEU A 242 32.49 1.07 -28.17
CA LEU A 242 32.43 -0.37 -27.83
C LEU A 242 33.57 -1.13 -28.53
N ASP A 243 33.87 -0.80 -29.77
CA ASP A 243 34.99 -1.44 -30.48
C ASP A 243 36.31 -1.12 -29.76
N THR A 244 36.47 0.15 -29.30
CA THR A 244 37.73 0.53 -28.71
C THR A 244 37.92 -0.09 -27.33
N LEU A 245 36.85 -0.29 -26.57
CA LEU A 245 36.93 -1.05 -25.32
C LEU A 245 37.34 -2.51 -25.63
N TYR A 246 36.81 -3.04 -26.70
CA TYR A 246 37.05 -4.48 -27.01
C TYR A 246 38.50 -4.70 -27.32
N HIS A 247 39.12 -3.75 -28.02
CA HIS A 247 40.51 -3.84 -28.54
C HIS A 247 41.54 -3.12 -27.66
N LEU A 248 41.15 -2.49 -26.58
CA LEU A 248 42.14 -1.65 -25.84
C LEU A 248 43.31 -2.53 -25.38
N ASN A 249 44.53 -2.00 -25.58
CA ASN A 249 45.72 -2.73 -25.20
C ASN A 249 46.53 -1.95 -24.21
N GLU A 250 47.52 -2.66 -23.66
CA GLU A 250 48.32 -2.06 -22.57
C GLU A 250 49.12 -0.92 -23.08
N THR A 251 49.61 -1.00 -24.30
CA THR A 251 50.40 0.08 -24.86
C THR A 251 49.62 1.38 -24.91
N THR A 252 48.43 1.33 -25.44
CA THR A 252 47.61 2.51 -25.54
C THR A 252 47.25 3.02 -24.19
N TYR A 253 46.87 2.15 -23.27
CA TYR A 253 46.55 2.51 -21.94
C TYR A 253 47.66 3.31 -21.27
N GLN A 254 48.87 2.77 -21.34
CA GLN A 254 50.00 3.40 -20.64
C GLN A 254 50.36 4.67 -21.30
N GLN A 255 50.24 4.74 -22.60
CA GLN A 255 50.60 5.99 -23.29
C GLN A 255 49.61 7.13 -23.07
N ARG A 256 48.34 6.80 -22.84
CA ARG A 256 47.31 7.81 -22.76
C ARG A 256 46.84 8.20 -21.39
N ILE A 257 47.08 7.35 -20.40
CA ILE A 257 46.53 7.66 -19.10
C ILE A 257 47.06 9.01 -18.58
N ARG A 258 46.19 9.78 -17.99
CA ARG A 258 46.54 11.10 -17.44
C ARG A 258 46.07 11.13 -16.01
N ILE A 259 46.99 10.86 -15.11
CA ILE A 259 46.72 11.03 -13.67
C ILE A 259 47.17 12.38 -13.17
N GLN A 260 46.26 13.30 -12.81
CA GLN A 260 46.69 14.74 -12.56
C GLN A 260 47.22 15.08 -11.20
N GLU A 261 46.65 14.47 -10.19
CA GLU A 261 47.04 14.74 -8.80
C GLU A 261 46.80 13.45 -8.04
N VAL A 262 47.68 13.20 -7.07
CA VAL A 262 47.48 12.19 -6.05
C VAL A 262 47.73 12.78 -4.64
N GLU A 263 46.75 12.64 -3.75
CA GLU A 263 46.85 13.12 -2.38
C GLU A 263 46.85 11.89 -1.51
N GLU A 264 47.61 11.98 -0.42
CA GLU A 264 47.89 10.95 0.56
C GLU A 264 48.00 9.56 0.07
N MET B 1 16.04 27.59 -39.33
CA MET B 1 16.62 26.93 -38.11
C MET B 1 16.71 27.75 -36.80
N ASN B 2 15.71 28.57 -36.59
CA ASN B 2 15.62 29.34 -35.43
C ASN B 2 15.55 28.59 -34.06
N TYR B 3 14.55 27.73 -33.94
CA TYR B 3 14.37 27.07 -32.67
C TYR B 3 15.43 26.04 -32.33
N LEU B 4 16.04 25.40 -33.33
CA LEU B 4 17.07 24.44 -33.08
C LEU B 4 18.29 25.11 -32.49
N ASN B 5 18.58 26.33 -32.92
CA ASN B 5 19.68 27.03 -32.24
C ASN B 5 19.44 27.20 -30.78
N ASN B 6 18.22 27.54 -30.41
CA ASN B 6 17.88 27.71 -29.02
C ASN B 6 17.92 26.42 -28.21
N ILE B 7 17.56 25.29 -28.84
CA ILE B 7 17.68 24.04 -28.15
C ILE B 7 19.16 23.80 -27.79
N ARG B 8 20.03 24.02 -28.77
CA ARG B 8 21.44 23.71 -28.60
C ARG B 8 22.06 24.58 -27.46
N ILE B 9 21.55 25.77 -27.33
CA ILE B 9 22.08 26.72 -26.31
C ILE B 9 21.46 26.56 -24.96
N GLU B 10 20.16 26.30 -24.94
CA GLU B 10 19.40 26.25 -23.65
C GLU B 10 19.30 24.89 -23.03
N ASN B 11 19.45 23.84 -23.86
CA ASN B 11 19.39 22.44 -23.40
C ASN B 11 18.12 22.15 -22.61
N PRO B 12 16.97 22.28 -23.25
CA PRO B 12 15.69 22.16 -22.54
C PRO B 12 15.47 20.79 -21.96
N LEU B 13 15.09 20.79 -20.70
CA LEU B 13 14.74 19.55 -20.03
C LEU B 13 13.40 19.03 -20.59
N THR B 14 13.44 17.80 -21.10
CA THR B 14 12.37 17.27 -21.87
C THR B 14 12.04 15.93 -21.23
N ILE B 15 10.91 15.86 -20.55
CA ILE B 15 10.53 14.66 -19.84
C ILE B 15 9.84 13.68 -20.79
N CYS B 16 10.27 12.42 -20.75
CA CYS B 16 9.67 11.43 -21.69
C CYS B 16 9.13 10.26 -20.92
N TYR B 17 7.83 10.06 -21.04
CA TYR B 17 7.14 8.85 -20.52
C TYR B 17 6.83 8.07 -21.79
N THR B 18 7.73 7.18 -22.17
CA THR B 18 7.65 6.57 -23.50
C THR B 18 7.80 5.10 -23.39
N ASN B 19 7.72 4.46 -24.54
CA ASN B 19 7.66 3.02 -24.52
C ASN B 19 9.00 2.33 -24.35
N ASP B 20 8.94 1.09 -23.89
CA ASP B 20 10.12 0.39 -23.48
C ASP B 20 11.03 0.01 -24.68
N VAL B 21 10.58 0.08 -25.93
CA VAL B 21 11.42 -0.28 -27.05
C VAL B 21 12.29 0.89 -27.50
N VAL B 22 11.91 2.11 -27.12
CA VAL B 22 12.52 3.31 -27.77
C VAL B 22 13.16 4.30 -26.78
N LYS B 23 13.29 3.96 -25.53
CA LYS B 23 13.76 4.91 -24.52
C LYS B 23 15.20 5.34 -24.87
N ASN B 24 16.07 4.40 -25.08
CA ASN B 24 17.45 4.79 -25.41
C ASN B 24 17.55 5.63 -26.66
N PHE B 25 16.86 5.23 -27.74
CA PHE B 25 17.02 5.93 -28.99
C PHE B 25 16.41 7.35 -28.85
N THR B 26 15.32 7.45 -28.12
CA THR B 26 14.65 8.77 -27.94
C THR B 26 15.61 9.65 -27.14
N ALA B 27 16.20 9.13 -26.09
CA ALA B 27 17.12 9.94 -25.27
C ALA B 27 18.33 10.35 -26.12
N ASN B 28 18.88 9.43 -26.88
CA ASN B 28 20.01 9.79 -27.74
C ASN B 28 19.66 10.83 -28.80
N GLY B 29 18.50 10.71 -29.44
CA GLY B 29 18.12 11.69 -30.39
C GLY B 29 17.93 13.06 -29.76
N LEU B 30 17.32 13.10 -28.57
CA LEU B 30 17.20 14.39 -27.84
C LEU B 30 18.58 14.94 -27.50
N LEU B 31 19.49 14.08 -27.01
CA LEU B 31 20.86 14.58 -26.74
C LEU B 31 21.49 15.08 -28.03
N SER B 32 21.26 14.48 -29.18
CA SER B 32 21.93 14.90 -30.41
C SER B 32 21.51 16.33 -30.82
N ILE B 33 20.31 16.75 -30.55
CA ILE B 33 19.88 18.09 -30.92
C ILE B 33 20.14 19.06 -29.77
N GLY B 34 20.70 18.61 -28.67
CA GLY B 34 21.05 19.46 -27.55
C GLY B 34 20.06 19.60 -26.43
N ALA B 35 18.97 18.80 -26.51
CA ALA B 35 18.06 18.77 -25.46
C ALA B 35 18.54 17.92 -24.29
N SER B 36 17.86 17.96 -23.17
CA SER B 36 18.20 17.23 -22.03
C SER B 36 17.09 16.24 -21.62
N PRO B 37 17.19 15.02 -22.11
CA PRO B 37 16.06 14.11 -21.83
C PRO B 37 16.08 13.56 -20.42
N ALA B 38 14.86 13.28 -19.90
CA ALA B 38 14.73 12.60 -18.63
C ALA B 38 13.54 11.64 -18.77
N MET B 39 13.79 10.38 -18.62
CA MET B 39 12.75 9.34 -18.69
C MET B 39 12.25 9.13 -17.30
N SER B 40 11.46 10.05 -16.76
CA SER B 40 10.92 9.92 -15.40
C SER B 40 9.49 9.46 -15.48
N GLU B 41 9.19 8.29 -14.84
CA GLU B 41 7.86 7.71 -14.84
C GLU B 41 7.21 7.72 -13.46
N ALA B 42 7.88 8.20 -12.41
CA ALA B 42 7.33 8.14 -11.07
C ALA B 42 6.49 9.36 -10.80
N PRO B 43 5.20 9.17 -10.56
CA PRO B 43 4.38 10.31 -10.23
C PRO B 43 4.92 11.08 -9.02
N GLU B 44 5.67 10.42 -8.13
CA GLU B 44 6.16 11.03 -6.87
C GLU B 44 7.13 12.14 -7.14
N GLU B 45 7.78 12.15 -8.30
CA GLU B 45 8.70 13.20 -8.61
C GLU B 45 8.20 14.13 -9.72
N ALA B 46 6.95 13.95 -10.18
CA ALA B 46 6.50 14.75 -11.32
C ALA B 46 6.40 16.25 -10.96
N GLU B 47 5.89 16.55 -9.80
CA GLU B 47 5.65 17.98 -9.48
C GLU B 47 7.00 18.72 -9.50
N GLU B 48 8.03 18.14 -8.88
CA GLU B 48 9.34 18.76 -8.86
C GLU B 48 9.98 18.85 -10.23
N PHE B 49 9.99 17.75 -10.98
CA PHE B 49 10.56 17.74 -12.31
C PHE B 49 9.84 18.72 -13.24
N TYR B 50 8.52 18.81 -13.15
CA TYR B 50 7.73 19.48 -14.19
C TYR B 50 7.90 20.99 -14.05
N LYS B 51 8.11 21.44 -12.83
CA LYS B 51 8.28 22.87 -12.58
C LYS B 51 9.42 23.41 -13.43
N VAL B 52 10.46 22.61 -13.60
CA VAL B 52 11.68 23.06 -14.29
C VAL B 52 11.85 22.49 -15.72
N ALA B 53 10.94 21.64 -16.16
CA ALA B 53 10.96 21.07 -17.49
C ALA B 53 10.34 21.98 -18.52
N GLN B 54 10.58 21.69 -19.77
CA GLN B 54 10.04 22.49 -20.93
C GLN B 54 8.93 21.78 -21.71
N ALA B 55 8.82 20.44 -21.56
CA ALA B 55 7.77 19.65 -22.16
C ALA B 55 7.80 18.24 -21.62
N LEU B 56 6.66 17.56 -21.81
CA LEU B 56 6.47 16.13 -21.47
C LEU B 56 5.99 15.43 -22.72
N LEU B 57 6.60 14.30 -23.01
CA LEU B 57 6.12 13.38 -24.06
C LEU B 57 5.46 12.19 -23.39
N ILE B 58 4.22 11.86 -23.80
CA ILE B 58 3.54 10.60 -23.34
C ILE B 58 3.34 9.80 -24.62
N ASN B 59 3.98 8.62 -24.63
CA ASN B 59 3.88 7.71 -25.76
C ASN B 59 3.44 6.34 -25.20
N ILE B 60 2.36 5.78 -25.72
CA ILE B 60 1.76 4.61 -25.14
C ILE B 60 2.10 3.32 -25.91
N GLY B 61 3.21 3.27 -26.57
CA GLY B 61 3.57 2.08 -27.32
C GLY B 61 3.60 0.80 -26.58
N THR B 62 4.02 0.80 -25.31
CA THR B 62 4.01 -0.46 -24.52
C THR B 62 3.12 -0.30 -23.31
N LEU B 63 1.95 0.29 -23.54
CA LEU B 63 0.98 0.52 -22.47
C LEU B 63 0.59 -0.81 -21.81
N THR B 64 0.70 -0.83 -20.50
CA THR B 64 0.20 -1.95 -19.68
C THR B 64 -0.44 -1.38 -18.42
N ALA B 65 -1.07 -2.25 -17.65
CA ALA B 65 -1.73 -1.90 -16.40
C ALA B 65 -0.81 -1.12 -15.41
N GLN B 66 0.48 -1.45 -15.40
CA GLN B 66 1.49 -0.72 -14.61
C GLN B 66 1.47 0.77 -14.90
N ASN B 67 1.11 1.16 -16.13
CA ASN B 67 1.28 2.53 -16.61
C ASN B 67 -0.01 3.34 -16.53
N GLU B 68 -1.18 2.68 -16.57
CA GLU B 68 -2.39 3.44 -16.90
C GLU B 68 -2.68 4.56 -15.92
N GLN B 69 -2.76 4.26 -14.62
CA GLN B 69 -3.16 5.28 -13.65
C GLN B 69 -2.06 6.34 -13.53
N ASP B 70 -0.80 5.88 -13.64
CA ASP B 70 0.31 6.79 -13.54
C ASP B 70 0.33 7.79 -14.67
N ILE B 71 0.00 7.36 -15.87
CA ILE B 71 0.02 8.33 -17.01
C ILE B 71 -1.06 9.37 -16.83
N ILE B 72 -2.27 8.92 -16.43
CA ILE B 72 -3.31 9.89 -16.15
C ILE B 72 -2.88 10.88 -15.08
N ALA B 73 -2.32 10.40 -14.01
CA ALA B 73 -1.87 11.27 -12.92
C ALA B 73 -0.83 12.27 -13.40
N ILE B 74 0.20 11.83 -14.12
CA ILE B 74 1.20 12.78 -14.54
C ILE B 74 0.67 13.78 -15.56
N ALA B 75 -0.25 13.39 -16.42
CA ALA B 75 -0.84 14.28 -17.38
C ALA B 75 -1.57 15.45 -16.64
N GLN B 76 -2.24 15.09 -15.56
CA GLN B 76 -2.90 16.10 -14.73
C GLN B 76 -1.90 16.98 -14.03
N THR B 77 -0.80 16.38 -13.55
CA THR B 77 0.25 17.16 -12.94
C THR B 77 0.87 18.11 -13.97
N ALA B 78 1.05 17.66 -15.20
CA ALA B 78 1.62 18.54 -16.27
C ALA B 78 0.68 19.73 -16.54
N ASN B 79 -0.62 19.45 -16.63
CA ASN B 79 -1.59 20.51 -16.86
C ASN B 79 -1.49 21.56 -15.75
N GLU B 80 -1.46 21.09 -14.50
CA GLU B 80 -1.43 22.01 -13.36
C GLU B 80 -0.14 22.83 -13.35
N ALA B 81 0.94 22.25 -13.81
CA ALA B 81 2.23 22.91 -13.90
C ALA B 81 2.39 23.80 -15.10
N GLY B 82 1.48 23.74 -16.04
CA GLY B 82 1.62 24.46 -17.31
C GLY B 82 2.66 23.85 -18.26
N LEU B 83 2.95 22.59 -18.06
CA LEU B 83 3.93 21.89 -18.86
C LEU B 83 3.27 21.28 -20.14
N PRO B 84 3.66 21.66 -21.33
CA PRO B 84 3.01 21.14 -22.52
C PRO B 84 3.26 19.66 -22.72
N ILE B 85 2.19 18.98 -23.16
CA ILE B 85 2.25 17.58 -23.43
C ILE B 85 2.22 17.29 -24.91
N VAL B 86 3.13 16.41 -25.36
CA VAL B 86 3.05 15.82 -26.67
C VAL B 86 2.52 14.36 -26.47
N PHE B 87 1.45 13.99 -27.16
CA PHE B 87 0.85 12.67 -26.99
C PHE B 87 0.94 11.88 -28.28
N ASP B 88 1.52 10.69 -28.15
CA ASP B 88 1.67 9.76 -29.27
C ASP B 88 0.88 8.49 -29.01
N PRO B 89 -0.29 8.39 -29.64
CA PRO B 89 -1.24 7.28 -29.36
C PRO B 89 -0.85 6.03 -30.18
N VAL B 90 0.32 5.48 -29.93
CA VAL B 90 0.90 4.42 -30.74
C VAL B 90 -0.02 3.23 -30.89
N ALA B 91 -0.36 2.90 -32.15
CA ALA B 91 -1.14 1.68 -32.42
C ALA B 91 -2.53 1.72 -31.82
N VAL B 92 -3.10 2.89 -31.64
CA VAL B 92 -4.40 3.01 -30.97
C VAL B 92 -5.46 2.22 -31.73
N GLY B 93 -5.33 2.15 -33.04
CA GLY B 93 -6.28 1.42 -33.85
C GLY B 93 -6.24 -0.07 -33.66
N ALA B 94 -5.22 -0.59 -33.01
CA ALA B 94 -5.02 -2.04 -32.93
C ALA B 94 -5.77 -2.69 -31.82
N SER B 95 -6.23 -1.95 -30.80
CA SER B 95 -6.98 -2.58 -29.74
C SER B 95 -7.96 -1.70 -29.05
N THR B 96 -9.04 -2.30 -28.55
CA THR B 96 -9.99 -1.54 -27.76
C THR B 96 -9.36 -1.09 -26.43
N TYR B 97 -8.34 -1.87 -25.95
CA TYR B 97 -7.63 -1.47 -24.73
C TYR B 97 -7.02 -0.08 -24.95
N ARG B 98 -6.30 0.05 -26.07
CA ARG B 98 -5.65 1.33 -26.33
C ARG B 98 -6.62 2.43 -26.65
N LYS B 99 -7.69 2.09 -27.43
CA LYS B 99 -8.70 3.11 -27.72
C LYS B 99 -9.30 3.65 -26.47
N GLN B 100 -9.67 2.77 -25.53
CA GLN B 100 -10.29 3.24 -24.31
C GLN B 100 -9.38 4.10 -23.52
N PHE B 101 -8.09 3.73 -23.52
CA PHE B 101 -7.16 4.51 -22.71
C PHE B 101 -6.94 5.88 -23.29
N CYS B 102 -6.77 5.95 -24.60
CA CYS B 102 -6.53 7.24 -25.23
C CYS B 102 -7.73 8.16 -25.05
N LYS B 103 -8.92 7.63 -25.17
CA LYS B 103 -10.13 8.43 -24.93
C LYS B 103 -10.11 8.96 -23.52
N LEU B 104 -9.80 8.11 -22.55
CA LEU B 104 -9.69 8.53 -21.14
C LEU B 104 -8.65 9.64 -20.95
N LEU B 105 -7.49 9.50 -21.58
CA LEU B 105 -6.46 10.49 -21.39
C LEU B 105 -6.91 11.79 -21.94
N LEU B 106 -7.50 11.77 -23.11
CA LEU B 106 -7.86 13.04 -23.77
C LEU B 106 -9.16 13.62 -23.18
N LYS B 107 -9.85 12.89 -22.34
CA LYS B 107 -10.90 13.47 -21.47
C LYS B 107 -10.39 13.98 -20.12
N SER B 108 -9.19 13.63 -19.77
CA SER B 108 -8.62 13.92 -18.48
C SER B 108 -7.64 15.10 -18.49
N ALA B 109 -7.10 15.43 -19.68
CA ALA B 109 -6.06 16.39 -19.76
C ALA B 109 -6.08 17.06 -21.12
N LYS B 110 -5.63 18.31 -21.17
CA LYS B 110 -5.48 19.05 -22.38
C LYS B 110 -4.01 18.79 -22.83
N VAL B 111 -3.81 18.24 -24.01
CA VAL B 111 -2.45 18.07 -24.52
C VAL B 111 -2.15 19.16 -25.52
N SER B 112 -0.89 19.37 -25.83
CA SER B 112 -0.47 20.46 -26.68
C SER B 112 -0.18 20.06 -28.11
N VAL B 113 0.20 18.79 -28.32
CA VAL B 113 0.33 18.24 -29.65
C VAL B 113 -0.06 16.76 -29.63
N ILE B 114 -0.86 16.34 -30.62
CA ILE B 114 -1.14 14.94 -30.81
C ILE B 114 -0.50 14.53 -32.09
N LYS B 115 0.36 13.52 -32.03
CA LYS B 115 1.18 13.11 -33.15
C LYS B 115 0.97 11.60 -33.42
N GLY B 116 0.68 11.26 -34.64
CA GLY B 116 0.50 9.86 -35.03
C GLY B 116 0.50 9.67 -36.51
N ASN B 117 0.46 8.41 -36.97
CA ASN B 117 0.26 8.17 -38.38
C ASN B 117 -1.25 8.27 -38.69
N ALA B 118 -1.60 8.23 -39.97
CA ALA B 118 -2.98 8.47 -40.40
C ALA B 118 -3.94 7.49 -39.83
N SER B 119 -3.54 6.24 -39.75
CA SER B 119 -4.40 5.25 -39.16
C SER B 119 -4.63 5.44 -37.67
N GLU B 120 -3.61 5.90 -36.93
CA GLU B 120 -3.76 6.18 -35.51
C GLU B 120 -4.72 7.35 -35.28
N ILE B 121 -4.52 8.43 -36.00
CA ILE B 121 -5.35 9.62 -35.76
C ILE B 121 -6.78 9.36 -36.20
N LEU B 122 -6.93 8.64 -37.33
CA LEU B 122 -8.29 8.23 -37.78
C LEU B 122 -8.98 7.37 -36.74
N ALA B 123 -8.26 6.44 -36.13
CA ALA B 123 -8.88 5.62 -35.05
C ALA B 123 -9.29 6.41 -33.84
N LEU B 124 -8.51 7.41 -33.47
CA LEU B 124 -8.87 8.28 -32.36
C LEU B 124 -10.18 8.93 -32.63
N ILE B 125 -10.29 9.55 -33.80
CA ILE B 125 -11.43 10.41 -34.04
C ILE B 125 -12.66 9.57 -34.40
N ASP B 126 -12.46 8.42 -35.00
CA ASP B 126 -13.57 7.53 -35.27
C ASP B 126 -14.20 7.06 -33.94
N ASP B 127 -13.37 6.84 -32.95
CA ASP B 127 -13.85 6.31 -31.68
C ASP B 127 -14.58 7.34 -30.84
N THR B 128 -14.40 8.60 -31.19
CA THR B 128 -15.06 9.68 -30.53
C THR B 128 -16.61 9.72 -30.74
N ALA B 129 -17.08 9.00 -31.78
CA ALA B 129 -18.47 9.05 -32.23
C ALA B 129 -19.01 10.47 -32.44
N THR B 130 -18.13 11.39 -32.85
CA THR B 130 -18.58 12.79 -33.10
C THR B 130 -18.78 13.12 -34.56
N MET B 131 -18.11 12.36 -35.45
CA MET B 131 -17.96 12.78 -36.85
C MET B 131 -19.22 12.40 -37.64
N LYS B 132 -20.31 13.02 -37.26
CA LYS B 132 -21.56 12.83 -37.99
C LYS B 132 -21.36 13.32 -39.45
N GLY B 133 -21.84 12.53 -40.44
CA GLY B 133 -21.73 12.92 -41.86
C GLY B 133 -20.42 12.46 -42.54
N THR B 134 -19.47 11.91 -41.77
CA THR B 134 -18.23 11.39 -42.35
C THR B 134 -18.26 9.89 -42.47
N ASP B 135 -18.04 9.41 -43.69
CA ASP B 135 -17.71 8.00 -43.94
C ASP B 135 -16.21 7.69 -43.66
N SER B 136 -15.98 6.87 -42.62
CA SER B 136 -14.61 6.49 -42.19
C SER B 136 -14.05 5.33 -42.99
N ASP B 137 -14.92 4.53 -43.60
CA ASP B 137 -14.46 3.45 -44.49
C ASP B 137 -14.02 4.01 -45.87
N ALA B 138 -14.45 5.22 -46.23
CA ALA B 138 -13.95 5.90 -47.42
C ALA B 138 -12.45 6.25 -47.24
N ASN B 139 -11.74 6.53 -48.33
CA ASN B 139 -10.29 6.77 -48.29
C ASN B 139 -10.00 8.24 -47.95
N LEU B 140 -10.14 8.59 -46.69
CA LEU B 140 -9.75 9.94 -46.21
C LEU B 140 -8.23 10.24 -46.26
N ASP B 141 -7.89 11.38 -46.83
CA ASP B 141 -6.50 11.80 -46.87
C ASP B 141 -6.05 12.35 -45.50
N ALA B 142 -4.75 12.42 -45.30
CA ALA B 142 -4.22 12.87 -44.02
C ALA B 142 -4.61 14.30 -43.66
N VAL B 143 -4.68 15.22 -44.66
CA VAL B 143 -5.04 16.56 -44.37
C VAL B 143 -6.43 16.62 -43.79
N THR B 144 -7.32 15.85 -44.39
CA THR B 144 -8.69 15.82 -43.93
C THR B 144 -8.79 15.25 -42.53
N ILE B 145 -8.07 14.17 -42.28
CA ILE B 145 -8.07 13.53 -40.96
C ILE B 145 -7.53 14.54 -39.92
N ALA B 146 -6.47 15.24 -40.31
CA ALA B 146 -5.84 16.15 -39.36
C ALA B 146 -6.75 17.30 -39.01
N LYS B 147 -7.44 17.85 -40.02
CA LYS B 147 -8.39 18.96 -39.74
C LYS B 147 -9.58 18.49 -38.91
N LYS B 148 -10.09 17.28 -39.18
CA LYS B 148 -11.16 16.76 -38.32
C LYS B 148 -10.69 16.57 -36.89
N ALA B 149 -9.48 16.04 -36.74
CA ALA B 149 -8.97 15.89 -35.40
C ALA B 149 -8.79 17.23 -34.70
N TYR B 150 -8.27 18.20 -35.39
CA TYR B 150 -8.08 19.52 -34.81
C TYR B 150 -9.42 20.06 -34.29
N ALA B 151 -10.47 19.89 -35.10
CA ALA B 151 -11.81 20.39 -34.73
C ALA B 151 -12.27 19.73 -33.47
N ILE B 152 -11.99 18.43 -33.32
CA ILE B 152 -12.35 17.75 -32.10
C ILE B 152 -11.57 18.14 -30.86
N TYR B 153 -10.23 18.18 -30.96
CA TYR B 153 -9.45 18.39 -29.76
C TYR B 153 -8.87 19.79 -29.57
N LYS B 154 -8.97 20.64 -30.59
CA LYS B 154 -8.48 22.02 -30.55
C LYS B 154 -7.07 22.03 -29.98
N THR B 155 -6.27 21.15 -30.57
CA THR B 155 -4.90 20.89 -30.21
C THR B 155 -4.15 20.59 -31.50
N ALA B 156 -2.91 21.07 -31.60
CA ALA B 156 -2.11 20.84 -32.80
C ALA B 156 -2.06 19.33 -33.13
N ILE B 157 -2.19 19.04 -34.40
CA ILE B 157 -2.15 17.65 -34.88
C ILE B 157 -1.00 17.50 -35.86
N VAL B 158 -0.18 16.47 -35.64
CA VAL B 158 0.89 16.18 -36.54
C VAL B 158 0.65 14.72 -37.06
N ILE B 159 0.43 14.57 -38.34
CA ILE B 159 0.22 13.23 -38.93
C ILE B 159 1.43 12.90 -39.77
N THR B 160 2.19 11.90 -39.34
CA THR B 160 3.33 11.46 -40.10
C THR B 160 2.89 10.53 -41.23
N GLY B 161 3.70 10.49 -42.27
CA GLY B 161 3.48 9.57 -43.38
C GLY B 161 4.51 9.88 -44.46
N LYS B 162 4.24 9.44 -45.69
CA LYS B 162 5.16 9.73 -46.82
C LYS B 162 5.37 11.23 -46.92
N GLU B 163 4.28 11.96 -46.87
CA GLU B 163 4.26 13.38 -46.58
C GLU B 163 3.70 13.57 -45.17
N ASP B 164 4.22 14.54 -44.41
CA ASP B 164 3.69 14.80 -43.10
C ASP B 164 2.74 15.99 -43.15
N VAL B 165 1.75 16.01 -42.24
CA VAL B 165 0.79 17.08 -42.19
C VAL B 165 0.79 17.69 -40.77
N ILE B 166 0.77 19.02 -40.67
CA ILE B 166 0.60 19.67 -39.41
C ILE B 166 -0.56 20.64 -39.48
N VAL B 167 -1.43 20.59 -38.49
CA VAL B 167 -2.54 21.49 -38.40
C VAL B 167 -2.43 22.13 -37.04
N GLN B 168 -2.45 23.46 -37.02
CA GLN B 168 -2.45 24.22 -35.81
C GLN B 168 -3.31 25.47 -36.09
N GLY B 169 -4.29 25.63 -35.25
CA GLY B 169 -5.31 26.72 -35.45
C GLY B 169 -5.92 26.57 -36.83
N ASP B 170 -5.90 27.66 -37.58
CA ASP B 170 -6.45 27.61 -38.94
C ASP B 170 -5.37 27.49 -40.02
N LYS B 171 -4.19 26.96 -39.70
CA LYS B 171 -3.17 26.75 -40.70
C LYS B 171 -2.91 25.27 -40.81
N ALA B 172 -2.78 24.80 -42.05
CA ALA B 172 -2.44 23.42 -42.33
C ALA B 172 -1.30 23.42 -43.33
N ILE B 173 -0.28 22.62 -43.06
CA ILE B 173 0.85 22.54 -43.95
C ILE B 173 1.21 21.09 -44.21
N VAL B 174 1.82 20.84 -45.38
CA VAL B 174 2.29 19.54 -45.81
C VAL B 174 3.76 19.57 -46.06
N LEU B 175 4.48 18.64 -45.49
CA LEU B 175 5.91 18.56 -45.59
C LEU B 175 6.33 17.32 -46.34
N ALA B 176 7.35 17.39 -47.18
CA ALA B 176 7.71 16.29 -48.05
C ALA B 176 9.18 15.93 -47.98
N ASN B 177 9.69 15.74 -46.76
CA ASN B 177 11.10 15.37 -46.58
C ASN B 177 11.14 13.99 -45.90
N GLY B 178 12.25 13.33 -46.03
CA GLY B 178 12.54 12.11 -45.20
C GLY B 178 13.16 11.02 -46.03
N SER B 179 13.06 9.81 -45.49
CA SER B 179 13.64 8.61 -46.08
C SER B 179 12.80 7.42 -45.72
N PRO B 180 12.60 6.49 -46.66
CA PRO B 180 11.97 5.20 -46.33
C PRO B 180 12.74 4.49 -45.24
N LEU B 181 14.04 4.75 -45.07
CA LEU B 181 14.81 3.99 -44.07
C LEU B 181 14.30 4.30 -42.67
N LEU B 182 13.64 5.43 -42.46
CA LEU B 182 13.11 5.75 -41.13
C LEU B 182 12.12 4.75 -40.60
N ALA B 183 11.29 4.18 -41.47
CA ALA B 183 10.32 3.16 -41.04
C ALA B 183 11.01 1.87 -40.64
N ARG B 184 12.31 1.75 -40.90
CA ARG B 184 13.04 0.51 -40.69
C ARG B 184 13.91 0.61 -39.45
N VAL B 185 13.76 1.72 -38.75
CA VAL B 185 14.38 1.95 -37.46
C VAL B 185 13.33 2.10 -36.40
N THR B 186 13.26 1.13 -35.48
CA THR B 186 12.11 1.13 -34.58
C THR B 186 11.96 2.42 -33.79
N GLY B 187 13.02 2.99 -33.33
CA GLY B 187 12.64 4.22 -32.52
C GLY B 187 12.16 5.47 -33.35
N ALA B 188 11.95 5.42 -34.68
CA ALA B 188 12.04 6.74 -35.46
C ALA B 188 10.88 7.65 -35.17
N GLY B 189 9.64 7.18 -35.37
CA GLY B 189 8.50 8.02 -35.11
C GLY B 189 8.40 8.39 -33.64
N CYS B 190 8.74 7.42 -32.76
CA CYS B 190 8.66 7.65 -31.35
C CYS B 190 9.65 8.78 -30.98
N LEU B 191 10.86 8.73 -31.59
CA LEU B 191 11.84 9.79 -31.38
C LEU B 191 11.26 11.13 -31.88
N LEU B 192 10.64 11.15 -33.04
CA LEU B 192 10.04 12.37 -33.50
C LEU B 192 9.16 13.01 -32.47
N GLY B 193 8.33 12.22 -31.77
CA GLY B 193 7.52 12.78 -30.73
C GLY B 193 8.33 13.49 -29.66
N GLY B 194 9.47 12.90 -29.33
CA GLY B 194 10.38 13.51 -28.37
C GLY B 194 11.05 14.75 -28.95
N ILE B 195 11.38 14.74 -30.22
CA ILE B 195 11.96 15.94 -30.83
C ILE B 195 10.94 17.06 -30.81
N ILE B 196 9.67 16.77 -31.16
CA ILE B 196 8.66 17.82 -31.11
C ILE B 196 8.59 18.37 -29.67
N ALA B 197 8.57 17.54 -28.64
CA ALA B 197 8.60 18.00 -27.26
C ALA B 197 9.80 18.94 -27.02
N GLY B 198 10.90 18.56 -27.58
CA GLY B 198 12.09 19.42 -27.47
C GLY B 198 11.97 20.81 -28.03
N PHE B 199 11.06 21.01 -28.97
CA PHE B 199 10.89 22.30 -29.61
C PHE B 199 9.86 23.16 -28.92
N LEU B 200 9.23 22.68 -27.85
CA LEU B 200 8.05 23.47 -27.33
C LEU B 200 8.38 24.59 -26.39
N PHE B 201 9.47 24.49 -25.62
CA PHE B 201 9.87 25.61 -24.71
C PHE B 201 8.75 26.11 -23.84
N ARG B 202 8.00 25.15 -23.29
CA ARG B 202 7.00 25.41 -22.32
C ARG B 202 5.78 26.14 -22.87
N GLU B 203 5.62 26.15 -24.18
CA GLU B 203 4.46 26.77 -24.82
C GLU B 203 3.34 25.75 -24.94
N THR B 204 2.23 25.96 -24.26
CA THR B 204 1.14 25.03 -24.30
C THR B 204 0.34 25.12 -25.59
N GLU B 205 0.49 26.21 -26.35
CA GLU B 205 -0.17 26.35 -27.66
C GLU B 205 0.94 26.74 -28.65
N PRO B 206 1.75 25.75 -29.04
CA PRO B 206 2.96 26.05 -29.81
C PRO B 206 2.68 26.67 -31.15
N ASP B 207 3.55 27.57 -31.56
CA ASP B 207 3.50 28.15 -32.87
C ASP B 207 3.69 27.07 -33.88
N ILE B 208 2.93 27.10 -34.96
CA ILE B 208 3.11 26.13 -36.01
C ILE B 208 4.56 26.12 -36.56
N GLU B 209 5.26 27.24 -36.48
CA GLU B 209 6.65 27.25 -36.99
C GLU B 209 7.58 26.39 -36.19
N ALA B 210 7.32 26.26 -34.88
CA ALA B 210 8.10 25.33 -34.07
C ALA B 210 7.87 23.91 -34.51
N LEU B 211 6.60 23.56 -34.76
CA LEU B 211 6.26 22.22 -35.15
C LEU B 211 6.81 21.89 -36.56
N ILE B 212 6.77 22.88 -37.47
CA ILE B 212 7.32 22.71 -38.80
C ILE B 212 8.83 22.43 -38.69
N GLU B 213 9.50 23.22 -37.82
CA GLU B 213 10.91 23.07 -37.69
C GLU B 213 11.26 21.71 -37.07
N ALA B 214 10.53 21.29 -36.07
CA ALA B 214 10.83 20.01 -35.39
C ALA B 214 10.78 18.90 -36.43
N VAL B 215 9.67 18.84 -37.17
CA VAL B 215 9.47 17.74 -38.13
C VAL B 215 10.46 17.80 -39.27
N SER B 216 10.76 19.02 -39.71
CA SER B 216 11.70 19.20 -40.77
C SER B 216 13.15 18.92 -40.42
N VAL B 217 13.56 19.27 -39.19
CA VAL B 217 14.91 18.91 -38.71
C VAL B 217 15.04 17.39 -38.76
N PHE B 218 14.04 16.69 -38.27
CA PHE B 218 14.14 15.26 -38.23
C PHE B 218 14.16 14.64 -39.60
N ASN B 219 13.25 15.02 -40.46
CA ASN B 219 13.17 14.48 -41.75
C ASN B 219 14.32 14.85 -42.67
N ILE B 220 14.79 16.09 -42.55
CA ILE B 220 15.95 16.45 -43.37
C ILE B 220 17.20 15.75 -42.91
N ALA B 221 17.37 15.61 -41.61
CA ALA B 221 18.47 14.80 -41.10
C ALA B 221 18.42 13.40 -41.65
N ALA B 222 17.24 12.84 -41.63
CA ALA B 222 17.08 11.51 -42.24
C ALA B 222 17.43 11.40 -43.69
N GLU B 223 17.01 12.38 -44.48
CA GLU B 223 17.34 12.44 -45.89
C GLU B 223 18.86 12.55 -46.12
N VAL B 224 19.54 13.42 -45.36
CA VAL B 224 20.96 13.57 -45.45
C VAL B 224 21.70 12.30 -45.02
N ALA B 225 21.24 11.67 -43.94
CA ALA B 225 21.91 10.46 -43.41
C ALA B 225 21.82 9.35 -44.43
N ALA B 226 20.70 9.21 -45.11
CA ALA B 226 20.48 8.14 -46.09
C ALA B 226 21.31 8.34 -47.33
N GLU B 227 21.69 9.56 -47.63
CA GLU B 227 22.61 9.87 -48.74
C GLU B 227 24.06 9.66 -48.41
N ASN B 228 24.41 9.55 -47.14
CA ASN B 228 25.81 9.41 -46.71
C ASN B 228 26.44 8.18 -47.36
N GLU B 229 27.67 8.31 -47.82
CA GLU B 229 28.36 7.20 -48.46
C GLU B 229 28.54 6.01 -47.51
N ASN B 230 28.53 6.25 -46.20
CA ASN B 230 28.69 5.19 -45.25
C ASN B 230 27.36 4.60 -44.77
N CYS B 231 26.25 5.05 -45.36
CA CYS B 231 24.95 4.44 -45.02
C CYS B 231 24.76 3.22 -45.88
N GLY B 232 24.72 2.06 -45.24
CA GLY B 232 24.65 0.76 -45.96
C GLY B 232 23.35 0.06 -45.68
N GLY B 233 22.41 0.70 -45.03
CA GLY B 233 21.15 0.09 -44.69
C GLY B 233 20.60 0.60 -43.40
N PRO B 234 19.51 0.09 -42.89
CA PRO B 234 18.90 0.60 -41.69
C PRO B 234 19.75 0.51 -40.42
N GLY B 235 20.74 -0.40 -40.40
CA GLY B 235 21.59 -0.49 -39.24
C GLY B 235 22.58 0.63 -39.16
N THR B 236 23.24 0.86 -40.24
CA THR B 236 24.21 1.98 -40.16
C THR B 236 23.53 3.30 -40.31
N PHE B 237 22.32 3.32 -40.85
CA PHE B 237 21.56 4.56 -40.86
C PHE B 237 21.29 5.21 -39.50
N SER B 238 20.98 4.41 -38.46
CA SER B 238 20.60 4.95 -37.18
C SER B 238 21.72 5.80 -36.52
N PRO B 239 22.97 5.27 -36.47
CA PRO B 239 24.08 6.15 -35.97
C PRO B 239 24.22 7.35 -36.84
N LEU B 240 24.09 7.22 -38.15
CA LEU B 240 24.33 8.40 -39.02
C LEU B 240 23.22 9.41 -38.83
N LEU B 241 21.99 8.95 -38.57
CA LEU B 241 20.91 9.90 -38.30
C LEU B 241 21.26 10.78 -37.10
N LEU B 242 21.74 10.16 -36.04
CA LEU B 242 22.08 10.91 -34.83
C LEU B 242 23.22 11.85 -35.14
N ASP B 243 24.17 11.38 -35.91
CA ASP B 243 25.29 12.33 -36.28
C ASP B 243 24.71 13.47 -37.03
N THR B 244 23.81 13.21 -37.98
CA THR B 244 23.32 14.26 -38.86
C THR B 244 22.43 15.27 -38.08
N LEU B 245 21.67 14.84 -37.08
CA LEU B 245 20.95 15.74 -36.18
C LEU B 245 21.92 16.61 -35.39
N TYR B 246 23.02 15.99 -34.99
CA TYR B 246 23.99 16.69 -34.17
C TYR B 246 24.59 17.84 -34.97
N HIS B 247 24.85 17.59 -36.23
CA HIS B 247 25.64 18.55 -37.08
C HIS B 247 24.77 19.41 -37.96
N LEU B 248 23.44 19.24 -37.92
CA LEU B 248 22.62 19.92 -38.96
C LEU B 248 22.75 21.45 -38.89
N ASN B 249 22.92 22.04 -40.04
CA ASN B 249 23.17 23.48 -40.04
C ASN B 249 22.07 24.18 -40.80
N GLU B 250 22.06 25.52 -40.74
CA GLU B 250 21.01 26.29 -41.35
C GLU B 250 21.05 26.17 -42.84
N THR B 251 22.22 26.11 -43.43
CA THR B 251 22.35 26.04 -44.85
C THR B 251 21.70 24.78 -45.43
N THR B 252 21.96 23.65 -44.79
CA THR B 252 21.38 22.39 -45.24
C THR B 252 19.89 22.39 -45.04
N TYR B 253 19.47 22.90 -43.92
CA TYR B 253 18.05 23.00 -43.63
C TYR B 253 17.36 23.76 -44.78
N GLN B 254 17.82 24.96 -45.02
CA GLN B 254 17.10 25.81 -46.00
C GLN B 254 17.16 25.25 -47.41
N GLN B 255 18.27 24.61 -47.78
CA GLN B 255 18.39 24.02 -49.11
C GLN B 255 17.44 22.84 -49.27
N ARG B 256 17.19 22.09 -48.20
CA ARG B 256 16.45 20.85 -48.36
C ARG B 256 14.98 20.87 -48.02
N ILE B 257 14.55 21.80 -47.20
CA ILE B 257 13.18 21.78 -46.74
C ILE B 257 12.17 21.83 -47.91
N ARG B 258 11.16 20.98 -47.84
CA ARG B 258 10.11 20.90 -48.87
C ARG B 258 8.77 21.07 -48.18
N ILE B 259 8.25 22.30 -48.17
CA ILE B 259 6.98 22.60 -47.48
C ILE B 259 5.96 23.20 -48.41
N GLN B 260 4.67 22.84 -48.24
CA GLN B 260 3.55 23.52 -48.97
C GLN B 260 2.37 23.83 -48.03
N GLU B 261 1.85 25.06 -48.11
CA GLU B 261 0.68 25.45 -47.32
C GLU B 261 -0.56 24.76 -47.88
N VAL B 262 -1.53 24.48 -47.01
CA VAL B 262 -2.87 23.96 -47.37
C VAL B 262 -2.80 22.55 -47.90
N MET C 1 16.41 -19.39 -49.94
CA MET C 1 15.81 -18.13 -49.42
C MET C 1 14.32 -17.90 -49.67
N ASN C 2 13.63 -18.94 -49.60
CA ASN C 2 12.24 -18.96 -49.92
C ASN C 2 11.33 -18.17 -48.93
N TYR C 3 11.37 -18.52 -47.66
CA TYR C 3 10.54 -17.90 -46.65
C TYR C 3 10.89 -16.41 -46.43
N LEU C 4 12.16 -16.05 -46.59
CA LEU C 4 12.56 -14.68 -46.40
C LEU C 4 11.87 -13.83 -47.42
N ASN C 5 11.73 -14.35 -48.64
CA ASN C 5 11.03 -13.57 -49.63
C ASN C 5 9.62 -13.26 -49.18
N ASN C 6 8.95 -14.21 -48.58
CA ASN C 6 7.65 -13.98 -48.10
C ASN C 6 7.58 -12.98 -46.94
N ILE C 7 8.59 -12.97 -46.05
CA ILE C 7 8.61 -12.01 -44.99
C ILE C 7 8.74 -10.61 -45.57
N ARG C 8 9.63 -10.45 -46.54
CA ARG C 8 9.82 -9.17 -47.14
C ARG C 8 8.58 -8.59 -47.82
N ILE C 9 7.83 -9.46 -48.46
CA ILE C 9 6.59 -8.98 -49.12
C ILE C 9 5.43 -8.83 -48.14
N GLU C 10 5.27 -9.75 -47.22
CA GLU C 10 4.04 -9.87 -46.40
C GLU C 10 4.11 -9.15 -45.06
N ASN C 11 5.32 -8.77 -44.63
CA ASN C 11 5.47 -7.96 -43.44
C ASN C 11 4.72 -8.57 -42.21
N PRO C 12 5.07 -9.80 -41.82
CA PRO C 12 4.32 -10.52 -40.80
C PRO C 12 4.40 -9.84 -39.44
N LEU C 13 3.26 -9.61 -38.84
CA LEU C 13 3.15 -9.08 -37.52
C LEU C 13 3.65 -10.13 -36.52
N THR C 14 4.74 -9.77 -35.81
CA THR C 14 5.42 -10.68 -34.92
C THR C 14 5.41 -10.10 -33.52
N ILE C 15 4.62 -10.66 -32.63
CA ILE C 15 4.54 -10.13 -31.31
C ILE C 15 5.66 -10.60 -30.48
N CYS C 16 6.27 -9.71 -29.70
CA CYS C 16 7.45 -10.08 -28.87
C CYS C 16 7.19 -9.70 -27.42
N TYR C 17 7.12 -10.67 -26.55
CA TYR C 17 7.17 -10.49 -25.11
C TYR C 17 8.55 -10.89 -24.66
N THR C 18 9.46 -9.89 -24.61
CA THR C 18 10.87 -10.22 -24.52
C THR C 18 11.48 -9.39 -23.46
N ASN C 19 12.80 -9.60 -23.24
CA ASN C 19 13.43 -9.00 -22.10
C ASN C 19 13.85 -7.57 -22.32
N ASP C 20 13.97 -6.88 -21.20
CA ASP C 20 14.22 -5.46 -21.21
C ASP C 20 15.58 -5.03 -21.80
N VAL C 21 16.55 -5.92 -21.94
CA VAL C 21 17.82 -5.62 -22.47
C VAL C 21 17.83 -5.63 -24.01
N VAL C 22 16.87 -6.31 -24.65
CA VAL C 22 16.96 -6.61 -26.06
C VAL C 22 15.78 -6.15 -26.89
N LYS C 23 14.85 -5.44 -26.31
CA LYS C 23 13.67 -5.04 -27.08
C LYS C 23 13.97 -4.28 -28.32
N ASN C 24 14.80 -3.25 -28.18
CA ASN C 24 15.08 -2.43 -29.33
C ASN C 24 15.80 -3.20 -30.46
N PHE C 25 16.80 -3.98 -30.10
CA PHE C 25 17.54 -4.73 -31.04
C PHE C 25 16.72 -5.81 -31.73
N THR C 26 15.85 -6.43 -30.94
CA THR C 26 14.98 -7.42 -31.54
C THR C 26 14.05 -6.77 -32.53
N ALA C 27 13.42 -5.66 -32.15
CA ALA C 27 12.59 -4.96 -33.10
C ALA C 27 13.30 -4.53 -34.35
N ASN C 28 14.50 -3.98 -34.17
CA ASN C 28 15.26 -3.61 -35.35
C ASN C 28 15.67 -4.73 -36.29
N GLY C 29 16.03 -5.86 -35.70
CA GLY C 29 16.36 -7.04 -36.50
C GLY C 29 15.16 -7.55 -37.29
N LEU C 30 13.98 -7.58 -36.62
CA LEU C 30 12.78 -7.93 -37.33
C LEU C 30 12.40 -6.93 -38.39
N LEU C 31 12.60 -5.63 -38.14
CA LEU C 31 12.41 -4.68 -39.22
C LEU C 31 13.40 -4.86 -40.42
N SER C 32 14.65 -5.23 -40.15
CA SER C 32 15.62 -5.38 -41.22
C SER C 32 15.31 -6.48 -42.20
N ILE C 33 14.60 -7.52 -41.71
CA ILE C 33 14.18 -8.62 -42.58
C ILE C 33 12.82 -8.37 -43.18
N GLY C 34 12.10 -7.35 -42.76
CA GLY C 34 10.81 -7.00 -43.38
C GLY C 34 9.63 -7.34 -42.52
N ALA C 35 9.86 -7.88 -41.34
CA ALA C 35 8.75 -8.24 -40.45
C ALA C 35 8.22 -6.98 -39.72
N SER C 36 7.10 -7.05 -39.03
CA SER C 36 6.51 -6.01 -38.33
C SER C 36 6.47 -6.34 -36.84
N PRO C 37 7.45 -5.91 -36.05
CA PRO C 37 7.48 -6.22 -34.68
C PRO C 37 6.48 -5.43 -33.81
N ALA C 38 5.95 -6.08 -32.78
CA ALA C 38 5.13 -5.38 -31.78
C ALA C 38 5.40 -5.91 -30.41
N MET C 39 5.90 -5.10 -29.51
CA MET C 39 6.29 -5.50 -28.18
C MET C 39 5.09 -5.24 -27.31
N SER C 40 4.10 -6.08 -27.44
CA SER C 40 2.82 -5.91 -26.63
C SER C 40 2.90 -6.87 -25.48
N GLU C 41 2.74 -6.33 -24.25
CA GLU C 41 2.87 -7.10 -23.04
C GLU C 41 1.54 -7.08 -22.24
N ALA C 42 0.55 -6.34 -22.68
CA ALA C 42 -0.71 -6.25 -21.91
C ALA C 42 -1.64 -7.42 -22.30
N PRO C 43 -2.00 -8.24 -21.30
CA PRO C 43 -2.92 -9.29 -21.59
C PRO C 43 -4.24 -8.75 -22.10
N GLU C 44 -4.60 -7.53 -21.78
CA GLU C 44 -5.86 -6.89 -22.15
C GLU C 44 -5.97 -6.71 -23.65
N GLU C 45 -4.87 -6.70 -24.39
CA GLU C 45 -4.96 -6.57 -25.82
C GLU C 45 -4.53 -7.81 -26.60
N ALA C 46 -4.19 -8.86 -25.89
CA ALA C 46 -3.66 -10.06 -26.55
C ALA C 46 -4.64 -10.71 -27.48
N GLU C 47 -5.90 -10.81 -27.08
CA GLU C 47 -6.87 -11.48 -27.95
C GLU C 47 -6.98 -10.75 -29.30
N GLU C 48 -7.08 -9.42 -29.29
CA GLU C 48 -7.19 -8.68 -30.51
C GLU C 48 -5.93 -8.71 -31.34
N PHE C 49 -4.77 -8.51 -30.71
CA PHE C 49 -3.52 -8.53 -31.44
C PHE C 49 -3.29 -9.90 -32.06
N TYR C 50 -3.60 -10.98 -31.33
CA TYR C 50 -3.13 -12.32 -31.67
C TYR C 50 -3.94 -12.86 -32.85
N LYS C 51 -5.17 -12.40 -32.95
CA LYS C 51 -6.02 -12.79 -34.09
C LYS C 51 -5.40 -12.40 -35.45
N VAL C 52 -4.58 -11.36 -35.47
CA VAL C 52 -4.01 -10.87 -36.72
C VAL C 52 -2.48 -11.07 -36.81
N ALA C 53 -1.89 -11.60 -35.78
CA ALA C 53 -0.45 -11.81 -35.73
C ALA C 53 -0.07 -13.08 -36.37
N GLN C 54 1.21 -13.23 -36.70
CA GLN C 54 1.72 -14.47 -37.31
C GLN C 54 2.52 -15.36 -36.32
N ALA C 55 3.00 -14.80 -35.24
CA ALA C 55 3.71 -15.51 -34.20
C ALA C 55 3.88 -14.66 -32.94
N LEU C 56 4.21 -15.31 -31.86
CA LEU C 56 4.54 -14.70 -30.55
C LEU C 56 5.84 -15.25 -30.08
N LEU C 57 6.76 -14.36 -29.71
CA LEU C 57 7.94 -14.75 -29.00
C LEU C 57 7.79 -14.49 -27.53
N ILE C 58 8.13 -15.47 -26.69
CA ILE C 58 8.19 -15.30 -25.25
C ILE C 58 9.59 -15.60 -24.80
N ASN C 59 10.26 -14.56 -24.25
CA ASN C 59 11.68 -14.64 -23.81
C ASN C 59 11.71 -14.15 -22.38
N ILE C 60 12.28 -14.95 -21.46
CA ILE C 60 12.19 -14.64 -20.04
C ILE C 60 13.49 -14.11 -19.44
N GLY C 61 14.30 -13.49 -20.28
CA GLY C 61 15.54 -12.97 -19.81
C GLY C 61 15.48 -12.07 -18.59
N THR C 62 14.46 -11.25 -18.49
CA THR C 62 14.34 -10.36 -17.35
C THR C 62 13.03 -10.67 -16.57
N LEU C 63 12.78 -11.94 -16.37
CA LEU C 63 11.57 -12.40 -15.66
C LEU C 63 11.53 -11.79 -14.28
N THR C 64 10.36 -11.26 -13.92
CA THR C 64 10.09 -10.79 -12.57
C THR C 64 8.62 -11.10 -12.24
N ALA C 65 8.26 -10.83 -11.00
CA ALA C 65 6.88 -11.14 -10.52
C ALA C 65 5.86 -10.40 -11.38
N GLN C 66 6.20 -9.22 -11.84
CA GLN C 66 5.32 -8.43 -12.76
C GLN C 66 4.91 -9.22 -14.03
N ASN C 67 5.79 -10.07 -14.53
CA ASN C 67 5.60 -10.75 -15.79
C ASN C 67 4.95 -12.13 -15.63
N GLU C 68 5.14 -12.79 -14.52
CA GLU C 68 4.82 -14.22 -14.43
C GLU C 68 3.42 -14.57 -14.82
N GLN C 69 2.42 -13.99 -14.16
CA GLN C 69 1.04 -14.36 -14.43
C GLN C 69 0.65 -13.90 -15.86
N ASP C 70 1.15 -12.75 -16.27
CA ASP C 70 0.85 -12.23 -17.60
C ASP C 70 1.37 -13.11 -18.72
N ILE C 71 2.61 -13.66 -18.56
CA ILE C 71 3.10 -14.57 -19.57
C ILE C 71 2.30 -15.86 -19.66
N ILE C 72 1.88 -16.39 -18.54
CA ILE C 72 1.02 -17.58 -18.57
C ILE C 72 -0.29 -17.25 -19.25
N ALA C 73 -0.88 -16.11 -18.92
CA ALA C 73 -2.15 -15.73 -19.53
C ALA C 73 -2.03 -15.54 -21.04
N ILE C 74 -1.00 -14.83 -21.49
CA ILE C 74 -0.91 -14.64 -22.92
C ILE C 74 -0.55 -15.90 -23.70
N ALA C 75 0.17 -16.83 -23.09
CA ALA C 75 0.49 -18.08 -23.75
C ALA C 75 -0.79 -18.88 -23.97
N GLN C 76 -1.68 -18.79 -23.01
CA GLN C 76 -3.00 -19.46 -23.15
C GLN C 76 -3.79 -18.76 -24.21
N THR C 77 -3.76 -17.43 -24.22
CA THR C 77 -4.44 -16.69 -25.31
C THR C 77 -3.91 -17.08 -26.67
N ALA C 78 -2.58 -17.18 -26.80
CA ALA C 78 -2.03 -17.58 -28.05
C ALA C 78 -2.51 -18.98 -28.50
N ASN C 79 -2.49 -19.90 -27.58
CA ASN C 79 -2.95 -21.27 -27.87
C ASN C 79 -4.35 -21.18 -28.41
N GLU C 80 -5.21 -20.44 -27.72
CA GLU C 80 -6.63 -20.36 -28.10
C GLU C 80 -6.75 -19.78 -29.49
N ALA C 81 -5.87 -18.82 -29.81
CA ALA C 81 -5.93 -18.09 -31.09
C ALA C 81 -5.25 -18.88 -32.22
N GLY C 82 -4.50 -19.94 -31.92
CA GLY C 82 -3.77 -20.65 -32.94
C GLY C 82 -2.50 -19.91 -33.37
N LEU C 83 -2.03 -19.12 -32.45
CA LEU C 83 -0.84 -18.28 -32.71
C LEU C 83 0.41 -19.01 -32.24
N PRO C 84 1.34 -19.38 -33.15
CA PRO C 84 2.50 -20.14 -32.68
C PRO C 84 3.42 -19.38 -31.74
N ILE C 85 3.98 -20.09 -30.77
CA ILE C 85 4.81 -19.50 -29.74
C ILE C 85 6.20 -20.00 -29.96
N VAL C 86 7.16 -19.03 -29.94
CA VAL C 86 8.56 -19.37 -29.82
C VAL C 86 8.95 -19.08 -28.38
N PHE C 87 9.57 -20.01 -27.68
CA PHE C 87 9.90 -19.84 -26.26
C PHE C 87 11.38 -19.92 -26.05
N ASP C 88 11.92 -18.86 -25.46
CA ASP C 88 13.36 -18.76 -25.15
C ASP C 88 13.60 -18.70 -23.65
N PRO C 89 13.92 -19.83 -23.06
CA PRO C 89 14.09 -19.95 -21.61
C PRO C 89 15.49 -19.44 -21.15
N VAL C 90 15.71 -18.17 -21.34
CA VAL C 90 16.99 -17.54 -21.06
C VAL C 90 17.46 -17.81 -19.62
N ALA C 91 18.65 -18.34 -19.51
CA ALA C 91 19.30 -18.56 -18.22
C ALA C 91 18.49 -19.42 -17.25
N VAL C 92 17.73 -20.33 -17.79
CA VAL C 92 16.89 -21.16 -16.95
C VAL C 92 17.71 -21.95 -15.92
N GLY C 93 18.90 -22.38 -16.34
CA GLY C 93 19.79 -23.11 -15.46
C GLY C 93 20.36 -22.32 -14.30
N ALA C 94 20.16 -21.00 -14.29
CA ALA C 94 20.76 -20.19 -13.29
C ALA C 94 20.00 -20.03 -12.02
N SER C 95 18.71 -20.33 -12.02
CA SER C 95 17.94 -20.19 -10.82
C SER C 95 16.77 -21.13 -10.74
N THR C 96 16.43 -21.55 -9.53
CA THR C 96 15.22 -22.28 -9.30
C THR C 96 13.98 -21.44 -9.63
N TYR C 97 14.05 -20.12 -9.44
CA TYR C 97 12.96 -19.25 -9.82
C TYR C 97 12.61 -19.44 -11.31
N ARG C 98 13.62 -19.38 -12.17
CA ARG C 98 13.38 -19.56 -13.60
C ARG C 98 12.96 -20.97 -13.93
N LYS C 99 13.60 -21.99 -13.31
CA LYS C 99 13.26 -23.36 -13.59
C LYS C 99 11.83 -23.66 -13.26
N GLN C 100 11.36 -23.15 -12.14
CA GLN C 100 9.97 -23.38 -11.78
C GLN C 100 9.07 -22.72 -12.80
N PHE C 101 9.43 -21.49 -13.24
CA PHE C 101 8.52 -20.79 -14.10
C PHE C 101 8.46 -21.51 -15.43
N CYS C 102 9.57 -21.94 -15.95
CA CYS C 102 9.56 -22.54 -17.29
C CYS C 102 8.76 -23.84 -17.24
N LYS C 103 8.96 -24.58 -16.19
CA LYS C 103 8.12 -25.80 -16.00
C LYS C 103 6.64 -25.47 -15.99
N LEU C 104 6.25 -24.42 -15.28
CA LEU C 104 4.84 -24.02 -15.23
C LEU C 104 4.37 -23.60 -16.63
N LEU C 105 5.15 -22.83 -17.36
CA LEU C 105 4.74 -22.43 -18.68
C LEU C 105 4.50 -23.63 -19.60
N LEU C 106 5.44 -24.57 -19.57
CA LEU C 106 5.38 -25.64 -20.52
C LEU C 106 4.38 -26.71 -20.07
N LYS C 107 3.88 -26.60 -18.85
CA LYS C 107 2.68 -27.38 -18.41
C LYS C 107 1.38 -26.65 -18.75
N SER C 108 1.40 -25.39 -19.11
CA SER C 108 0.25 -24.55 -19.26
C SER C 108 -0.07 -24.25 -20.75
N ALA C 109 0.92 -24.42 -21.63
CA ALA C 109 0.71 -24.09 -23.00
C ALA C 109 1.57 -24.96 -23.91
N LYS C 110 1.13 -25.16 -25.13
CA LYS C 110 1.86 -25.87 -26.14
C LYS C 110 2.62 -24.75 -26.89
N VAL C 111 3.93 -24.85 -26.93
CA VAL C 111 4.67 -23.90 -27.76
C VAL C 111 5.09 -24.58 -29.06
N SER C 112 5.58 -23.81 -30.00
CA SER C 112 5.86 -24.25 -31.34
C SER C 112 7.34 -24.40 -31.62
N VAL C 113 8.19 -23.59 -30.94
CA VAL C 113 9.60 -23.77 -30.98
C VAL C 113 10.17 -23.46 -29.61
N ILE C 114 11.08 -24.28 -29.12
CA ILE C 114 11.84 -23.96 -27.89
C ILE C 114 13.25 -23.76 -28.35
N LYS C 115 13.81 -22.57 -28.04
CA LYS C 115 15.13 -22.19 -28.47
C LYS C 115 15.96 -21.84 -27.26
N GLY C 116 17.19 -22.36 -27.20
CA GLY C 116 18.10 -21.96 -26.16
C GLY C 116 19.52 -22.45 -26.47
N ASN C 117 20.44 -22.16 -25.60
CA ASN C 117 21.73 -22.77 -25.69
C ASN C 117 21.71 -24.15 -25.01
N ALA C 118 22.80 -24.87 -25.10
CA ALA C 118 22.80 -26.26 -24.63
C ALA C 118 22.55 -26.37 -23.11
N SER C 119 23.13 -25.47 -22.34
CA SER C 119 22.93 -25.49 -20.94
C SER C 119 21.48 -25.18 -20.56
N GLU C 120 20.85 -24.27 -21.28
CA GLU C 120 19.43 -23.94 -21.04
C GLU C 120 18.52 -25.13 -21.32
N ILE C 121 18.71 -25.71 -22.47
CA ILE C 121 17.82 -26.85 -22.86
C ILE C 121 18.08 -28.02 -21.92
N LEU C 122 19.31 -28.28 -21.58
CA LEU C 122 19.65 -29.33 -20.59
C LEU C 122 18.99 -29.10 -19.25
N ALA C 123 19.01 -27.85 -18.76
CA ALA C 123 18.35 -27.55 -17.53
C ALA C 123 16.87 -27.79 -17.57
N LEU C 124 16.22 -27.53 -18.70
CA LEU C 124 14.80 -27.72 -18.81
C LEU C 124 14.48 -29.17 -18.65
N ILE C 125 15.26 -30.00 -19.32
CA ILE C 125 14.90 -31.41 -19.36
C ILE C 125 15.42 -32.15 -18.14
N ASP C 126 16.49 -31.64 -17.53
CA ASP C 126 16.97 -32.22 -16.26
C ASP C 126 16.07 -31.96 -15.04
N ASP C 127 15.91 -30.68 -14.68
CA ASP C 127 15.45 -30.28 -13.33
C ASP C 127 14.01 -29.70 -13.30
N LEU C 140 26.45 -35.66 -23.56
CA LEU C 140 25.80 -34.38 -23.48
C LEU C 140 26.11 -33.51 -24.71
N ASP C 141 26.15 -34.10 -25.89
CA ASP C 141 26.26 -33.23 -27.05
C ASP C 141 24.89 -32.54 -27.31
N ALA C 142 24.92 -31.45 -28.06
CA ALA C 142 23.72 -30.70 -28.34
C ALA C 142 22.71 -31.50 -29.13
N VAL C 143 23.17 -32.36 -30.02
CA VAL C 143 22.21 -33.20 -30.76
C VAL C 143 21.42 -34.12 -29.81
N THR C 144 22.13 -34.74 -28.89
CA THR C 144 21.46 -35.64 -27.93
C THR C 144 20.48 -34.87 -27.07
N ILE C 145 20.87 -33.72 -26.60
CA ILE C 145 20.02 -32.93 -25.70
C ILE C 145 18.79 -32.54 -26.49
N ALA C 146 18.98 -32.12 -27.75
CA ALA C 146 17.88 -31.64 -28.54
C ALA C 146 16.88 -32.77 -28.76
N LYS C 147 17.37 -33.96 -29.10
CA LYS C 147 16.45 -35.09 -29.28
C LYS C 147 15.72 -35.48 -28.02
N LYS C 148 16.40 -35.46 -26.87
CA LYS C 148 15.70 -35.73 -25.62
C LYS C 148 14.65 -34.72 -25.35
N ALA C 149 14.98 -33.44 -25.61
CA ALA C 149 13.95 -32.44 -25.41
C ALA C 149 12.77 -32.59 -26.34
N TYR C 150 13.03 -32.92 -27.57
CA TYR C 150 11.97 -33.12 -28.55
C TYR C 150 11.05 -34.25 -28.04
N ALA C 151 11.64 -35.33 -27.59
CA ALA C 151 10.83 -36.42 -27.06
C ALA C 151 9.89 -35.95 -25.93
N ILE C 152 10.38 -35.10 -25.02
CA ILE C 152 9.61 -34.66 -23.90
C ILE C 152 8.47 -33.71 -24.35
N TYR C 153 8.76 -32.73 -25.19
CA TYR C 153 7.82 -31.70 -25.44
C TYR C 153 7.07 -31.81 -26.74
N LYS C 154 7.58 -32.63 -27.65
CA LYS C 154 6.99 -32.83 -28.97
C LYS C 154 6.78 -31.54 -29.67
N THR C 155 7.88 -30.75 -29.62
CA THR C 155 7.91 -29.35 -30.12
C THR C 155 9.28 -29.24 -30.72
N ALA C 156 9.39 -28.45 -31.76
CA ALA C 156 10.68 -28.18 -32.43
C ALA C 156 11.63 -27.61 -31.42
N ILE C 157 12.87 -28.06 -31.49
CA ILE C 157 13.94 -27.60 -30.59
C ILE C 157 15.07 -26.98 -31.42
N VAL C 158 15.49 -25.76 -31.05
CA VAL C 158 16.65 -25.13 -31.66
C VAL C 158 17.67 -24.94 -30.57
N ILE C 159 18.84 -25.55 -30.71
CA ILE C 159 19.91 -25.35 -29.69
C ILE C 159 21.00 -24.56 -30.40
N THR C 160 21.25 -23.36 -29.92
CA THR C 160 22.31 -22.53 -30.45
C THR C 160 23.62 -22.89 -29.79
N GLY C 161 24.68 -22.71 -30.56
CA GLY C 161 26.00 -22.97 -30.05
C GLY C 161 27.02 -22.60 -31.14
N LYS C 162 28.22 -23.14 -31.03
CA LYS C 162 29.23 -22.97 -32.09
C LYS C 162 28.70 -23.52 -33.42
N GLU C 163 28.06 -24.68 -33.31
CA GLU C 163 27.17 -25.18 -34.33
C GLU C 163 25.76 -25.17 -33.77
N ASP C 164 24.78 -24.88 -34.62
CA ASP C 164 23.41 -24.88 -34.14
C ASP C 164 22.75 -26.20 -34.48
N VAL C 165 21.83 -26.65 -33.63
CA VAL C 165 21.10 -27.90 -33.91
C VAL C 165 19.60 -27.67 -33.97
N ILE C 166 18.92 -28.24 -34.98
CA ILE C 166 17.49 -28.13 -35.03
C ILE C 166 16.91 -29.52 -35.09
N VAL C 167 15.91 -29.75 -34.26
CA VAL C 167 15.17 -31.04 -34.32
C VAL C 167 13.71 -30.70 -34.50
N GLN C 168 13.08 -31.32 -35.50
CA GLN C 168 11.66 -31.22 -35.71
C GLN C 168 11.21 -32.56 -36.26
N GLY C 169 10.21 -33.12 -35.58
CA GLY C 169 9.73 -34.49 -35.91
C GLY C 169 10.88 -35.44 -35.79
N ASP C 170 11.09 -36.23 -36.83
CA ASP C 170 12.17 -37.18 -36.84
C ASP C 170 13.39 -36.71 -37.64
N LYS C 171 13.53 -35.40 -37.85
CA LYS C 171 14.69 -34.92 -38.54
C LYS C 171 15.53 -34.05 -37.58
N ALA C 172 16.85 -34.18 -37.67
CA ALA C 172 17.81 -33.39 -36.93
C ALA C 172 18.85 -32.87 -37.88
N ILE C 173 19.19 -31.59 -37.76
CA ILE C 173 20.12 -30.92 -38.65
C ILE C 173 21.10 -30.10 -37.80
N VAL C 174 22.33 -30.00 -38.28
CA VAL C 174 23.41 -29.21 -37.66
C VAL C 174 23.81 -28.14 -38.66
N LEU C 175 23.86 -26.92 -38.19
CA LEU C 175 24.23 -25.76 -39.00
C LEU C 175 25.50 -25.10 -38.48
N ALA C 176 26.38 -24.69 -39.39
CA ALA C 176 27.72 -24.23 -38.98
C ALA C 176 28.06 -22.90 -39.57
N ASN C 177 27.17 -21.91 -39.42
CA ASN C 177 27.45 -20.57 -39.88
C ASN C 177 27.54 -19.60 -38.68
N GLY C 178 28.08 -18.40 -38.92
CA GLY C 178 28.06 -17.36 -37.90
C GLY C 178 29.41 -16.65 -37.72
N SER C 179 29.55 -15.93 -36.62
CA SER C 179 30.76 -15.26 -36.25
C SER C 179 30.90 -15.27 -34.76
N PRO C 180 32.15 -15.27 -34.29
CA PRO C 180 32.40 -15.10 -32.86
C PRO C 180 31.96 -13.76 -32.29
N LEU C 181 31.82 -12.74 -33.14
CA LEU C 181 31.34 -11.46 -32.63
C LEU C 181 29.95 -11.49 -32.15
N LEU C 182 29.15 -12.44 -32.62
CA LEU C 182 27.75 -12.54 -32.06
C LEU C 182 27.66 -12.71 -30.56
N ALA C 183 28.59 -13.48 -29.98
CA ALA C 183 28.62 -13.63 -28.52
C ALA C 183 28.93 -12.38 -27.74
N ARG C 184 29.39 -11.33 -28.44
CA ARG C 184 29.80 -10.11 -27.80
C ARG C 184 28.76 -9.03 -28.04
N VAL C 185 27.62 -9.43 -28.60
CA VAL C 185 26.49 -8.49 -28.78
C VAL C 185 25.36 -9.02 -27.93
N THR C 186 24.87 -8.22 -26.99
CA THR C 186 23.87 -8.73 -26.04
C THR C 186 22.61 -8.98 -26.84
N GLY C 187 21.94 -10.01 -26.50
CA GLY C 187 20.71 -10.21 -27.25
C GLY C 187 20.83 -10.62 -28.73
N ALA C 188 22.04 -10.98 -29.16
CA ALA C 188 22.11 -11.72 -30.47
C ALA C 188 21.20 -12.93 -30.48
N GLY C 189 21.32 -13.78 -29.46
CA GLY C 189 20.49 -14.96 -29.40
C GLY C 189 19.04 -14.63 -29.16
N CYS C 190 18.81 -13.55 -28.42
CA CYS C 190 17.46 -13.09 -28.21
C CYS C 190 16.78 -12.65 -29.51
N LEU C 191 17.53 -11.88 -30.32
CA LEU C 191 17.03 -11.51 -31.61
C LEU C 191 16.79 -12.77 -32.53
N LEU C 192 17.65 -13.78 -32.43
CA LEU C 192 17.43 -14.97 -33.24
C LEU C 192 16.07 -15.62 -32.88
N GLY C 193 15.70 -15.58 -31.61
CA GLY C 193 14.33 -16.04 -31.26
C GLY C 193 13.25 -15.29 -31.99
N GLY C 194 13.41 -13.95 -32.05
CA GLY C 194 12.44 -13.15 -32.78
C GLY C 194 12.45 -13.40 -34.29
N ILE C 195 13.62 -13.62 -34.87
CA ILE C 195 13.72 -13.92 -36.28
C ILE C 195 13.00 -15.25 -36.55
N ILE C 196 13.24 -16.24 -35.70
CA ILE C 196 12.50 -17.51 -35.87
C ILE C 196 10.99 -17.30 -35.83
N ALA C 197 10.52 -16.50 -34.89
CA ALA C 197 9.11 -16.16 -34.85
C ALA C 197 8.64 -15.55 -36.17
N GLY C 198 9.51 -14.71 -36.74
CA GLY C 198 9.22 -14.06 -38.01
C GLY C 198 9.05 -14.97 -39.18
N PHE C 199 9.59 -16.19 -39.07
CA PHE C 199 9.52 -17.19 -40.18
C PHE C 199 8.35 -18.16 -40.01
N LEU C 200 7.52 -17.96 -39.00
CA LEU C 200 6.50 -19.06 -38.72
C LEU C 200 5.23 -18.91 -39.55
N PHE C 201 4.77 -17.70 -39.86
CA PHE C 201 3.54 -17.52 -40.69
C PHE C 201 2.36 -18.34 -40.14
N ARG C 202 2.19 -18.30 -38.82
CA ARG C 202 1.03 -18.84 -38.15
C ARG C 202 0.99 -20.35 -38.25
N GLU C 203 2.09 -21.00 -38.50
CA GLU C 203 2.16 -22.50 -38.46
C GLU C 203 2.55 -22.91 -37.05
N THR C 204 1.65 -23.64 -36.38
CA THR C 204 1.95 -24.09 -35.05
C THR C 204 2.89 -25.33 -35.00
N GLU C 205 3.07 -25.97 -36.13
CA GLU C 205 4.04 -27.07 -36.31
C GLU C 205 4.90 -26.77 -37.54
N PRO C 206 5.88 -25.86 -37.35
CA PRO C 206 6.53 -25.32 -38.51
C PRO C 206 7.39 -26.34 -39.21
N ASP C 207 7.50 -26.17 -40.52
CA ASP C 207 8.37 -27.01 -41.34
C ASP C 207 9.79 -26.81 -40.87
N ILE C 208 10.60 -27.90 -40.78
CA ILE C 208 11.99 -27.74 -40.41
C ILE C 208 12.74 -26.81 -41.39
N GLU C 209 12.26 -26.70 -42.64
CA GLU C 209 12.92 -25.82 -43.62
C GLU C 209 12.78 -24.37 -43.22
N ALA C 210 11.68 -24.00 -42.60
CA ALA C 210 11.52 -22.62 -42.15
C ALA C 210 12.48 -22.33 -41.02
N LEU C 211 12.68 -23.28 -40.12
CA LEU C 211 13.52 -23.10 -38.98
C LEU C 211 14.99 -23.05 -39.50
N ILE C 212 15.33 -23.92 -40.44
CA ILE C 212 16.71 -23.93 -41.02
C ILE C 212 16.96 -22.56 -41.66
N GLU C 213 15.99 -22.05 -42.41
CA GLU C 213 16.17 -20.80 -43.12
C GLU C 213 16.34 -19.63 -42.11
N ALA C 214 15.52 -19.60 -41.07
CA ALA C 214 15.59 -18.51 -40.03
C ALA C 214 16.99 -18.47 -39.42
N VAL C 215 17.51 -19.64 -39.04
CA VAL C 215 18.80 -19.68 -38.32
C VAL C 215 19.89 -19.37 -39.29
N SER C 216 19.76 -19.82 -40.52
CA SER C 216 20.79 -19.62 -41.52
C SER C 216 20.83 -18.18 -41.98
N VAL C 217 19.67 -17.56 -42.22
CA VAL C 217 19.65 -16.17 -42.58
C VAL C 217 20.41 -15.37 -41.52
N PHE C 218 20.13 -15.63 -40.27
CA PHE C 218 20.76 -14.88 -39.19
C PHE C 218 22.26 -15.12 -39.16
N ASN C 219 22.67 -16.38 -39.16
CA ASN C 219 24.08 -16.66 -39.00
C ASN C 219 24.89 -16.36 -40.23
N ILE C 220 24.31 -16.49 -41.45
CA ILE C 220 25.04 -16.08 -42.64
C ILE C 220 25.19 -14.57 -42.64
N ALA C 221 24.14 -13.86 -42.29
CA ALA C 221 24.27 -12.38 -42.18
C ALA C 221 25.40 -12.03 -41.20
N ALA C 222 25.47 -12.72 -40.07
CA ALA C 222 26.54 -12.44 -39.09
C ALA C 222 27.91 -12.69 -39.68
N GLU C 223 28.05 -13.78 -40.37
CA GLU C 223 29.34 -14.10 -41.03
C GLU C 223 29.72 -13.05 -41.99
N VAL C 224 28.82 -12.62 -42.82
CA VAL C 224 29.12 -11.68 -43.85
C VAL C 224 29.40 -10.33 -43.21
N ALA C 225 28.60 -9.92 -42.23
CA ALA C 225 28.85 -8.58 -41.57
C ALA C 225 30.23 -8.52 -40.96
N ALA C 226 30.69 -9.60 -40.39
CA ALA C 226 31.97 -9.60 -39.67
C ALA C 226 33.13 -9.55 -40.68
N GLU C 227 32.89 -9.89 -41.94
CA GLU C 227 33.90 -9.75 -43.03
C GLU C 227 33.96 -8.38 -43.60
N ASN C 228 33.00 -7.50 -43.27
CA ASN C 228 32.99 -6.17 -43.82
C ASN C 228 34.21 -5.37 -43.38
N GLU C 229 34.80 -4.64 -44.30
CA GLU C 229 35.97 -3.87 -44.00
C GLU C 229 35.75 -2.85 -42.88
N ASN C 230 34.50 -2.38 -42.71
CA ASN C 230 34.13 -1.43 -41.67
C ASN C 230 33.66 -2.07 -40.36
N CYS C 231 33.81 -3.40 -40.26
CA CYS C 231 33.60 -4.01 -38.97
C CYS C 231 34.83 -4.01 -38.12
N GLY C 232 34.79 -3.23 -37.06
CA GLY C 232 35.98 -3.04 -36.21
C GLY C 232 35.85 -3.66 -34.84
N GLY C 233 34.73 -4.36 -34.60
CA GLY C 233 34.54 -4.96 -33.32
C GLY C 233 33.07 -5.14 -33.04
N PRO C 234 32.73 -5.53 -31.87
CA PRO C 234 31.34 -5.83 -31.56
C PRO C 234 30.41 -4.62 -31.68
N GLY C 235 30.94 -3.40 -31.49
CA GLY C 235 30.12 -2.20 -31.60
C GLY C 235 29.71 -1.96 -33.01
N THR C 236 30.64 -1.94 -33.94
CA THR C 236 30.31 -1.62 -35.33
C THR C 236 29.63 -2.81 -35.98
N PHE C 237 29.86 -3.99 -35.42
CA PHE C 237 29.25 -5.20 -36.01
C PHE C 237 27.76 -5.16 -35.95
N SER C 238 27.22 -4.66 -34.88
CA SER C 238 25.75 -4.70 -34.73
C SER C 238 24.99 -3.92 -35.83
N PRO C 239 25.34 -2.62 -36.12
CA PRO C 239 24.76 -1.96 -37.24
C PRO C 239 24.96 -2.75 -38.55
N LEU C 240 26.13 -3.31 -38.77
CA LEU C 240 26.44 -3.99 -40.00
C LEU C 240 25.61 -5.27 -40.12
N LEU C 241 25.36 -5.92 -39.00
CA LEU C 241 24.47 -7.14 -39.02
C LEU C 241 23.14 -6.75 -39.57
N LEU C 242 22.59 -5.69 -39.03
CA LEU C 242 21.27 -5.23 -39.50
C LEU C 242 21.29 -4.87 -40.97
N ASP C 243 22.34 -4.19 -41.43
CA ASP C 243 22.45 -3.92 -42.86
C ASP C 243 22.49 -5.19 -43.68
N THR C 244 23.24 -6.15 -43.17
CA THR C 244 23.45 -7.40 -43.92
C THR C 244 22.14 -8.21 -44.01
N LEU C 245 21.39 -8.24 -42.94
CA LEU C 245 20.04 -8.87 -42.98
C LEU C 245 19.18 -8.18 -44.04
N TYR C 246 19.23 -6.85 -44.07
CA TYR C 246 18.42 -6.09 -45.01
C TYR C 246 18.77 -6.39 -46.47
N HIS C 247 20.08 -6.58 -46.77
CA HIS C 247 20.57 -6.81 -48.11
C HIS C 247 20.67 -8.27 -48.52
N LEU C 248 20.54 -9.20 -47.57
CA LEU C 248 20.87 -10.61 -47.89
C LEU C 248 20.13 -11.11 -49.13
N ASN C 249 20.85 -11.72 -50.02
CA ASN C 249 20.27 -12.28 -51.25
C ASN C 249 20.53 -13.74 -51.39
N GLU C 250 19.80 -14.35 -52.32
CA GLU C 250 19.79 -15.76 -52.47
C GLU C 250 21.15 -16.30 -52.86
N THR C 251 21.85 -15.57 -53.68
CA THR C 251 23.19 -15.99 -54.09
C THR C 251 24.12 -16.14 -52.90
N THR C 252 24.14 -15.14 -52.04
CA THR C 252 24.97 -15.23 -50.85
C THR C 252 24.52 -16.37 -49.96
N TYR C 253 23.23 -16.46 -49.73
CA TYR C 253 22.66 -17.53 -48.90
C TYR C 253 23.12 -18.90 -49.39
N GLN C 254 22.95 -19.15 -50.66
CA GLN C 254 23.27 -20.50 -51.21
C GLN C 254 24.79 -20.78 -51.23
N GLN C 255 25.61 -19.74 -51.45
CA GLN C 255 27.04 -19.91 -51.45
C GLN C 255 27.54 -20.19 -50.03
N ARG C 256 26.94 -19.60 -49.02
CA ARG C 256 27.50 -19.64 -47.69
C ARG C 256 26.94 -20.66 -46.75
N ILE C 257 25.71 -21.13 -46.98
CA ILE C 257 25.08 -22.00 -46.01
C ILE C 257 25.91 -23.28 -45.75
N ARG C 258 26.06 -23.64 -44.48
CA ARG C 258 26.79 -24.87 -44.11
C ARG C 258 25.86 -25.73 -43.25
N ILE C 259 25.20 -26.69 -43.87
CA ILE C 259 24.25 -27.57 -43.18
C ILE C 259 24.63 -29.04 -43.35
N GLN C 260 24.43 -29.83 -42.30
CA GLN C 260 24.54 -31.32 -42.39
C GLN C 260 23.37 -31.99 -41.67
N GLU C 261 22.70 -32.91 -42.37
CA GLU C 261 21.73 -33.79 -41.76
C GLU C 261 22.43 -34.80 -40.84
N VAL C 262 21.84 -35.04 -39.67
CA VAL C 262 22.44 -35.93 -38.67
C VAL C 262 21.87 -37.33 -39.01
N MET D 1 -12.93 -7.13 54.92
CA MET D 1 -13.94 -6.68 53.95
C MET D 1 -14.96 -5.65 54.47
N ASN D 2 -14.47 -4.78 55.30
CA ASN D 2 -15.29 -3.74 55.86
C ASN D 2 -15.93 -2.75 54.83
N TYR D 3 -15.10 -2.11 54.03
CA TYR D 3 -15.59 -1.09 53.10
C TYR D 3 -16.46 -1.66 51.99
N LEU D 4 -16.14 -2.85 51.49
CA LEU D 4 -16.92 -3.46 50.45
C LEU D 4 -18.35 -3.69 50.93
N ASN D 5 -18.51 -4.06 52.19
CA ASN D 5 -19.87 -4.25 52.70
C ASN D 5 -20.67 -2.97 52.57
N ASN D 6 -20.04 -1.84 52.86
CA ASN D 6 -20.67 -0.55 52.74
C ASN D 6 -20.96 -0.14 51.32
N ILE D 7 -20.08 -0.49 50.39
CA ILE D 7 -20.37 -0.22 48.99
C ILE D 7 -21.64 -0.94 48.58
N ARG D 8 -21.72 -2.21 48.96
CA ARG D 8 -22.85 -3.01 48.54
C ARG D 8 -24.17 -2.50 49.11
N ILE D 9 -24.12 -1.97 50.32
CA ILE D 9 -25.31 -1.45 50.98
C ILE D 9 -25.67 -0.03 50.54
N GLU D 10 -24.67 0.85 50.41
CA GLU D 10 -24.92 2.27 50.13
C GLU D 10 -24.93 2.65 48.64
N ASN D 11 -24.39 1.79 47.78
CA ASN D 11 -24.45 2.03 46.34
C ASN D 11 -23.91 3.41 45.92
N PRO D 12 -22.66 3.70 46.29
CA PRO D 12 -22.09 5.03 46.07
C PRO D 12 -22.03 5.44 44.60
N LEU D 13 -22.55 6.63 44.34
CA LEU D 13 -22.45 7.21 43.04
C LEU D 13 -20.98 7.60 42.76
N THR D 14 -20.43 7.00 41.71
CA THR D 14 -19.04 7.13 41.39
C THR D 14 -18.94 7.67 39.96
N ILE D 15 -18.47 8.89 39.81
CA ILE D 15 -18.42 9.54 38.53
C ILE D 15 -17.10 9.16 37.86
N CYS D 16 -17.19 8.73 36.60
CA CYS D 16 -15.98 8.36 35.85
C CYS D 16 -15.84 9.21 34.58
N TYR D 17 -14.75 9.96 34.50
CA TYR D 17 -14.30 10.59 33.28
C TYR D 17 -13.10 9.77 32.81
N THR D 18 -13.38 8.76 31.96
CA THR D 18 -12.37 7.79 31.66
C THR D 18 -12.23 7.59 30.19
N ASN D 19 -11.34 6.72 29.79
CA ASN D 19 -10.99 6.61 28.40
C ASN D 19 -11.95 5.78 27.60
N ASP D 20 -11.96 6.03 26.31
CA ASP D 20 -12.92 5.40 25.42
C ASP D 20 -12.78 3.87 25.28
N VAL D 21 -11.66 3.27 25.70
CA VAL D 21 -11.48 1.86 25.52
C VAL D 21 -12.10 1.08 26.67
N VAL D 22 -12.29 1.72 27.81
CA VAL D 22 -12.61 0.98 29.04
C VAL D 22 -13.90 1.46 29.75
N LYS D 23 -14.70 2.33 29.14
CA LYS D 23 -15.91 2.81 29.80
C LYS D 23 -16.84 1.67 30.23
N ASN D 24 -17.18 0.80 29.28
CA ASN D 24 -18.11 -0.28 29.57
C ASN D 24 -17.61 -1.19 30.66
N PHE D 25 -16.34 -1.61 30.56
CA PHE D 25 -15.79 -2.51 31.56
C PHE D 25 -15.68 -1.86 32.92
N THR D 26 -15.28 -0.59 32.95
CA THR D 26 -15.22 0.14 34.21
C THR D 26 -16.60 0.25 34.89
N ALA D 27 -17.61 0.63 34.09
CA ALA D 27 -18.99 0.66 34.62
C ALA D 27 -19.42 -0.71 35.14
N ASN D 28 -19.15 -1.76 34.35
CA ASN D 28 -19.57 -3.10 34.77
C ASN D 28 -18.88 -3.54 36.06
N GLY D 29 -17.61 -3.23 36.16
CA GLY D 29 -16.89 -3.60 37.36
C GLY D 29 -17.39 -2.84 38.59
N LEU D 30 -17.68 -1.56 38.44
CA LEU D 30 -18.29 -0.81 39.51
C LEU D 30 -19.68 -1.34 39.88
N LEU D 31 -20.49 -1.67 38.90
CA LEU D 31 -21.75 -2.34 39.19
C LEU D 31 -21.59 -3.64 39.94
N SER D 32 -20.61 -4.45 39.57
CA SER D 32 -20.40 -5.75 40.18
C SER D 32 -20.10 -5.66 41.67
N ILE D 33 -19.40 -4.61 42.11
CA ILE D 33 -19.16 -4.44 43.54
C ILE D 33 -20.25 -3.66 44.30
N GLY D 34 -21.25 -3.19 43.58
CA GLY D 34 -22.40 -2.52 44.20
C GLY D 34 -22.41 -1.01 44.13
N ALA D 35 -21.40 -0.44 43.47
CA ALA D 35 -21.36 0.97 43.23
C ALA D 35 -22.29 1.37 42.07
N SER D 36 -22.50 2.67 41.93
CA SER D 36 -23.35 3.22 40.91
C SER D 36 -22.50 4.10 39.99
N PRO D 37 -22.04 3.56 38.88
CA PRO D 37 -21.22 4.38 38.02
C PRO D 37 -22.01 5.41 37.23
N ALA D 38 -21.35 6.54 36.93
CA ALA D 38 -21.91 7.47 35.97
C ALA D 38 -20.78 8.06 35.16
N MET D 39 -20.78 7.83 33.86
CA MET D 39 -19.77 8.36 32.96
C MET D 39 -20.21 9.72 32.44
N SER D 40 -20.24 10.69 33.32
CA SER D 40 -20.63 12.05 32.96
C SER D 40 -19.39 12.83 32.57
N GLU D 41 -19.38 13.38 31.36
CA GLU D 41 -18.25 14.17 30.87
C GLU D 41 -18.59 15.65 30.59
N ALA D 42 -19.85 16.04 30.71
CA ALA D 42 -20.24 17.42 30.46
C ALA D 42 -19.94 18.29 31.68
N PRO D 43 -19.06 19.30 31.53
CA PRO D 43 -18.88 20.26 32.60
C PRO D 43 -20.16 21.00 33.05
N GLU D 44 -21.13 21.12 32.14
CA GLU D 44 -22.43 21.76 32.41
C GLU D 44 -23.25 21.04 33.48
N GLU D 45 -23.00 19.75 33.74
CA GLU D 45 -23.76 19.07 34.80
C GLU D 45 -22.90 18.64 35.99
N ALA D 46 -21.65 19.07 36.03
CA ALA D 46 -20.72 18.57 37.05
C ALA D 46 -21.10 19.08 38.44
N GLU D 47 -21.50 20.32 38.54
CA GLU D 47 -21.87 20.81 39.87
C GLU D 47 -23.02 20.00 40.47
N GLU D 48 -24.07 19.75 39.68
CA GLU D 48 -25.22 19.00 40.20
C GLU D 48 -24.90 17.54 40.51
N PHE D 49 -24.14 16.91 39.61
CA PHE D 49 -23.76 15.50 39.83
C PHE D 49 -22.81 15.37 41.01
N TYR D 50 -21.88 16.32 41.16
CA TYR D 50 -20.82 16.16 42.16
C TYR D 50 -21.33 16.32 43.57
N LYS D 51 -22.37 17.14 43.75
CA LYS D 51 -22.94 17.37 45.10
C LYS D 51 -23.39 16.04 45.73
N VAL D 52 -23.88 15.15 44.89
CA VAL D 52 -24.49 13.88 45.32
C VAL D 52 -23.54 12.67 45.11
N ALA D 53 -22.36 12.88 44.54
CA ALA D 53 -21.41 11.78 44.23
C ALA D 53 -20.47 11.55 45.38
N GLN D 54 -19.80 10.39 45.37
CA GLN D 54 -18.87 9.98 46.41
C GLN D 54 -17.42 10.03 45.95
N ALA D 55 -17.20 9.99 44.64
CA ALA D 55 -15.86 10.19 44.10
C ALA D 55 -15.94 10.48 42.62
N LEU D 56 -14.83 10.96 42.07
CA LEU D 56 -14.62 11.17 40.66
C LEU D 56 -13.32 10.50 40.23
N LEU D 57 -13.37 9.68 39.21
CA LEU D 57 -12.18 9.17 38.53
C LEU D 57 -11.88 10.04 37.30
N ILE D 58 -10.66 10.46 37.17
CA ILE D 58 -10.18 11.06 35.94
C ILE D 58 -9.08 10.18 35.39
N ASN D 59 -9.30 9.63 34.19
CA ASN D 59 -8.34 8.75 33.53
C ASN D 59 -8.08 9.31 32.13
N ILE D 60 -6.84 9.57 31.77
CA ILE D 60 -6.50 10.28 30.53
C ILE D 60 -6.06 9.36 29.37
N GLY D 61 -6.46 8.12 29.44
CA GLY D 61 -5.99 7.16 28.45
C GLY D 61 -6.20 7.55 27.00
N THR D 62 -7.29 8.25 26.71
CA THR D 62 -7.55 8.69 25.34
C THR D 62 -7.65 10.21 25.25
N LEU D 63 -6.74 10.88 25.95
CA LEU D 63 -6.70 12.34 26.01
C LEU D 63 -6.60 12.92 24.60
N THR D 64 -7.50 13.85 24.32
CA THR D 64 -7.44 14.66 23.10
C THR D 64 -7.80 16.12 23.44
N ALA D 65 -7.67 17.00 22.45
CA ALA D 65 -8.00 18.42 22.63
C ALA D 65 -9.44 18.63 23.13
N GLN D 66 -10.37 17.80 22.66
CA GLN D 66 -11.74 17.82 23.16
C GLN D 66 -11.86 17.71 24.68
N ASN D 67 -10.94 16.98 25.33
CA ASN D 67 -11.05 16.68 26.74
C ASN D 67 -10.30 17.66 27.62
N GLU D 68 -9.24 18.26 27.09
CA GLU D 68 -8.28 18.95 27.96
C GLU D 68 -8.93 20.00 28.87
N GLN D 69 -9.66 20.93 28.28
CA GLN D 69 -10.19 22.01 29.09
C GLN D 69 -11.31 21.51 29.97
N ASP D 70 -12.07 20.54 29.46
CA ASP D 70 -13.17 19.98 30.23
C ASP D 70 -12.65 19.28 31.50
N ILE D 71 -11.53 18.57 31.36
CA ILE D 71 -10.99 17.85 32.52
C ILE D 71 -10.52 18.83 33.58
N ILE D 72 -9.83 19.88 33.15
CA ILE D 72 -9.41 20.91 34.09
C ILE D 72 -10.62 21.53 34.79
N ALA D 73 -11.64 21.88 34.01
CA ALA D 73 -12.84 22.46 34.58
C ALA D 73 -13.52 21.54 35.60
N ILE D 74 -13.69 20.26 35.27
CA ILE D 74 -14.39 19.40 36.21
C ILE D 74 -13.55 19.09 37.45
N ALA D 75 -12.23 19.07 37.33
CA ALA D 75 -11.41 18.84 38.47
C ALA D 75 -11.58 20.01 39.46
N GLN D 76 -11.69 21.22 38.93
CA GLN D 76 -11.92 22.41 39.77
C GLN D 76 -13.32 22.35 40.39
N THR D 77 -14.29 21.90 39.62
CA THR D 77 -15.62 21.68 40.19
C THR D 77 -15.62 20.64 41.30
N ALA D 78 -14.90 19.55 41.09
CA ALA D 78 -14.77 18.53 42.14
C ALA D 78 -14.14 19.11 43.41
N ASN D 79 -13.07 19.89 43.25
CA ASN D 79 -12.37 20.47 44.42
C ASN D 79 -13.32 21.40 45.19
N GLU D 80 -14.08 22.23 44.46
CA GLU D 80 -15.06 23.13 45.09
C GLU D 80 -16.17 22.39 45.81
N ALA D 81 -16.54 21.22 45.29
CA ALA D 81 -17.60 20.38 45.87
C ALA D 81 -17.10 19.49 47.03
N GLY D 82 -15.78 19.39 47.23
CA GLY D 82 -15.19 18.46 48.20
C GLY D 82 -15.28 17.01 47.72
N LEU D 83 -15.36 16.83 46.42
CA LEU D 83 -15.47 15.48 45.84
C LEU D 83 -14.09 14.89 45.57
N PRO D 84 -13.76 13.75 46.17
CA PRO D 84 -12.35 13.28 46.01
C PRO D 84 -12.11 12.80 44.58
N ILE D 85 -10.90 13.06 44.10
CA ILE D 85 -10.51 12.69 42.75
C ILE D 85 -9.50 11.56 42.80
N VAL D 86 -9.74 10.53 42.00
CA VAL D 86 -8.74 9.52 41.72
C VAL D 86 -8.21 9.85 40.34
N PHE D 87 -6.91 10.06 40.22
CA PHE D 87 -6.31 10.43 38.97
C PHE D 87 -5.44 9.31 38.45
N ASP D 88 -5.70 8.89 37.21
CA ASP D 88 -4.91 7.85 36.51
C ASP D 88 -4.24 8.44 35.29
N PRO D 89 -2.97 8.77 35.40
CA PRO D 89 -2.21 9.40 34.34
C PRO D 89 -1.69 8.39 33.28
N VAL D 90 -2.62 7.73 32.61
CA VAL D 90 -2.29 6.66 31.69
C VAL D 90 -1.26 7.08 30.62
N ALA D 91 -0.18 6.30 30.53
CA ALA D 91 0.83 6.47 29.52
C ALA D 91 1.46 7.86 29.54
N VAL D 92 1.51 8.49 30.71
CA VAL D 92 2.08 9.85 30.80
C VAL D 92 3.52 9.92 30.34
N GLY D 93 4.29 8.87 30.58
CA GLY D 93 5.67 8.80 30.07
C GLY D 93 5.82 8.73 28.54
N ALA D 94 4.74 8.52 27.79
CA ALA D 94 4.83 8.23 26.37
C ALA D 94 4.80 9.47 25.50
N SER D 95 4.36 10.60 26.03
CA SER D 95 4.38 11.81 25.25
C SER D 95 4.53 13.04 26.11
N THR D 96 5.19 14.03 25.54
CA THR D 96 5.20 15.35 26.11
C THR D 96 3.83 15.96 26.25
N TYR D 97 2.96 15.65 25.29
CA TYR D 97 1.56 16.09 25.34
C TYR D 97 0.91 15.66 26.65
N ARG D 98 1.02 14.39 27.00
CA ARG D 98 0.47 13.93 28.25
C ARG D 98 1.21 14.45 29.47
N LYS D 99 2.53 14.48 29.42
CA LYS D 99 3.30 15.05 30.54
C LYS D 99 2.90 16.47 30.84
N GLN D 100 2.77 17.30 29.81
CA GLN D 100 2.41 18.69 30.04
C GLN D 100 1.00 18.77 30.61
N PHE D 101 0.10 17.90 30.15
CA PHE D 101 -1.26 18.00 30.63
C PHE D 101 -1.32 17.58 32.10
N CYS D 102 -0.62 16.52 32.46
CA CYS D 102 -0.71 16.03 33.83
C CYS D 102 -0.12 17.04 34.81
N LYS D 103 0.96 17.67 34.38
CA LYS D 103 1.55 18.75 35.19
C LYS D 103 0.58 19.90 35.40
N LEU D 104 -0.08 20.30 34.33
CA LEU D 104 -1.14 21.31 34.42
C LEU D 104 -2.28 20.88 35.35
N LEU D 105 -2.74 19.66 35.24
CA LEU D 105 -3.86 19.21 36.07
C LEU D 105 -3.48 19.22 37.54
N LEU D 106 -2.30 18.67 37.85
CA LEU D 106 -1.86 18.58 39.23
C LEU D 106 -1.43 19.94 39.80
N LYS D 107 -1.20 20.93 38.96
CA LYS D 107 -1.01 22.33 39.44
C LYS D 107 -2.36 22.96 39.77
N SER D 108 -3.42 22.51 39.09
CA SER D 108 -4.73 23.18 39.03
C SER D 108 -5.71 22.64 40.06
N ALA D 109 -5.47 21.41 40.52
CA ALA D 109 -6.44 20.74 41.40
C ALA D 109 -5.73 19.78 42.35
N LYS D 110 -6.31 19.57 43.51
CA LYS D 110 -5.80 18.64 44.51
C LYS D 110 -6.53 17.35 44.24
N VAL D 111 -5.78 16.30 43.99
CA VAL D 111 -6.41 14.99 43.86
C VAL D 111 -6.19 14.16 45.15
N SER D 112 -7.00 13.13 45.31
CA SER D 112 -7.01 12.32 46.50
C SER D 112 -6.19 11.02 46.38
N VAL D 113 -6.11 10.49 45.18
CA VAL D 113 -5.30 9.32 44.92
C VAL D 113 -4.70 9.50 43.55
N ILE D 114 -3.41 9.21 43.43
CA ILE D 114 -2.76 9.13 42.10
C ILE D 114 -2.39 7.68 41.89
N LYS D 115 -2.91 7.06 40.82
CA LYS D 115 -2.73 5.62 40.57
C LYS D 115 -2.09 5.45 39.22
N GLY D 116 -1.05 4.64 39.13
CA GLY D 116 -0.44 4.34 37.87
C GLY D 116 0.51 3.18 38.00
N ASN D 117 1.12 2.79 36.88
CA ASN D 117 2.20 1.87 36.93
C ASN D 117 3.52 2.62 37.20
N ALA D 118 4.63 1.89 37.41
CA ALA D 118 5.85 2.52 37.91
C ALA D 118 6.41 3.56 36.94
N SER D 119 6.33 3.28 35.65
CA SER D 119 6.76 4.21 34.65
C SER D 119 5.95 5.46 34.61
N GLU D 120 4.66 5.33 34.81
CA GLU D 120 3.79 6.50 34.84
C GLU D 120 4.07 7.39 36.05
N ILE D 121 4.21 6.82 37.25
CA ILE D 121 4.45 7.64 38.42
C ILE D 121 5.86 8.24 38.37
N LEU D 122 6.84 7.47 37.92
CA LEU D 122 8.17 7.99 37.71
C LEU D 122 8.16 9.20 36.76
N ALA D 123 7.40 9.10 35.66
CA ALA D 123 7.40 10.16 34.66
C ALA D 123 6.77 11.43 35.24
N LEU D 124 5.81 11.28 36.10
CA LEU D 124 5.22 12.44 36.77
C LEU D 124 6.24 13.16 37.64
N ILE D 125 7.01 12.41 38.42
CA ILE D 125 7.92 13.05 39.36
C ILE D 125 9.20 13.49 38.68
N ASP D 126 9.55 12.81 37.60
CA ASP D 126 10.76 13.02 36.84
C ASP D 126 10.34 13.14 35.37
N ASP D 127 10.49 14.33 34.79
CA ASP D 127 9.91 14.61 33.48
C ASP D 127 10.64 13.91 32.32
N THR D 128 11.91 13.54 32.54
CA THR D 128 12.72 12.85 31.49
C THR D 128 12.37 11.37 31.28
N ALA D 129 11.55 10.78 32.17
CA ALA D 129 11.29 9.33 32.12
C ALA D 129 10.33 8.99 30.99
N THR D 130 10.49 7.79 30.47
CA THR D 130 9.87 7.38 29.21
C THR D 130 9.17 6.00 29.32
N MET D 131 8.21 5.77 28.40
CA MET D 131 7.49 4.49 28.32
C MET D 131 6.78 4.34 26.97
N LYS D 132 6.46 3.09 26.56
CA LYS D 132 5.52 2.79 25.42
C LYS D 132 3.98 2.91 25.70
N GLY D 133 3.56 2.86 26.99
CA GLY D 133 2.15 2.67 27.40
C GLY D 133 2.00 1.49 28.41
N THR D 134 2.84 0.49 28.22
CA THR D 134 3.14 -0.47 29.28
C THR D 134 4.32 0.10 30.12
N ASP D 135 4.44 -0.38 31.34
CA ASP D 135 5.54 0.02 32.21
C ASP D 135 6.91 -0.51 31.74
N SER D 136 7.95 0.31 31.90
CA SER D 136 9.33 -0.18 31.78
C SER D 136 9.76 -1.14 32.93
N ASN D 139 12.10 -2.91 35.58
CA ASN D 139 12.88 -3.07 36.81
C ASN D 139 12.94 -1.76 37.64
N LEU D 140 11.81 -1.11 37.78
CA LEU D 140 11.71 0.11 38.55
C LEU D 140 11.45 -0.21 40.02
N ASP D 141 11.94 0.65 40.89
CA ASP D 141 11.83 0.43 42.33
C ASP D 141 10.55 1.11 42.86
N ALA D 142 9.44 0.38 42.86
CA ALA D 142 8.14 1.01 43.05
C ALA D 142 7.93 1.65 44.45
N VAL D 143 8.45 1.04 45.51
CA VAL D 143 8.30 1.62 46.85
C VAL D 143 9.01 2.99 46.90
N THR D 144 10.22 3.02 46.39
CA THR D 144 10.98 4.28 46.38
C THR D 144 10.30 5.35 45.54
N ILE D 145 9.81 4.98 44.36
CA ILE D 145 9.10 5.91 43.49
C ILE D 145 7.83 6.44 44.18
N ALA D 146 7.07 5.52 44.79
CA ALA D 146 5.85 5.92 45.46
C ALA D 146 6.06 6.85 46.60
N LYS D 147 7.08 6.59 47.40
CA LYS D 147 7.39 7.45 48.56
C LYS D 147 7.83 8.85 48.09
N LYS D 148 8.62 8.89 47.03
CA LYS D 148 9.00 10.19 46.44
C LYS D 148 7.80 10.94 45.93
N ALA D 149 6.88 10.24 45.24
CA ALA D 149 5.72 10.88 44.76
C ALA D 149 4.86 11.39 45.89
N TYR D 150 4.75 10.62 46.95
CA TYR D 150 3.97 11.08 48.12
C TYR D 150 4.58 12.38 48.71
N ALA D 151 5.89 12.45 48.79
CA ALA D 151 6.58 13.62 49.36
C ALA D 151 6.26 14.84 48.50
N ILE D 152 6.19 14.64 47.20
CA ILE D 152 5.88 15.74 46.27
C ILE D 152 4.43 16.18 46.33
N TYR D 153 3.47 15.24 46.25
CA TYR D 153 2.07 15.58 46.06
C TYR D 153 1.24 15.54 47.36
N LYS D 154 1.77 14.92 48.39
CA LYS D 154 1.09 14.73 49.70
C LYS D 154 -0.31 14.21 49.48
N THR D 155 -0.33 13.18 48.66
CA THR D 155 -1.56 12.58 48.16
C THR D 155 -1.26 11.09 48.11
N ALA D 156 -2.22 10.27 48.47
CA ALA D 156 -2.05 8.83 48.36
C ALA D 156 -1.58 8.40 46.96
N ILE D 157 -0.64 7.47 46.93
CA ILE D 157 -0.06 6.97 45.72
C ILE D 157 -0.29 5.47 45.66
N VAL D 158 -0.82 5.02 44.53
CA VAL D 158 -0.96 3.60 44.28
C VAL D 158 -0.16 3.27 43.02
N ILE D 159 0.84 2.42 43.13
CA ILE D 159 1.63 1.95 41.99
C ILE D 159 1.33 0.50 41.74
N THR D 160 0.68 0.23 40.63
CA THR D 160 0.37 -1.12 40.22
C THR D 160 1.55 -1.79 39.53
N GLY D 161 1.66 -3.09 39.70
CA GLY D 161 2.76 -3.83 39.12
C GLY D 161 2.57 -5.30 39.50
N LYS D 162 3.62 -6.08 39.36
CA LYS D 162 3.56 -7.47 39.78
C LYS D 162 3.11 -7.55 41.24
N GLU D 163 3.75 -6.71 42.05
CA GLU D 163 3.25 -6.41 43.37
C GLU D 163 2.75 -4.96 43.35
N ASP D 164 1.67 -4.69 44.06
CA ASP D 164 1.15 -3.34 44.08
C ASP D 164 1.63 -2.64 45.33
N VAL D 165 1.89 -1.34 45.19
CA VAL D 165 2.37 -0.54 46.30
C VAL D 165 1.41 0.57 46.62
N ILE D 166 1.14 0.84 47.90
CA ILE D 166 0.31 1.95 48.30
C ILE D 166 1.03 2.72 49.38
N VAL D 167 1.13 4.04 49.18
CA VAL D 167 1.66 4.91 50.21
C VAL D 167 0.58 5.92 50.58
N GLN D 168 0.24 6.01 51.87
CA GLN D 168 -0.68 7.00 52.35
C GLN D 168 -0.32 7.30 53.77
N GLY D 169 -0.20 8.58 54.07
CA GLY D 169 0.19 9.00 55.41
C GLY D 169 1.50 8.37 55.76
N ASP D 170 1.59 7.84 56.96
CA ASP D 170 2.87 7.36 57.47
C ASP D 170 3.15 5.87 57.21
N LYS D 171 2.47 5.30 56.25
CA LYS D 171 2.72 3.92 55.90
C LYS D 171 2.90 3.70 54.41
N ALA D 172 3.68 2.66 54.09
CA ALA D 172 3.80 2.11 52.75
C ALA D 172 3.62 0.61 52.81
N ILE D 173 2.83 0.09 51.89
CA ILE D 173 2.47 -1.33 51.93
C ILE D 173 2.71 -1.91 50.56
N VAL D 174 3.18 -3.14 50.54
CA VAL D 174 3.34 -3.90 49.30
C VAL D 174 2.41 -5.11 49.36
N LEU D 175 1.56 -5.22 48.34
CA LEU D 175 0.53 -6.28 48.28
C LEU D 175 0.96 -7.27 47.21
N ALA D 176 0.53 -8.54 47.34
CA ALA D 176 0.99 -9.54 46.34
C ALA D 176 -0.14 -10.50 45.92
N ASN D 177 -1.29 -9.97 45.55
CA ASN D 177 -2.37 -10.81 45.02
C ASN D 177 -2.55 -10.52 43.54
N GLY D 178 -3.25 -11.40 42.83
CA GLY D 178 -3.64 -11.11 41.46
C GLY D 178 -3.43 -12.30 40.53
N SER D 179 -3.42 -12.00 39.25
CA SER D 179 -3.24 -13.02 38.22
C SER D 179 -2.53 -12.37 37.07
N PRO D 180 -1.71 -13.15 36.37
CA PRO D 180 -1.11 -12.67 35.13
C PRO D 180 -2.14 -12.39 34.03
N LEU D 181 -3.31 -13.03 34.09
CA LEU D 181 -4.33 -12.75 33.05
C LEU D 181 -4.84 -11.31 33.10
N LEU D 182 -4.72 -10.63 34.22
CA LEU D 182 -5.11 -9.18 34.24
C LEU D 182 -4.41 -8.33 33.24
N ALA D 183 -3.15 -8.63 32.96
CA ALA D 183 -2.40 -7.84 31.98
C ALA D 183 -2.84 -8.07 30.55
N ARG D 184 -3.69 -9.07 30.33
CA ARG D 184 -4.14 -9.42 28.99
C ARG D 184 -5.57 -8.93 28.78
N VAL D 185 -6.09 -8.19 29.76
CA VAL D 185 -7.42 -7.59 29.64
C VAL D 185 -7.23 -6.12 29.61
N THR D 186 -7.66 -5.48 28.55
CA THR D 186 -7.41 -4.08 28.43
C THR D 186 -8.23 -3.36 29.50
N GLY D 187 -7.65 -2.33 30.07
CA GLY D 187 -8.45 -1.63 31.07
C GLY D 187 -8.64 -2.34 32.44
N ALA D 188 -7.95 -3.45 32.67
CA ALA D 188 -7.89 -3.99 34.05
C ALA D 188 -7.43 -2.91 35.03
N GLY D 189 -6.33 -2.25 34.70
CA GLY D 189 -5.84 -1.18 35.55
C GLY D 189 -6.76 0.02 35.57
N CYS D 190 -7.42 0.29 34.46
CA CYS D 190 -8.32 1.40 34.40
C CYS D 190 -9.52 1.12 35.29
N LEU D 191 -10.02 -0.12 35.28
CA LEU D 191 -11.12 -0.51 36.14
C LEU D 191 -10.66 -0.40 37.61
N LEU D 192 -9.43 -0.80 37.91
CA LEU D 192 -8.97 -0.63 39.28
C LEU D 192 -9.04 0.79 39.76
N GLY D 193 -8.75 1.76 38.90
CA GLY D 193 -8.92 3.15 39.28
C GLY D 193 -10.33 3.43 39.70
N GLY D 194 -11.26 2.92 38.92
CA GLY D 194 -12.66 3.07 39.25
C GLY D 194 -13.07 2.40 40.53
N ILE D 195 -12.56 1.20 40.75
CA ILE D 195 -12.83 0.50 41.99
C ILE D 195 -12.32 1.29 43.18
N ILE D 196 -11.08 1.83 43.08
CA ILE D 196 -10.59 2.66 44.12
C ILE D 196 -11.52 3.87 44.38
N ALA D 197 -12.00 4.52 43.31
CA ALA D 197 -12.92 5.65 43.48
C ALA D 197 -14.17 5.19 44.23
N GLY D 198 -14.58 3.95 43.97
CA GLY D 198 -15.72 3.36 44.67
C GLY D 198 -15.57 3.17 46.16
N PHE D 199 -14.34 3.12 46.64
CA PHE D 199 -14.06 2.90 48.05
C PHE D 199 -13.86 4.20 48.84
N LEU D 200 -13.94 5.36 48.19
CA LEU D 200 -13.60 6.58 48.85
C LEU D 200 -14.66 7.22 49.76
N PHE D 201 -15.94 7.07 49.41
CA PHE D 201 -17.03 7.58 50.29
C PHE D 201 -16.87 9.06 50.64
N ARG D 202 -16.47 9.84 49.65
CA ARG D 202 -16.32 11.29 49.75
C ARG D 202 -15.24 11.75 50.75
N GLU D 203 -14.28 10.87 51.07
CA GLU D 203 -13.11 11.23 51.90
C GLU D 203 -11.97 11.72 51.03
N THR D 204 -11.59 12.98 51.19
CA THR D 204 -10.58 13.54 50.34
C THR D 204 -9.18 13.11 50.75
N GLU D 205 -9.06 12.57 51.96
CA GLU D 205 -7.81 11.99 52.46
C GLU D 205 -8.15 10.58 52.93
N PRO D 206 -8.27 9.66 51.97
CA PRO D 206 -8.77 8.34 52.36
C PRO D 206 -7.85 7.57 53.28
N ASP D 207 -8.44 6.79 54.17
CA ASP D 207 -7.69 5.90 54.97
C ASP D 207 -6.94 4.84 54.12
N ILE D 208 -5.70 4.53 54.50
CA ILE D 208 -4.95 3.53 53.75
C ILE D 208 -5.66 2.16 53.77
N GLU D 209 -6.44 1.91 54.80
CA GLU D 209 -7.19 0.63 54.86
C GLU D 209 -8.22 0.54 53.74
N ALA D 210 -8.81 1.67 53.32
CA ALA D 210 -9.74 1.66 52.18
C ALA D 210 -9.03 1.34 50.86
N LEU D 211 -7.88 1.96 50.66
CA LEU D 211 -7.07 1.70 49.50
C LEU D 211 -6.58 0.25 49.44
N ILE D 212 -6.17 -0.28 50.58
CA ILE D 212 -5.70 -1.67 50.67
C ILE D 212 -6.83 -2.61 50.31
N GLU D 213 -8.03 -2.31 50.82
CA GLU D 213 -9.16 -3.16 50.56
C GLU D 213 -9.57 -3.08 49.10
N ALA D 214 -9.53 -1.89 48.50
CA ALA D 214 -9.91 -1.75 47.09
C ALA D 214 -9.02 -2.60 46.19
N VAL D 215 -7.71 -2.44 46.37
CA VAL D 215 -6.73 -3.18 45.56
C VAL D 215 -6.81 -4.66 45.83
N SER D 216 -7.00 -5.05 47.07
CA SER D 216 -7.06 -6.48 47.45
C SER D 216 -8.33 -7.14 46.95
N VAL D 217 -9.46 -6.49 47.07
CA VAL D 217 -10.70 -7.01 46.50
C VAL D 217 -10.51 -7.31 45.01
N PHE D 218 -9.98 -6.35 44.26
CA PHE D 218 -9.76 -6.53 42.85
C PHE D 218 -8.84 -7.66 42.52
N ASN D 219 -7.69 -7.70 43.15
CA ASN D 219 -6.69 -8.70 42.85
C ASN D 219 -7.00 -10.08 43.39
N ILE D 220 -7.70 -10.16 44.50
CA ILE D 220 -8.18 -11.47 44.98
C ILE D 220 -9.25 -12.00 44.06
N ALA D 221 -10.17 -11.13 43.65
CA ALA D 221 -11.19 -11.58 42.68
C ALA D 221 -10.54 -12.10 41.41
N ALA D 222 -9.48 -11.44 40.97
CA ALA D 222 -8.73 -11.90 39.79
C ALA D 222 -8.09 -13.26 39.99
N GLU D 223 -7.50 -13.47 41.15
CA GLU D 223 -6.91 -14.74 41.50
C GLU D 223 -7.92 -15.87 41.53
N VAL D 224 -9.07 -15.64 42.14
CA VAL D 224 -10.11 -16.62 42.22
C VAL D 224 -10.73 -16.91 40.84
N ALA D 225 -10.97 -15.87 40.06
CA ALA D 225 -11.53 -16.03 38.72
C ALA D 225 -10.61 -16.89 37.83
N ALA D 226 -9.32 -16.69 37.95
CA ALA D 226 -8.34 -17.40 37.13
C ALA D 226 -8.25 -18.87 37.50
N GLU D 227 -8.69 -19.21 38.72
CA GLU D 227 -8.69 -20.59 39.20
C GLU D 227 -9.94 -21.34 38.79
N ASN D 228 -10.93 -20.63 38.26
CA ASN D 228 -12.18 -21.24 37.90
C ASN D 228 -11.96 -22.23 36.77
N GLU D 229 -12.59 -23.39 36.88
CA GLU D 229 -12.48 -24.43 35.87
C GLU D 229 -12.92 -23.96 34.46
N ASN D 230 -13.78 -22.95 34.39
CA ASN D 230 -14.23 -22.37 33.12
C ASN D 230 -13.39 -21.20 32.60
N CYS D 231 -12.29 -20.87 33.28
CA CYS D 231 -11.40 -19.83 32.79
C CYS D 231 -10.40 -20.44 31.82
N GLY D 232 -10.55 -20.12 30.54
CA GLY D 232 -9.75 -20.73 29.48
C GLY D 232 -8.76 -19.76 28.87
N GLY D 233 -8.68 -18.56 29.43
CA GLY D 233 -7.83 -17.54 28.85
C GLY D 233 -8.34 -16.17 29.17
N PRO D 234 -7.69 -15.15 28.60
CA PRO D 234 -8.10 -13.76 28.89
C PRO D 234 -9.51 -13.40 28.49
N GLY D 235 -10.05 -14.05 27.48
CA GLY D 235 -11.44 -13.77 27.06
C GLY D 235 -12.45 -14.23 28.07
N THR D 236 -12.38 -15.48 28.48
CA THR D 236 -13.34 -15.97 29.44
C THR D 236 -13.08 -15.44 30.84
N PHE D 237 -11.83 -15.08 31.11
CA PHE D 237 -11.48 -14.51 32.39
C PHE D 237 -12.29 -13.27 32.75
N SER D 238 -12.52 -12.39 31.77
CA SER D 238 -13.12 -11.12 32.11
C SER D 238 -14.57 -11.28 32.71
N PRO D 239 -15.47 -11.99 32.02
CA PRO D 239 -16.77 -12.27 32.64
C PRO D 239 -16.65 -12.95 34.01
N LEU D 240 -15.69 -13.87 34.17
CA LEU D 240 -15.51 -14.52 35.45
C LEU D 240 -15.02 -13.58 36.54
N LEU D 241 -14.18 -12.61 36.18
CA LEU D 241 -13.71 -11.60 37.13
C LEU D 241 -14.89 -10.78 37.68
N LEU D 242 -15.76 -10.36 36.77
CA LEU D 242 -16.96 -9.62 37.19
C LEU D 242 -17.86 -10.48 38.10
N ASP D 243 -18.02 -11.75 37.76
CA ASP D 243 -18.83 -12.63 38.65
C ASP D 243 -18.18 -12.72 40.01
N THR D 244 -16.85 -12.83 40.03
CA THR D 244 -16.13 -13.07 41.28
C THR D 244 -16.20 -11.83 42.18
N LEU D 245 -16.11 -10.64 41.58
CA LEU D 245 -16.30 -9.41 42.32
C LEU D 245 -17.69 -9.36 42.95
N TYR D 246 -18.68 -9.82 42.18
CA TYR D 246 -20.04 -9.73 42.59
C TYR D 246 -20.32 -10.61 43.81
N HIS D 247 -19.68 -11.75 43.84
CA HIS D 247 -19.89 -12.72 44.92
C HIS D 247 -18.87 -12.67 46.06
N LEU D 248 -17.79 -11.92 45.91
CA LEU D 248 -16.70 -12.04 46.84
C LEU D 248 -17.15 -11.87 48.31
N ASN D 249 -16.72 -12.77 49.18
CA ASN D 249 -17.12 -12.71 50.59
C ASN D 249 -15.93 -12.51 51.52
N GLU D 250 -16.23 -12.29 52.81
CA GLU D 250 -15.20 -11.99 53.81
C GLU D 250 -14.26 -13.17 54.03
N THR D 251 -14.82 -14.36 53.99
CA THR D 251 -14.00 -15.55 54.21
C THR D 251 -12.92 -15.70 53.15
N THR D 252 -13.34 -15.59 51.89
CA THR D 252 -12.37 -15.69 50.79
C THR D 252 -11.35 -14.58 50.93
N TYR D 253 -11.81 -13.38 51.23
CA TYR D 253 -10.92 -12.22 51.28
C TYR D 253 -9.84 -12.46 52.34
N GLN D 254 -10.27 -12.84 53.55
CA GLN D 254 -9.33 -13.06 54.63
C GLN D 254 -8.39 -14.23 54.38
N GLN D 255 -8.88 -15.29 53.73
CA GLN D 255 -8.02 -16.45 53.44
C GLN D 255 -6.98 -16.15 52.37
N ARG D 256 -7.31 -15.29 51.42
CA ARG D 256 -6.43 -15.10 50.26
C ARG D 256 -5.53 -13.87 50.33
N ILE D 257 -5.87 -12.88 51.12
CA ILE D 257 -5.09 -11.62 51.09
C ILE D 257 -3.62 -11.87 51.43
N ARG D 258 -2.72 -11.30 50.63
CA ARG D 258 -1.29 -11.47 50.85
C ARG D 258 -0.63 -10.10 50.96
N ILE D 259 -0.24 -9.74 52.17
CA ILE D 259 0.56 -8.55 52.36
C ILE D 259 2.05 -8.94 52.33
N GLN D 260 2.83 -8.33 51.47
CA GLN D 260 4.21 -8.71 51.32
C GLN D 260 5.08 -8.00 52.35
N GLU D 261 4.88 -6.70 52.50
CA GLU D 261 5.68 -5.95 53.46
C GLU D 261 5.00 -4.61 53.77
N VAL D 262 5.23 -4.12 54.97
CA VAL D 262 4.76 -2.80 55.37
C VAL D 262 5.96 -2.09 55.91
N GLU D 263 6.17 -0.84 55.49
CA GLU D 263 7.17 -0.07 56.08
C GLU D 263 6.66 1.32 56.47
N GLU D 264 7.42 1.95 57.35
CA GLU D 264 7.07 3.32 57.76
C GLU D 264 7.36 4.30 56.60
N ASN D 265 6.57 5.37 56.51
CA ASN D 265 6.78 6.40 55.51
C ASN D 265 6.86 7.70 56.33
N LEU D 266 8.04 8.26 56.45
CA LEU D 266 8.18 9.51 57.21
C LEU D 266 8.00 10.68 56.24
N TYR D 267 7.03 11.55 56.52
CA TYR D 267 6.78 12.71 55.68
C TYR D 267 7.01 13.96 56.51
N PHE D 268 7.26 15.05 55.80
CA PHE D 268 7.64 16.33 56.44
C PHE D 268 6.49 17.34 56.41
N GLN D 269 6.20 17.88 57.59
CA GLN D 269 5.32 19.04 57.90
C GLN D 269 3.84 18.67 57.96
N MET E 1 3.10 -20.54 11.36
CA MET E 1 2.97 -19.57 12.48
C MET E 1 4.23 -18.77 12.87
N ASN E 2 5.01 -18.40 11.86
CA ASN E 2 6.27 -17.65 12.10
C ASN E 2 6.03 -16.25 12.73
N TYR E 3 5.19 -15.42 12.07
CA TYR E 3 5.00 -14.04 12.53
C TYR E 3 4.33 -13.95 13.91
N LEU E 4 3.38 -14.83 14.20
CA LEU E 4 2.69 -14.81 15.47
C LEU E 4 3.62 -15.07 16.64
N ASN E 5 4.60 -15.94 16.44
CA ASN E 5 5.61 -16.14 17.47
C ASN E 5 6.34 -14.84 17.79
N ASN E 6 6.65 -14.07 16.76
CA ASN E 6 7.33 -12.80 16.94
C ASN E 6 6.48 -11.75 17.59
N ILE E 7 5.16 -11.74 17.30
CA ILE E 7 4.30 -10.83 18.05
C ILE E 7 4.33 -11.15 19.52
N ARG E 8 4.21 -12.43 19.85
CA ARG E 8 4.11 -12.81 21.24
C ARG E 8 5.41 -12.46 22.04
N ILE E 9 6.52 -12.54 21.36
CA ILE E 9 7.83 -12.24 22.01
C ILE E 9 8.16 -10.76 22.03
N GLU E 10 7.90 -10.07 20.91
CA GLU E 10 8.27 -8.65 20.74
C GLU E 10 7.24 -7.63 21.23
N ASN E 11 5.98 -8.06 21.37
CA ASN E 11 4.91 -7.18 21.88
C ASN E 11 4.79 -5.84 21.12
N PRO E 12 4.59 -5.91 19.79
CA PRO E 12 4.61 -4.71 18.92
C PRO E 12 3.56 -3.67 19.29
N LEU E 13 4.00 -2.45 19.51
CA LEU E 13 3.12 -1.35 19.78
C LEU E 13 2.34 -1.06 18.49
N THR E 14 1.02 -1.17 18.62
CA THR E 14 0.14 -1.08 17.48
C THR E 14 -0.89 0.01 17.79
N ILE E 15 -0.80 1.12 17.07
CA ILE E 15 -1.67 2.27 17.34
C ILE E 15 -2.99 2.07 16.58
N CYS E 16 -4.10 2.25 17.28
CA CYS E 16 -5.41 2.12 16.65
C CYS E 16 -6.22 3.40 16.75
N TYR E 17 -6.54 3.97 15.57
CA TYR E 17 -7.52 5.04 15.46
C TYR E 17 -8.74 4.39 14.85
N THR E 18 -9.64 3.97 15.70
CA THR E 18 -10.71 3.12 15.27
C THR E 18 -12.02 3.61 15.79
N ASN E 19 -13.08 2.90 15.44
CA ASN E 19 -14.39 3.39 15.72
C ASN E 19 -14.85 3.12 17.15
N ASP E 20 -15.82 3.89 17.61
CA ASP E 20 -16.26 3.87 19.00
C ASP E 20 -16.97 2.58 19.44
N VAL E 21 -17.37 1.74 18.49
CA VAL E 21 -18.08 0.57 18.84
C VAL E 21 -17.12 -0.59 19.15
N VAL E 22 -15.88 -0.49 18.68
CA VAL E 22 -15.03 -1.68 18.63
C VAL E 22 -13.67 -1.45 19.34
N LYS E 23 -13.49 -0.33 20.02
CA LYS E 23 -12.17 -0.03 20.65
C LYS E 23 -11.78 -1.07 21.71
N ASN E 24 -12.68 -1.42 22.59
CA ASN E 24 -12.37 -2.38 23.65
C ASN E 24 -12.05 -3.72 23.02
N PHE E 25 -12.88 -4.20 22.09
CA PHE E 25 -12.65 -5.49 21.52
C PHE E 25 -11.36 -5.53 20.74
N THR E 26 -11.08 -4.49 19.97
CA THR E 26 -9.90 -4.44 19.18
C THR E 26 -8.68 -4.50 20.12
N ALA E 27 -8.70 -3.72 21.18
CA ALA E 27 -7.54 -3.73 22.14
C ALA E 27 -7.41 -5.13 22.78
N ASN E 28 -8.51 -5.75 23.14
CA ASN E 28 -8.45 -7.07 23.72
C ASN E 28 -7.91 -8.08 22.72
N GLY E 29 -8.31 -8.01 21.46
CA GLY E 29 -7.88 -8.98 20.51
C GLY E 29 -6.39 -8.82 20.29
N LEU E 30 -5.93 -7.59 20.22
CA LEU E 30 -4.49 -7.35 20.04
C LEU E 30 -3.73 -7.85 21.28
N LEU E 31 -4.22 -7.56 22.45
CA LEU E 31 -3.62 -8.13 23.70
C LEU E 31 -3.55 -9.65 23.63
N SER E 32 -4.61 -10.30 23.10
CA SER E 32 -4.67 -11.74 23.12
C SER E 32 -3.56 -12.34 22.31
N ILE E 33 -3.18 -11.71 21.21
CA ILE E 33 -2.12 -12.25 20.35
C ILE E 33 -0.73 -11.75 20.78
N GLY E 34 -0.67 -10.89 21.76
CA GLY E 34 0.61 -10.45 22.42
C GLY E 34 1.07 -9.08 21.97
N ALA E 35 0.29 -8.42 21.12
CA ALA E 35 0.59 -7.07 20.71
C ALA E 35 0.24 -6.09 21.84
N SER E 36 0.73 -4.86 21.69
CA SER E 36 0.51 -3.81 22.67
C SER E 36 -0.33 -2.68 22.05
N PRO E 37 -1.65 -2.67 22.33
CA PRO E 37 -2.48 -1.72 21.57
C PRO E 37 -2.42 -0.37 22.27
N ALA E 38 -2.56 0.68 21.49
CA ALA E 38 -2.70 2.02 22.05
C ALA E 38 -3.69 2.77 21.16
N MET E 39 -4.82 3.16 21.75
CA MET E 39 -5.82 3.92 21.06
C MET E 39 -5.51 5.40 21.26
N SER E 40 -4.47 5.86 20.61
CA SER E 40 -4.14 7.25 20.64
C SER E 40 -4.77 7.97 19.45
N GLU E 41 -5.52 9.03 19.72
CA GLU E 41 -6.22 9.80 18.67
C GLU E 41 -5.75 11.25 18.59
N ALA E 42 -4.89 11.69 19.50
CA ALA E 42 -4.47 13.09 19.52
C ALA E 42 -3.35 13.28 18.53
N PRO E 43 -3.55 14.18 17.53
CA PRO E 43 -2.46 14.48 16.62
C PRO E 43 -1.23 15.04 17.31
N GLU E 44 -1.44 15.70 18.44
CA GLU E 44 -0.36 16.28 19.25
C GLU E 44 0.67 15.25 19.78
N GLU E 45 0.29 13.98 19.89
CA GLU E 45 1.25 12.99 20.37
C GLU E 45 1.63 11.97 19.30
N ALA E 46 1.18 12.17 18.07
CA ALA E 46 1.42 11.20 17.03
C ALA E 46 2.90 11.06 16.68
N GLU E 47 3.61 12.17 16.57
CA GLU E 47 5.02 12.09 16.18
C GLU E 47 5.81 11.25 17.21
N GLU E 48 5.60 11.51 18.50
CA GLU E 48 6.29 10.73 19.55
C GLU E 48 5.86 9.25 19.64
N PHE E 49 4.56 8.97 19.59
CA PHE E 49 4.07 7.59 19.57
C PHE E 49 4.54 6.83 18.32
N TYR E 50 4.49 7.46 17.16
CA TYR E 50 4.69 6.74 15.90
C TYR E 50 6.16 6.32 15.73
N LYS E 51 7.08 7.10 16.28
CA LYS E 51 8.52 6.78 16.18
C LYS E 51 8.82 5.39 16.77
N VAL E 52 8.07 5.02 17.81
CA VAL E 52 8.30 3.76 18.53
C VAL E 52 7.22 2.68 18.22
N ALA E 53 6.23 2.99 17.36
CA ALA E 53 5.15 2.03 17.02
C ALA E 53 5.54 1.18 15.83
N GLN E 54 4.83 0.08 15.63
CA GLN E 54 5.08 -0.82 14.52
C GLN E 54 4.03 -0.74 13.39
N ALA E 55 2.86 -0.21 13.71
CA ALA E 55 1.81 0.02 12.70
C ALA E 55 0.74 0.93 13.28
N LEU E 56 -0.07 1.47 12.37
CA LEU E 56 -1.24 2.28 12.68
C LEU E 56 -2.43 1.71 11.93
N LEU E 57 -3.52 1.46 12.64
CA LEU E 57 -4.81 1.17 12.05
C LEU E 57 -5.65 2.44 12.00
N ILE E 58 -6.23 2.74 10.84
CA ILE E 58 -7.25 3.79 10.71
C ILE E 58 -8.52 3.14 10.22
N ASN E 59 -9.56 3.20 11.04
CA ASN E 59 -10.84 2.59 10.75
C ASN E 59 -11.88 3.71 10.90
N ILE E 60 -12.71 3.91 9.86
CA ILE E 60 -13.62 5.10 9.83
C ILE E 60 -15.06 4.77 10.19
N GLY E 61 -15.26 3.67 10.89
CA GLY E 61 -16.59 3.25 11.18
C GLY E 61 -17.50 4.31 11.78
N THR E 62 -16.98 5.17 12.65
CA THR E 62 -17.80 6.18 13.28
C THR E 62 -17.31 7.57 12.89
N LEU E 63 -16.95 7.73 11.63
CA LEU E 63 -16.43 9.00 11.12
C LEU E 63 -17.39 10.16 11.35
N THR E 64 -16.87 11.23 11.93
CA THR E 64 -17.60 12.48 12.10
C THR E 64 -16.65 13.65 11.86
N ALA E 65 -17.19 14.87 11.83
CA ALA E 65 -16.42 16.07 11.57
C ALA E 65 -15.25 16.20 12.55
N GLN E 66 -15.47 15.81 13.81
CA GLN E 66 -14.42 15.80 14.87
C GLN E 66 -13.14 15.02 14.40
N ASN E 67 -13.32 13.95 13.60
CA ASN E 67 -12.23 13.05 13.20
C ASN E 67 -11.57 13.41 11.91
N GLU E 68 -12.28 14.07 10.99
CA GLU E 68 -11.79 14.17 9.62
C GLU E 68 -10.39 14.74 9.52
N GLN E 69 -10.17 15.93 10.06
CA GLN E 69 -8.90 16.63 9.89
C GLN E 69 -7.82 15.87 10.64
N ASP E 70 -8.18 15.35 11.82
CA ASP E 70 -7.23 14.61 12.66
C ASP E 70 -6.73 13.36 11.96
N ILE E 71 -7.62 12.65 11.28
CA ILE E 71 -7.22 11.44 10.56
C ILE E 71 -6.25 11.78 9.42
N ILE E 72 -6.56 12.83 8.65
CA ILE E 72 -5.65 13.25 7.58
C ILE E 72 -4.31 13.63 8.18
N ALA E 73 -4.30 14.39 9.26
CA ALA E 73 -3.05 14.81 9.87
C ALA E 73 -2.23 13.61 10.37
N ILE E 74 -2.86 12.66 11.07
CA ILE E 74 -2.07 11.54 11.60
C ILE E 74 -1.60 10.60 10.50
N ALA E 75 -2.34 10.50 9.41
CA ALA E 75 -1.90 9.67 8.30
C ALA E 75 -0.62 10.27 7.70
N GLN E 76 -0.55 11.59 7.65
CA GLN E 76 0.67 12.21 7.16
C GLN E 76 1.79 11.99 8.12
N THR E 77 1.53 12.18 9.41
CA THR E 77 2.53 11.90 10.40
C THR E 77 3.04 10.47 10.29
N ALA E 78 2.15 9.52 10.10
CA ALA E 78 2.58 8.14 9.89
C ALA E 78 3.49 7.98 8.65
N ASN E 79 3.09 8.58 7.53
CA ASN E 79 3.90 8.53 6.30
C ASN E 79 5.30 9.11 6.51
N GLU E 80 5.36 10.25 7.20
CA GLU E 80 6.65 10.87 7.52
C GLU E 80 7.51 9.99 8.46
N ALA E 81 6.86 9.26 9.36
CA ALA E 81 7.55 8.43 10.32
C ALA E 81 7.92 7.06 9.74
N GLY E 82 7.44 6.74 8.54
CA GLY E 82 7.63 5.41 7.95
C GLY E 82 6.79 4.34 8.68
N LEU E 83 5.70 4.77 9.29
CA LEU E 83 4.83 3.86 10.05
C LEU E 83 3.74 3.31 9.15
N PRO E 84 3.72 1.99 8.90
CA PRO E 84 2.71 1.49 7.97
C PRO E 84 1.26 1.67 8.47
N ILE E 85 0.38 1.99 7.53
CA ILE E 85 -1.06 2.20 7.82
C ILE E 85 -1.92 1.08 7.25
N VAL E 86 -2.78 0.53 8.08
CA VAL E 86 -3.84 -0.33 7.64
C VAL E 86 -5.08 0.54 7.64
N PHE E 87 -5.75 0.58 6.51
CA PHE E 87 -6.95 1.39 6.35
C PHE E 87 -8.18 0.52 6.13
N ASP E 88 -9.19 0.75 6.96
CA ASP E 88 -10.45 0.04 6.88
C ASP E 88 -11.57 1.04 6.58
N PRO E 89 -12.01 1.09 5.32
CA PRO E 89 -12.98 2.08 4.87
C PRO E 89 -14.41 1.61 5.14
N VAL E 90 -14.72 1.49 6.43
CA VAL E 90 -15.95 0.88 6.87
C VAL E 90 -17.17 1.59 6.23
N ALA E 91 -18.01 0.79 5.58
CA ALA E 91 -19.29 1.26 5.03
C ALA E 91 -19.11 2.42 4.03
N VAL E 92 -17.98 2.47 3.33
CA VAL E 92 -17.72 3.56 2.41
C VAL E 92 -18.80 3.63 1.30
N GLY E 93 -19.31 2.49 0.88
CA GLY E 93 -20.40 2.44 -0.10
C GLY E 93 -21.73 2.98 0.40
N ALA E 94 -21.86 3.29 1.70
CA ALA E 94 -23.15 3.70 2.25
C ALA E 94 -23.40 5.18 2.21
N SER E 95 -22.37 6.01 2.02
CA SER E 95 -22.61 7.43 1.92
C SER E 95 -21.59 8.17 1.11
N THR E 96 -22.04 9.23 0.46
CA THR E 96 -21.13 10.10 -0.26
C THR E 96 -20.17 10.76 0.71
N TYR E 97 -20.62 11.00 1.94
CA TYR E 97 -19.74 11.57 2.99
C TYR E 97 -18.48 10.69 3.22
N ARG E 98 -18.69 9.38 3.38
CA ARG E 98 -17.56 8.48 3.51
C ARG E 98 -16.78 8.31 2.23
N LYS E 99 -17.45 8.21 1.08
CA LYS E 99 -16.75 8.09 -0.19
C LYS E 99 -15.81 9.25 -0.41
N GLN E 100 -16.31 10.45 -0.16
CA GLN E 100 -15.50 11.64 -0.40
C GLN E 100 -14.33 11.70 0.60
N PHE E 101 -14.55 11.28 1.83
CA PHE E 101 -13.43 11.25 2.78
C PHE E 101 -12.37 10.21 2.39
N CYS E 102 -12.78 9.02 2.02
CA CYS E 102 -11.82 7.99 1.70
C CYS E 102 -10.97 8.38 0.48
N LYS E 103 -11.61 8.99 -0.52
CA LYS E 103 -10.89 9.50 -1.67
C LYS E 103 -9.86 10.53 -1.23
N LEU E 104 -10.25 11.48 -0.39
CA LEU E 104 -9.31 12.48 0.15
C LEU E 104 -8.15 11.81 0.92
N LEU E 105 -8.43 10.84 1.79
CA LEU E 105 -7.38 10.19 2.56
C LEU E 105 -6.39 9.50 1.63
N LEU E 106 -6.90 8.76 0.65
CA LEU E 106 -6.04 8.01 -0.22
C LEU E 106 -5.33 8.88 -1.26
N LYS E 107 -5.75 10.14 -1.43
CA LYS E 107 -4.97 11.12 -2.20
C LYS E 107 -3.88 11.73 -1.35
N SER E 108 -4.07 11.75 -0.04
CA SER E 108 -3.24 12.50 0.90
C SER E 108 -2.13 11.66 1.53
N ALA E 109 -2.27 10.33 1.52
CA ALA E 109 -1.34 9.46 2.23
C ALA E 109 -1.26 8.11 1.53
N LYS E 110 -0.10 7.48 1.65
CA LYS E 110 0.11 6.14 1.14
C LYS E 110 -0.20 5.20 2.30
N VAL E 111 -1.13 4.28 2.12
CA VAL E 111 -1.36 3.28 3.11
C VAL E 111 -0.74 1.95 2.67
N SER E 112 -0.58 1.04 3.62
CA SER E 112 0.13 -0.19 3.38
C SER E 112 -0.79 -1.37 3.16
N VAL E 113 -1.99 -1.32 3.73
CA VAL E 113 -3.00 -2.35 3.49
C VAL E 113 -4.34 -1.66 3.47
N ILE E 114 -5.14 -1.97 2.49
CA ILE E 114 -6.56 -1.58 2.48
C ILE E 114 -7.39 -2.83 2.67
N LYS E 115 -8.25 -2.84 3.69
CA LYS E 115 -9.00 -4.02 4.05
C LYS E 115 -10.48 -3.65 4.08
N GLY E 116 -11.30 -4.44 3.43
CA GLY E 116 -12.74 -4.24 3.49
C GLY E 116 -13.49 -5.43 2.92
N ASN E 117 -14.80 -5.35 2.95
CA ASN E 117 -15.59 -6.33 2.26
C ASN E 117 -15.69 -5.96 0.77
N ALA E 118 -16.28 -6.83 -0.02
CA ALA E 118 -16.29 -6.64 -1.48
C ALA E 118 -17.02 -5.36 -1.89
N SER E 119 -18.14 -5.09 -1.25
CA SER E 119 -18.85 -3.85 -1.52
C SER E 119 -18.04 -2.59 -1.14
N GLU E 120 -17.30 -2.61 -0.03
CA GLU E 120 -16.48 -1.47 0.36
C GLU E 120 -15.36 -1.22 -0.66
N ILE E 121 -14.67 -2.27 -1.07
CA ILE E 121 -13.55 -2.08 -1.98
C ILE E 121 -14.07 -1.68 -3.36
N LEU E 122 -15.18 -2.29 -3.78
CA LEU E 122 -15.80 -1.90 -5.04
C LEU E 122 -16.16 -0.41 -5.02
N ALA E 123 -16.71 0.07 -3.91
CA ALA E 123 -17.13 1.47 -3.81
C ALA E 123 -15.94 2.40 -3.91
N LEU E 124 -14.82 1.99 -3.35
CA LEU E 124 -13.61 2.79 -3.46
C LEU E 124 -13.18 2.97 -4.90
N ILE E 125 -13.19 1.87 -5.66
CA ILE E 125 -12.62 1.91 -7.01
C ILE E 125 -13.59 2.47 -8.03
N ASP E 126 -14.89 2.42 -7.74
CA ASP E 126 -15.85 3.28 -8.42
C ASP E 126 -15.68 4.65 -7.79
N ASP E 141 -17.32 -11.05 -7.55
CA ASP E 141 -15.98 -11.44 -8.00
C ASP E 141 -14.86 -10.72 -7.20
N ALA E 142 -14.65 -11.19 -5.98
CA ALA E 142 -13.73 -10.52 -5.04
C ALA E 142 -12.29 -10.49 -5.57
N VAL E 143 -11.85 -11.57 -6.22
CA VAL E 143 -10.50 -11.61 -6.77
C VAL E 143 -10.32 -10.51 -7.82
N THR E 144 -11.32 -10.35 -8.69
CA THR E 144 -11.23 -9.31 -9.72
C THR E 144 -11.24 -7.92 -9.13
N ILE E 145 -12.12 -7.69 -8.16
CA ILE E 145 -12.17 -6.40 -7.47
C ILE E 145 -10.84 -6.10 -6.78
N ALA E 146 -10.29 -7.11 -6.11
CA ALA E 146 -9.02 -6.90 -5.37
C ALA E 146 -7.88 -6.58 -6.31
N LYS E 147 -7.80 -7.28 -7.45
CA LYS E 147 -6.76 -6.98 -8.44
C LYS E 147 -6.89 -5.59 -9.06
N LYS E 148 -8.12 -5.18 -9.35
CA LYS E 148 -8.32 -3.82 -9.84
C LYS E 148 -7.96 -2.78 -8.78
N ALA E 149 -8.32 -3.02 -7.52
CA ALA E 149 -7.90 -2.10 -6.46
C ALA E 149 -6.40 -2.04 -6.27
N TYR E 150 -5.73 -3.19 -6.38
CA TYR E 150 -4.28 -3.21 -6.32
C TYR E 150 -3.66 -2.38 -7.44
N ALA E 151 -4.19 -2.50 -8.66
CA ALA E 151 -3.68 -1.73 -9.79
C ALA E 151 -3.81 -0.22 -9.55
N ILE E 152 -4.92 0.19 -8.96
CA ILE E 152 -5.16 1.61 -8.69
C ILE E 152 -4.29 2.15 -7.57
N TYR E 153 -4.21 1.44 -6.45
CA TYR E 153 -3.54 1.99 -5.25
C TYR E 153 -2.11 1.51 -5.01
N LYS E 154 -1.72 0.44 -5.69
CA LYS E 154 -0.40 -0.18 -5.55
C LYS E 154 -0.10 -0.41 -4.09
N THR E 155 -1.08 -1.04 -3.42
CA THR E 155 -1.10 -1.23 -2.00
C THR E 155 -1.83 -2.56 -1.75
N ALA E 156 -1.35 -3.34 -0.79
CA ALA E 156 -1.95 -4.64 -0.51
C ALA E 156 -3.45 -4.45 -0.31
N ILE E 157 -4.22 -5.39 -0.82
CA ILE E 157 -5.67 -5.39 -0.65
C ILE E 157 -6.13 -6.68 0.02
N VAL E 158 -6.96 -6.54 1.05
CA VAL E 158 -7.55 -7.68 1.71
C VAL E 158 -9.05 -7.51 1.61
N ILE E 159 -9.72 -8.45 0.95
CA ILE E 159 -11.17 -8.44 0.85
C ILE E 159 -11.74 -9.61 1.64
N THR E 160 -12.48 -9.28 2.69
CA THR E 160 -13.06 -10.25 3.56
C THR E 160 -14.41 -10.67 2.98
N GLY E 161 -14.79 -11.93 3.21
CA GLY E 161 -16.06 -12.45 2.73
C GLY E 161 -16.19 -13.90 3.15
N LYS E 162 -17.07 -14.66 2.49
CA LYS E 162 -17.19 -16.10 2.75
C LYS E 162 -15.80 -16.73 2.62
N GLU E 163 -15.14 -16.43 1.52
CA GLU E 163 -13.70 -16.69 1.35
C GLU E 163 -12.99 -15.32 1.37
N ASP E 164 -11.79 -15.25 1.94
CA ASP E 164 -11.07 -14.00 1.96
C ASP E 164 -10.07 -13.98 0.82
N VAL E 165 -9.87 -12.81 0.24
CA VAL E 165 -8.89 -12.64 -0.83
C VAL E 165 -7.79 -11.66 -0.41
N ILE E 166 -6.54 -12.00 -0.71
CA ILE E 166 -5.45 -11.08 -0.50
C ILE E 166 -4.65 -10.91 -1.78
N VAL E 167 -4.40 -9.67 -2.17
CA VAL E 167 -3.56 -9.37 -3.29
C VAL E 167 -2.42 -8.49 -2.80
N GLN E 168 -1.19 -8.91 -3.07
CA GLN E 168 -0.01 -8.11 -2.79
C GLN E 168 1.04 -8.39 -3.84
N GLY E 169 1.59 -7.33 -4.41
CA GLY E 169 2.40 -7.44 -5.63
C GLY E 169 1.64 -8.21 -6.67
N ASP E 170 2.31 -9.21 -7.22
CA ASP E 170 1.76 -9.94 -8.33
C ASP E 170 1.08 -11.25 -7.89
N LYS E 171 0.85 -11.42 -6.58
CA LYS E 171 0.25 -12.66 -6.08
C LYS E 171 -1.13 -12.37 -5.56
N ALA E 172 -2.03 -13.31 -5.79
CA ALA E 172 -3.37 -13.28 -5.24
C ALA E 172 -3.69 -14.63 -4.62
N ILE E 173 -4.24 -14.61 -3.41
CA ILE E 173 -4.48 -15.83 -2.65
C ILE E 173 -5.92 -15.78 -2.11
N VAL E 174 -6.54 -16.95 -2.03
CA VAL E 174 -7.89 -17.10 -1.51
C VAL E 174 -7.83 -18.03 -0.31
N LEU E 175 -8.41 -17.59 0.79
CA LEU E 175 -8.42 -18.31 2.06
C LEU E 175 -9.83 -18.70 2.46
N ALA E 176 -9.99 -19.87 3.07
CA ALA E 176 -11.32 -20.39 3.31
C ALA E 176 -11.44 -20.90 4.72
N ASN E 177 -11.13 -20.07 5.71
CA ASN E 177 -11.36 -20.45 7.07
C ASN E 177 -12.40 -19.53 7.71
N GLY E 178 -12.93 -19.92 8.86
CA GLY E 178 -13.72 -18.98 9.69
C GLY E 178 -14.99 -19.60 10.21
N SER E 179 -15.90 -18.75 10.69
CA SER E 179 -17.15 -19.20 11.23
C SER E 179 -18.23 -18.14 10.88
N PRO E 180 -19.45 -18.61 10.62
CA PRO E 180 -20.59 -17.71 10.54
C PRO E 180 -20.84 -16.89 11.79
N LEU E 181 -20.44 -17.37 12.97
CA LEU E 181 -20.65 -16.53 14.17
C LEU E 181 -19.87 -15.25 14.17
N LEU E 182 -18.77 -15.18 13.42
CA LEU E 182 -18.09 -13.88 13.29
C LEU E 182 -18.98 -12.69 12.83
N ALA E 183 -19.92 -12.94 11.93
CA ALA E 183 -20.83 -11.88 11.46
C ALA E 183 -21.83 -11.40 12.54
N ARG E 184 -21.91 -12.10 13.66
CA ARG E 184 -22.85 -11.77 14.68
C ARG E 184 -22.14 -11.09 15.85
N VAL E 185 -20.84 -10.84 15.68
CA VAL E 185 -20.08 -10.13 16.68
C VAL E 185 -19.66 -8.83 16.08
N THR E 186 -20.05 -7.71 16.72
CA THR E 186 -19.80 -6.45 16.08
C THR E 186 -18.30 -6.21 16.10
N GLY E 187 -17.77 -5.67 15.03
CA GLY E 187 -16.35 -5.39 15.08
C GLY E 187 -15.41 -6.60 14.95
N ALA E 188 -15.96 -7.77 14.57
CA ALA E 188 -15.08 -8.89 14.18
C ALA E 188 -14.14 -8.45 13.04
N GLY E 189 -14.70 -7.86 11.99
CA GLY E 189 -13.90 -7.39 10.90
C GLY E 189 -13.01 -6.23 11.33
N CYS E 190 -13.51 -5.40 12.24
CA CYS E 190 -12.71 -4.26 12.70
C CYS E 190 -11.51 -4.75 13.50
N LEU E 191 -11.73 -5.78 14.32
CA LEU E 191 -10.60 -6.39 15.03
C LEU E 191 -9.60 -6.99 14.05
N LEU E 192 -10.10 -7.61 12.98
CA LEU E 192 -9.18 -8.16 11.98
C LEU E 192 -8.25 -7.09 11.44
N GLY E 193 -8.76 -5.89 11.25
CA GLY E 193 -7.89 -4.81 10.78
C GLY E 193 -6.77 -4.58 11.78
N GLY E 194 -7.11 -4.61 13.04
CA GLY E 194 -6.11 -4.43 14.08
C GLY E 194 -5.12 -5.57 14.12
N ILE E 195 -5.60 -6.79 13.97
CA ILE E 195 -4.72 -7.95 13.92
C ILE E 195 -3.77 -7.81 12.73
N ILE E 196 -4.26 -7.42 11.56
CA ILE E 196 -3.36 -7.24 10.43
C ILE E 196 -2.29 -6.20 10.75
N ALA E 197 -2.68 -5.09 11.39
CA ALA E 197 -1.69 -4.09 11.80
C ALA E 197 -0.63 -4.70 12.74
N GLY E 198 -1.07 -5.60 13.58
CA GLY E 198 -0.17 -6.27 14.51
C GLY E 198 0.89 -7.13 13.84
N PHE E 199 0.65 -7.54 12.60
CA PHE E 199 1.57 -8.42 11.89
C PHE E 199 2.59 -7.65 11.03
N LEU E 200 2.55 -6.31 11.05
CA LEU E 200 3.31 -5.57 10.03
C LEU E 200 4.76 -5.30 10.40
N PHE E 201 5.05 -5.12 11.69
CA PHE E 201 6.44 -4.93 12.13
C PHE E 201 7.12 -3.83 11.32
N ARG E 202 6.41 -2.73 11.14
CA ARG E 202 6.94 -1.52 10.54
C ARG E 202 7.36 -1.67 9.09
N GLU E 203 6.85 -2.69 8.43
CA GLU E 203 7.08 -2.86 7.00
C GLU E 203 6.01 -2.13 6.21
N THR E 204 6.41 -1.13 5.43
CA THR E 204 5.42 -0.38 4.66
C THR E 204 4.97 -1.07 3.37
N GLU E 205 5.68 -2.12 2.96
CA GLU E 205 5.24 -3.03 1.88
C GLU E 205 5.29 -4.47 2.43
N PRO E 206 4.26 -4.87 3.19
CA PRO E 206 4.39 -6.13 3.92
C PRO E 206 4.38 -7.33 2.99
N ASP E 207 5.08 -8.37 3.41
CA ASP E 207 5.11 -9.63 2.66
C ASP E 207 3.70 -10.21 2.66
N ILE E 208 3.28 -10.77 1.54
CA ILE E 208 2.01 -11.42 1.52
C ILE E 208 1.89 -12.53 2.59
N GLU E 209 3.00 -13.15 2.97
CA GLU E 209 2.93 -14.21 3.97
C GLU E 209 2.46 -13.67 5.31
N ALA E 210 2.82 -12.43 5.64
CA ALA E 210 2.40 -11.83 6.88
C ALA E 210 0.88 -11.62 6.87
N LEU E 211 0.38 -11.20 5.72
CA LEU E 211 -1.07 -10.92 5.60
C LEU E 211 -1.83 -12.24 5.63
N ILE E 212 -1.32 -13.26 4.94
CA ILE E 212 -1.93 -14.58 4.98
C ILE E 212 -1.99 -15.08 6.41
N GLU E 213 -0.91 -14.94 7.15
CA GLU E 213 -0.90 -15.44 8.49
C GLU E 213 -1.91 -14.65 9.38
N ALA E 214 -1.96 -13.32 9.22
CA ALA E 214 -2.81 -12.50 10.08
C ALA E 214 -4.27 -12.93 9.91
N VAL E 215 -4.68 -13.08 8.65
CA VAL E 215 -6.06 -13.43 8.35
C VAL E 215 -6.34 -14.85 8.79
N SER E 216 -5.36 -15.74 8.61
CA SER E 216 -5.59 -17.12 8.94
C SER E 216 -5.61 -17.36 10.43
N VAL E 217 -4.76 -16.66 11.19
CA VAL E 217 -4.79 -16.77 12.60
C VAL E 217 -6.19 -16.40 13.12
N PHE E 218 -6.69 -15.29 12.63
CA PHE E 218 -8.01 -14.82 13.04
C PHE E 218 -9.12 -15.80 12.67
N ASN E 219 -9.17 -16.20 11.41
CA ASN E 219 -10.19 -17.10 11.00
C ASN E 219 -10.11 -18.49 11.55
N ILE E 220 -8.90 -19.01 11.73
CA ILE E 220 -8.77 -20.29 12.39
C ILE E 220 -9.17 -20.23 13.83
N ALA E 221 -8.77 -19.19 14.54
CA ALA E 221 -9.16 -19.03 15.91
C ALA E 221 -10.70 -18.98 16.02
N ALA E 222 -11.31 -18.31 15.05
CA ALA E 222 -12.80 -18.26 15.03
C ALA E 222 -13.42 -19.63 14.83
N GLU E 223 -12.84 -20.40 13.91
CA GLU E 223 -13.33 -21.73 13.62
C GLU E 223 -13.24 -22.60 14.85
N VAL E 224 -12.09 -22.57 15.51
CA VAL E 224 -11.88 -23.39 16.69
C VAL E 224 -12.77 -22.95 17.87
N ALA E 225 -12.89 -21.65 18.08
CA ALA E 225 -13.76 -21.11 19.12
C ALA E 225 -15.22 -21.59 18.94
N ALA E 226 -15.69 -21.60 17.69
CA ALA E 226 -17.07 -21.98 17.40
C ALA E 226 -17.32 -23.46 17.59
N GLU E 227 -16.27 -24.28 17.55
CA GLU E 227 -16.36 -25.69 17.85
C GLU E 227 -16.35 -26.03 19.32
N ASN E 228 -15.98 -25.06 20.17
CA ASN E 228 -15.87 -25.32 21.57
C ASN E 228 -17.24 -25.70 22.17
N GLU E 229 -17.22 -26.71 23.05
CA GLU E 229 -18.44 -27.20 23.66
C GLU E 229 -19.18 -26.10 24.44
N ASN E 230 -18.46 -25.07 24.89
CA ASN E 230 -19.06 -23.98 25.65
C ASN E 230 -19.51 -22.84 24.79
N CYS E 231 -19.41 -22.98 23.48
CA CYS E 231 -19.84 -21.88 22.58
C CYS E 231 -21.33 -22.10 22.31
N GLY E 232 -22.16 -21.25 22.89
CA GLY E 232 -23.62 -21.38 22.83
C GLY E 232 -24.26 -20.32 21.94
N GLY E 233 -23.48 -19.52 21.25
CA GLY E 233 -24.00 -18.45 20.45
C GLY E 233 -23.02 -17.29 20.36
N PRO E 234 -23.42 -16.16 19.76
CA PRO E 234 -22.51 -15.09 19.48
C PRO E 234 -22.01 -14.42 20.75
N GLY E 235 -22.78 -14.51 21.85
CA GLY E 235 -22.35 -13.92 23.11
C GLY E 235 -21.15 -14.68 23.69
N THR E 236 -21.28 -15.97 23.86
CA THR E 236 -20.22 -16.78 24.43
C THR E 236 -19.08 -16.98 23.45
N PHE E 237 -19.34 -16.83 22.17
CA PHE E 237 -18.29 -16.97 21.16
C PHE E 237 -17.19 -15.92 21.34
N SER E 238 -17.55 -14.70 21.61
CA SER E 238 -16.55 -13.65 21.63
C SER E 238 -15.43 -13.88 22.72
N PRO E 239 -15.80 -14.14 23.96
CA PRO E 239 -14.73 -14.50 24.95
C PRO E 239 -13.91 -15.71 24.45
N LEU E 240 -14.56 -16.68 23.81
CA LEU E 240 -13.86 -17.89 23.40
C LEU E 240 -12.93 -17.57 22.28
N LEU E 241 -13.29 -16.64 21.40
CA LEU E 241 -12.43 -16.23 20.34
C LEU E 241 -11.14 -15.61 20.87
N LEU E 242 -11.28 -14.77 21.84
CA LEU E 242 -10.11 -14.15 22.52
C LEU E 242 -9.24 -15.23 23.21
N ASP E 243 -9.87 -16.21 23.86
CA ASP E 243 -9.09 -17.31 24.44
C ASP E 243 -8.37 -18.08 23.36
N THR E 244 -9.03 -18.40 22.25
CA THR E 244 -8.43 -19.18 21.23
C THR E 244 -7.29 -18.45 20.51
N LEU E 245 -7.39 -17.13 20.34
CA LEU E 245 -6.28 -16.37 19.81
C LEU E 245 -5.09 -16.47 20.81
N TYR E 246 -5.39 -16.39 22.10
CA TYR E 246 -4.35 -16.36 23.11
C TYR E 246 -3.54 -17.67 23.05
N HIS E 247 -4.23 -18.77 22.82
CA HIS E 247 -3.63 -20.10 22.93
C HIS E 247 -3.18 -20.68 21.62
N LEU E 248 -3.53 -20.06 20.48
CA LEU E 248 -3.37 -20.70 19.21
C LEU E 248 -1.93 -21.17 19.03
N ASN E 249 -1.77 -22.40 18.63
CA ASN E 249 -0.42 -22.98 18.44
C ASN E 249 -0.18 -23.40 17.01
N GLU E 250 1.08 -23.77 16.70
CA GLU E 250 1.46 -24.08 15.33
C GLU E 250 0.73 -25.29 14.81
N THR E 251 0.54 -26.26 15.69
CA THR E 251 -0.06 -27.51 15.29
C THR E 251 -1.48 -27.28 14.79
N THR E 252 -2.26 -26.52 15.57
CA THR E 252 -3.62 -26.19 15.16
C THR E 252 -3.65 -25.35 13.87
N TYR E 253 -2.78 -24.36 13.80
CA TYR E 253 -2.68 -23.54 12.62
C TYR E 253 -2.44 -24.39 11.35
N GLN E 254 -1.42 -25.24 11.39
CA GLN E 254 -1.07 -26.01 10.21
C GLN E 254 -2.13 -27.05 9.85
N GLN E 255 -2.75 -27.66 10.84
CA GLN E 255 -3.81 -28.63 10.58
C GLN E 255 -5.06 -27.99 9.95
N ARG E 256 -5.35 -26.74 10.30
CA ARG E 256 -6.62 -26.14 9.88
C ARG E 256 -6.58 -25.22 8.69
N ILE E 257 -5.43 -24.63 8.41
CA ILE E 257 -5.39 -23.60 7.37
C ILE E 257 -5.86 -24.15 6.04
N ARG E 258 -6.68 -23.34 5.34
CA ARG E 258 -7.22 -23.73 4.03
C ARG E 258 -6.91 -22.63 3.01
N ILE E 259 -6.15 -23.07 2.00
CA ILE E 259 -4.92 -22.44 1.45
C ILE E 259 -4.50 -21.06 1.93
N MET F 1 -44.28 -14.57 18.71
CA MET F 1 -43.12 -13.99 18.01
C MET F 1 -43.71 -13.86 16.61
N ASN F 2 -44.01 -12.65 16.16
CA ASN F 2 -44.31 -12.38 14.77
C ASN F 2 -43.18 -11.47 14.28
N TYR F 3 -42.93 -10.40 15.02
CA TYR F 3 -41.99 -9.43 14.56
C TYR F 3 -40.57 -9.95 14.55
N LEU F 4 -40.17 -10.71 15.57
CA LEU F 4 -38.80 -11.21 15.65
C LEU F 4 -38.43 -12.06 14.46
N ASN F 5 -39.38 -12.85 13.98
CA ASN F 5 -39.09 -13.65 12.78
C ASN F 5 -38.75 -12.76 11.59
N ASN F 6 -39.44 -11.63 11.50
CA ASN F 6 -39.11 -10.68 10.47
C ASN F 6 -37.79 -9.98 10.63
N ILE F 7 -37.40 -9.67 11.87
CA ILE F 7 -36.07 -9.10 12.06
C ILE F 7 -35.00 -10.05 11.64
N ARG F 8 -35.13 -11.31 12.02
CA ARG F 8 -34.12 -12.29 11.62
C ARG F 8 -33.94 -12.47 10.11
N ILE F 9 -35.04 -12.41 9.41
CA ILE F 9 -35.01 -12.56 7.95
C ILE F 9 -34.65 -11.27 7.19
N GLU F 10 -35.19 -10.15 7.62
CA GLU F 10 -35.03 -8.89 6.91
C GLU F 10 -33.82 -8.07 7.32
N ASN F 11 -33.27 -8.36 8.50
CA ASN F 11 -32.04 -7.68 8.94
C ASN F 11 -32.14 -6.13 8.91
N PRO F 12 -33.11 -5.55 9.62
CA PRO F 12 -33.39 -4.12 9.54
C PRO F 12 -32.27 -3.22 10.00
N LEU F 13 -31.95 -2.26 9.16
CA LEU F 13 -30.92 -1.32 9.45
C LEU F 13 -31.46 -0.36 10.55
N THR F 14 -30.71 -0.35 11.68
CA THR F 14 -31.17 0.31 12.88
C THR F 14 -30.07 1.26 13.33
N ILE F 15 -30.31 2.54 13.15
CA ILE F 15 -29.30 3.56 13.42
C ILE F 15 -29.34 3.87 14.92
N CYS F 16 -28.15 3.89 15.55
CA CYS F 16 -28.05 4.20 16.95
C CYS F 16 -27.12 5.37 17.20
N TYR F 17 -27.67 6.42 17.77
CA TYR F 17 -26.93 7.52 18.32
C TYR F 17 -27.06 7.32 19.82
N THR F 18 -26.08 6.66 20.40
CA THR F 18 -26.23 6.25 21.78
C THR F 18 -25.00 6.57 22.57
N ASN F 19 -25.01 6.23 23.83
CA ASN F 19 -23.94 6.70 24.71
C ASN F 19 -22.68 5.87 24.66
N ASP F 20 -21.57 6.47 25.05
CA ASP F 20 -20.24 5.88 24.90
C ASP F 20 -19.99 4.63 25.77
N VAL F 21 -20.85 4.37 26.74
CA VAL F 21 -20.68 3.22 27.60
C VAL F 21 -21.26 1.96 27.04
N VAL F 22 -22.18 2.07 26.09
CA VAL F 22 -23.04 0.97 25.71
C VAL F 22 -23.10 0.71 24.21
N LYS F 23 -22.28 1.37 23.42
CA LYS F 23 -22.29 1.18 21.94
C LYS F 23 -22.02 -0.25 21.54
N ASN F 24 -20.99 -0.85 22.10
CA ASN F 24 -20.62 -2.22 21.72
C ASN F 24 -21.69 -3.22 22.12
N PHE F 25 -22.20 -3.10 23.33
CA PHE F 25 -23.27 -3.99 23.81
C PHE F 25 -24.56 -3.84 23.02
N THR F 26 -24.92 -2.60 22.73
CA THR F 26 -26.09 -2.34 21.93
C THR F 26 -25.95 -2.96 20.55
N ALA F 27 -24.83 -2.76 19.88
CA ALA F 27 -24.63 -3.33 18.58
C ALA F 27 -24.69 -4.84 18.64
N ASN F 28 -24.03 -5.44 19.61
CA ASN F 28 -24.09 -6.89 19.75
C ASN F 28 -25.47 -7.45 20.05
N GLY F 29 -26.23 -6.75 20.85
CA GLY F 29 -27.58 -7.18 21.14
C GLY F 29 -28.45 -7.10 19.89
N LEU F 30 -28.29 -6.03 19.12
CA LEU F 30 -29.01 -5.93 17.82
C LEU F 30 -28.59 -7.02 16.84
N LEU F 31 -27.32 -7.28 16.73
CA LEU F 31 -26.84 -8.41 15.90
C LEU F 31 -27.41 -9.73 16.35
N SER F 32 -27.57 -9.94 17.66
CA SER F 32 -28.06 -11.23 18.14
C SER F 32 -29.45 -11.50 17.67
N ILE F 33 -30.29 -10.46 17.57
CA ILE F 33 -31.68 -10.68 17.14
C ILE F 33 -31.81 -10.61 15.64
N GLY F 34 -30.71 -10.36 14.94
CA GLY F 34 -30.74 -10.30 13.46
C GLY F 34 -30.84 -8.92 12.83
N ALA F 35 -30.87 -7.87 13.65
CA ALA F 35 -30.88 -6.53 13.14
C ALA F 35 -29.47 -6.11 12.66
N SER F 36 -29.41 -4.98 11.95
CA SER F 36 -28.17 -4.47 11.43
C SER F 36 -27.88 -3.13 12.06
N PRO F 37 -27.11 -3.11 13.16
CA PRO F 37 -26.86 -1.84 13.80
C PRO F 37 -25.87 -0.93 13.05
N ALA F 38 -26.10 0.39 13.14
CA ALA F 38 -25.12 1.33 12.59
C ALA F 38 -25.05 2.49 13.51
N MET F 39 -23.89 2.67 14.14
CA MET F 39 -23.70 3.75 15.08
C MET F 39 -23.20 4.97 14.33
N SER F 40 -24.05 5.54 13.54
CA SER F 40 -23.69 6.71 12.74
C SER F 40 -24.09 7.96 13.50
N GLU F 41 -23.14 8.85 13.71
CA GLU F 41 -23.38 10.09 14.44
C GLU F 41 -23.18 11.35 13.57
N ALA F 42 -22.75 11.20 12.32
CA ALA F 42 -22.45 12.35 11.48
C ALA F 42 -23.70 12.86 10.82
N PRO F 43 -24.13 14.08 11.17
CA PRO F 43 -25.28 14.65 10.42
C PRO F 43 -25.11 14.63 8.90
N GLU F 44 -23.87 14.70 8.42
CA GLU F 44 -23.55 14.74 6.99
C GLU F 44 -23.97 13.48 6.23
N GLU F 45 -24.11 12.36 6.92
CA GLU F 45 -24.58 11.15 6.26
C GLU F 45 -25.98 10.71 6.69
N ALA F 46 -26.67 11.52 7.49
CA ALA F 46 -27.96 11.13 8.01
C ALA F 46 -29.01 11.01 6.89
N GLU F 47 -29.05 11.94 5.97
CA GLU F 47 -30.11 11.86 4.96
C GLU F 47 -29.99 10.56 4.16
N GLU F 48 -28.78 10.23 3.73
CA GLU F 48 -28.57 9.01 2.96
C GLU F 48 -28.86 7.76 3.76
N PHE F 49 -28.32 7.70 4.99
CA PHE F 49 -28.55 6.54 5.85
C PHE F 49 -30.04 6.39 6.20
N TYR F 50 -30.71 7.49 6.47
CA TYR F 50 -32.06 7.42 7.05
C TYR F 50 -33.09 6.99 6.00
N LYS F 51 -32.82 7.30 4.73
CA LYS F 51 -33.75 6.88 3.65
C LYS F 51 -33.92 5.36 3.65
N VAL F 52 -32.86 4.64 4.01
CA VAL F 52 -32.86 3.16 3.92
C VAL F 52 -32.92 2.46 5.29
N ALA F 53 -32.90 3.22 6.37
CA ALA F 53 -32.97 2.66 7.72
C ALA F 53 -34.42 2.41 8.13
N GLN F 54 -34.60 1.59 9.15
CA GLN F 54 -35.88 1.29 9.68
C GLN F 54 -36.26 2.03 10.97
N ALA F 55 -35.23 2.49 11.70
CA ALA F 55 -35.43 3.26 12.92
C ALA F 55 -34.14 3.93 13.34
N LEU F 56 -34.29 4.91 14.24
CA LEU F 56 -33.23 5.63 14.85
C LEU F 56 -33.43 5.61 16.36
N LEU F 57 -32.39 5.21 17.11
CA LEU F 57 -32.33 5.35 18.54
C LEU F 57 -31.51 6.56 18.91
N ILE F 58 -32.07 7.41 19.74
CA ILE F 58 -31.31 8.51 20.36
C ILE F 58 -31.31 8.24 21.85
N ASN F 59 -30.10 8.07 22.40
CA ASN F 59 -29.91 7.85 23.86
C ASN F 59 -28.88 8.87 24.33
N ILE F 60 -29.21 9.65 25.36
CA ILE F 60 -28.37 10.80 25.77
C ILE F 60 -27.53 10.51 27.03
N GLY F 61 -27.22 9.24 27.23
CA GLY F 61 -26.46 8.88 28.43
C GLY F 61 -25.17 9.62 28.64
N THR F 62 -24.45 9.91 27.57
CA THR F 62 -23.20 10.65 27.70
C THR F 62 -23.26 11.98 26.91
N LEU F 63 -24.37 12.66 27.08
CA LEU F 63 -24.58 13.97 26.46
C LEU F 63 -23.51 14.97 26.81
N THR F 64 -22.92 15.58 25.78
CA THR F 64 -22.02 16.70 25.95
C THR F 64 -22.31 17.75 24.85
N ALA F 65 -21.65 18.89 24.95
CA ALA F 65 -21.78 19.96 23.97
C ALA F 65 -21.55 19.46 22.53
N GLN F 66 -20.57 18.59 22.34
CA GLN F 66 -20.29 17.96 21.04
C GLN F 66 -21.54 17.36 20.37
N ASN F 67 -22.47 16.83 21.19
CA ASN F 67 -23.61 16.10 20.70
C ASN F 67 -24.84 16.96 20.49
N GLU F 68 -24.99 18.04 21.27
CA GLU F 68 -26.29 18.70 21.38
C GLU F 68 -26.89 19.13 20.06
N GLN F 69 -26.14 19.89 19.27
CA GLN F 69 -26.69 20.40 18.01
C GLN F 69 -26.83 19.28 16.99
N ASP F 70 -25.89 18.34 17.01
CA ASP F 70 -25.98 17.20 16.10
C ASP F 70 -27.23 16.33 16.35
N ILE F 71 -27.58 16.12 17.62
CA ILE F 71 -28.76 15.33 17.91
C ILE F 71 -30.02 16.04 17.41
N ILE F 72 -30.13 17.34 17.66
CA ILE F 72 -31.27 18.09 17.18
C ILE F 72 -31.36 18.03 15.65
N ALA F 73 -30.25 18.23 14.98
CA ALA F 73 -30.24 18.15 13.52
C ALA F 73 -30.67 16.77 13.01
N ILE F 74 -30.15 15.70 13.57
CA ILE F 74 -30.50 14.38 13.03
C ILE F 74 -31.94 14.00 13.35
N ALA F 75 -32.47 14.47 14.46
CA ALA F 75 -33.86 14.19 14.81
C ALA F 75 -34.75 14.86 13.78
N GLN F 76 -34.40 16.08 13.38
CA GLN F 76 -35.12 16.77 12.31
C GLN F 76 -34.98 16.01 10.99
N THR F 77 -33.78 15.53 10.66
CA THR F 77 -33.59 14.73 9.47
C THR F 77 -34.44 13.46 9.51
N ALA F 78 -34.50 12.82 10.66
CA ALA F 78 -35.34 11.64 10.81
C ALA F 78 -36.80 11.95 10.54
N ASN F 79 -37.30 13.03 11.12
CA ASN F 79 -38.69 13.41 10.96
C ASN F 79 -39.00 13.65 9.48
N GLU F 80 -38.10 14.35 8.79
CA GLU F 80 -38.30 14.62 7.37
C GLU F 80 -38.29 13.34 6.54
N ALA F 81 -37.48 12.37 6.96
CA ALA F 81 -37.32 11.12 6.24
C ALA F 81 -38.42 10.11 6.56
N GLY F 82 -39.24 10.40 7.56
CA GLY F 82 -40.25 9.44 8.03
C GLY F 82 -39.65 8.29 8.82
N LEU F 83 -38.47 8.54 9.41
CA LEU F 83 -37.70 7.48 10.16
C LEU F 83 -38.04 7.52 11.66
N PRO F 84 -38.69 6.47 12.18
CA PRO F 84 -39.14 6.58 13.56
C PRO F 84 -37.99 6.69 14.54
N ILE F 85 -38.23 7.47 15.58
CA ILE F 85 -37.22 7.72 16.62
C ILE F 85 -37.63 7.08 17.95
N VAL F 86 -36.69 6.34 18.54
CA VAL F 86 -36.84 5.87 19.89
C VAL F 86 -35.90 6.77 20.72
N PHE F 87 -36.46 7.39 21.75
CA PHE F 87 -35.71 8.34 22.57
C PHE F 87 -35.60 7.82 23.98
N ASP F 88 -34.37 7.78 24.45
CA ASP F 88 -34.06 7.34 25.82
C ASP F 88 -33.39 8.50 26.59
N PRO F 89 -34.16 9.13 27.47
CA PRO F 89 -33.68 10.34 28.18
C PRO F 89 -32.92 9.97 29.45
N VAL F 90 -31.79 9.33 29.25
CA VAL F 90 -31.02 8.72 30.34
C VAL F 90 -30.66 9.74 31.40
N ALA F 91 -31.08 9.46 32.63
CA ALA F 91 -30.67 10.30 33.79
C ALA F 91 -31.13 11.73 33.65
N VAL F 92 -32.24 11.96 32.96
CA VAL F 92 -32.71 13.30 32.75
C VAL F 92 -33.02 14.00 34.09
N GLY F 93 -33.49 13.25 35.07
CA GLY F 93 -33.72 13.82 36.42
C GLY F 93 -32.49 14.30 37.18
N ALA F 94 -31.30 13.93 36.70
CA ALA F 94 -30.10 14.19 37.45
C ALA F 94 -29.50 15.56 37.20
N SER F 95 -29.85 16.24 36.11
CA SER F 95 -29.30 17.58 35.89
C SER F 95 -30.20 18.47 35.09
N THR F 96 -30.13 19.75 35.38
CA THR F 96 -30.84 20.74 34.61
C THR F 96 -30.33 20.73 33.16
N TYR F 97 -29.06 20.43 32.98
CA TYR F 97 -28.47 20.35 31.65
C TYR F 97 -29.24 19.34 30.79
N ARG F 98 -29.46 18.15 31.34
CA ARG F 98 -30.20 17.14 30.60
C ARG F 98 -31.68 17.51 30.46
N LYS F 99 -32.29 18.03 31.53
CA LYS F 99 -33.70 18.45 31.45
C LYS F 99 -33.93 19.46 30.36
N GLN F 100 -33.06 20.47 30.28
CA GLN F 100 -33.21 21.48 29.25
C GLN F 100 -33.04 20.87 27.86
N PHE F 101 -32.09 19.96 27.71
CA PHE F 101 -31.90 19.39 26.41
C PHE F 101 -33.08 18.53 26.00
N CYS F 102 -33.59 17.73 26.91
CA CYS F 102 -34.67 16.83 26.51
C CYS F 102 -35.89 17.61 26.14
N LYS F 103 -36.17 18.67 26.90
CA LYS F 103 -37.27 19.55 26.54
C LYS F 103 -37.09 20.12 25.13
N LEU F 104 -35.90 20.63 24.83
CA LEU F 104 -35.59 21.16 23.51
C LEU F 104 -35.79 20.10 22.42
N LEU F 105 -35.29 18.89 22.65
CA LEU F 105 -35.45 17.83 21.64
C LEU F 105 -36.94 17.56 21.38
N LEU F 106 -37.72 17.44 22.45
CA LEU F 106 -39.11 17.04 22.28
C LEU F 106 -39.98 18.23 21.78
N LYS F 107 -39.43 19.43 21.80
CA LYS F 107 -40.07 20.59 21.15
C LYS F 107 -39.66 20.72 19.70
N SER F 108 -38.66 19.98 19.27
CA SER F 108 -38.03 20.14 17.96
C SER F 108 -38.37 19.00 17.02
N ALA F 109 -38.85 17.88 17.58
CA ALA F 109 -39.05 16.67 16.79
C ALA F 109 -40.12 15.81 17.43
N LYS F 110 -40.86 15.08 16.60
CA LYS F 110 -41.83 14.11 17.04
C LYS F 110 -41.11 12.77 17.11
N VAL F 111 -41.07 12.16 18.29
CA VAL F 111 -40.46 10.85 18.40
C VAL F 111 -41.55 9.82 18.43
N SER F 112 -41.17 8.57 18.20
CA SER F 112 -42.11 7.49 18.11
C SER F 112 -42.27 6.67 19.38
N VAL F 113 -41.19 6.56 20.16
CA VAL F 113 -41.25 5.91 21.46
C VAL F 113 -40.37 6.68 22.40
N ILE F 114 -40.86 6.94 23.61
CA ILE F 114 -40.04 7.48 24.71
C ILE F 114 -39.90 6.37 25.74
N LYS F 115 -38.66 5.99 26.05
CA LYS F 115 -38.40 4.88 26.95
C LYS F 115 -37.54 5.37 28.08
N GLY F 116 -37.92 5.04 29.29
CA GLY F 116 -37.09 5.34 30.43
C GLY F 116 -37.55 4.64 31.67
N ASN F 117 -36.82 4.81 32.76
CA ASN F 117 -37.32 4.33 34.03
C ASN F 117 -38.31 5.38 34.63
N ALA F 118 -38.95 5.03 35.74
CA ALA F 118 -40.03 5.87 36.26
C ALA F 118 -39.53 7.27 36.66
N SER F 119 -38.38 7.33 37.28
CA SER F 119 -37.81 8.62 37.62
C SER F 119 -37.50 9.50 36.42
N GLU F 120 -37.01 8.89 35.33
CA GLU F 120 -36.70 9.64 34.13
C GLU F 120 -37.98 10.22 33.53
N ILE F 121 -39.01 9.40 33.39
CA ILE F 121 -40.21 9.84 32.71
C ILE F 121 -40.87 10.89 33.59
N LEU F 122 -40.85 10.66 34.90
CA LEU F 122 -41.45 11.63 35.83
C LEU F 122 -40.72 12.98 35.73
N ALA F 123 -39.42 12.95 35.63
CA ALA F 123 -38.65 14.19 35.48
C ALA F 123 -38.97 14.94 34.19
N LEU F 124 -39.20 14.20 33.12
CA LEU F 124 -39.62 14.81 31.87
C LEU F 124 -40.89 15.58 32.04
N ILE F 125 -41.90 14.92 32.60
CA ILE F 125 -43.22 15.50 32.61
C ILE F 125 -43.37 16.51 33.71
N ASP F 126 -42.63 16.36 34.78
CA ASP F 126 -42.63 17.37 35.81
C ASP F 126 -42.08 18.68 35.26
N ASP F 127 -41.07 18.57 34.39
CA ASP F 127 -40.36 19.74 33.88
C ASP F 127 -41.17 20.46 32.78
N THR F 128 -42.17 19.78 32.21
CA THR F 128 -43.03 20.45 31.22
C THR F 128 -43.96 21.52 31.80
N ALA F 129 -44.12 21.58 33.13
CA ALA F 129 -45.11 22.48 33.74
C ALA F 129 -46.53 22.39 33.12
N THR F 130 -46.93 21.20 32.65
CA THR F 130 -48.28 20.94 32.08
C THR F 130 -49.22 20.27 33.12
N MET F 131 -48.64 19.53 34.08
CA MET F 131 -49.40 18.68 34.99
C MET F 131 -50.07 19.49 36.12
N LYS F 132 -50.98 20.36 35.73
CA LYS F 132 -51.80 21.06 36.68
C LYS F 132 -52.64 20.04 37.50
N GLY F 133 -52.66 20.21 38.85
CA GLY F 133 -53.45 19.34 39.75
C GLY F 133 -52.79 18.07 40.25
N LEU F 140 -47.44 8.89 41.04
CA LEU F 140 -46.45 8.06 41.75
C LEU F 140 -46.31 6.66 41.08
N ASP F 141 -47.39 5.95 40.75
CA ASP F 141 -47.31 4.64 40.05
C ASP F 141 -46.75 4.76 38.61
N ALA F 142 -46.03 3.74 38.08
CA ALA F 142 -45.52 3.82 36.72
C ALA F 142 -46.64 3.91 35.67
N VAL F 143 -47.74 3.22 35.88
CA VAL F 143 -48.85 3.31 34.97
C VAL F 143 -49.36 4.74 34.88
N THR F 144 -49.50 5.38 36.01
CA THR F 144 -50.00 6.74 36.04
C THR F 144 -49.02 7.70 35.35
N ILE F 145 -47.75 7.52 35.62
CA ILE F 145 -46.72 8.36 35.01
C ILE F 145 -46.74 8.18 33.49
N ALA F 146 -46.88 6.94 33.06
CA ALA F 146 -46.85 6.64 31.63
C ALA F 146 -48.07 7.24 30.92
N LYS F 147 -49.25 7.14 31.53
CA LYS F 147 -50.46 7.74 30.94
C LYS F 147 -50.41 9.27 30.90
N LYS F 148 -49.86 9.89 31.92
CA LYS F 148 -49.62 11.33 31.89
C LYS F 148 -48.61 11.72 30.81
N ALA F 149 -47.53 10.97 30.69
CA ALA F 149 -46.59 11.26 29.62
C ALA F 149 -47.19 11.06 28.25
N TYR F 150 -48.03 10.04 28.08
CA TYR F 150 -48.68 9.81 26.82
C TYR F 150 -49.60 11.01 26.46
N ALA F 151 -50.34 11.49 27.44
CA ALA F 151 -51.19 12.66 27.23
C ALA F 151 -50.39 13.89 26.77
N ILE F 152 -49.21 14.08 27.31
CA ILE F 152 -48.39 15.23 26.94
C ILE F 152 -47.78 15.09 25.56
N TYR F 153 -47.21 13.92 25.26
CA TYR F 153 -46.41 13.78 24.03
C TYR F 153 -47.10 13.10 22.89
N LYS F 154 -48.23 12.44 23.16
CA LYS F 154 -48.97 11.69 22.19
C LYS F 154 -48.06 10.76 21.43
N THR F 155 -47.26 10.02 22.19
CA THR F 155 -46.16 9.19 21.69
C THR F 155 -46.14 7.98 22.62
N ALA F 156 -45.83 6.79 22.08
CA ALA F 156 -45.76 5.59 22.90
C ALA F 156 -44.77 5.80 24.02
N ILE F 157 -45.12 5.30 25.19
CA ILE F 157 -44.26 5.42 26.37
C ILE F 157 -43.95 4.04 26.86
N VAL F 158 -42.66 3.77 27.12
CA VAL F 158 -42.27 2.55 27.76
C VAL F 158 -41.54 2.90 29.04
N ILE F 159 -42.07 2.45 30.17
CA ILE F 159 -41.40 2.68 31.46
C ILE F 159 -40.91 1.33 31.97
N THR F 160 -39.61 1.23 32.06
CA THR F 160 -38.96 0.03 32.57
C THR F 160 -38.89 0.07 34.11
N GLY F 161 -38.95 -1.11 34.72
CA GLY F 161 -38.86 -1.24 36.16
C GLY F 161 -39.00 -2.71 36.55
N LYS F 162 -39.34 -2.98 37.80
CA LYS F 162 -39.58 -4.37 38.25
C LYS F 162 -40.60 -5.00 37.33
N GLU F 163 -41.70 -4.30 37.13
CA GLU F 163 -42.63 -4.57 36.05
C GLU F 163 -42.50 -3.44 35.02
N ASP F 164 -42.63 -3.77 33.74
CA ASP F 164 -42.53 -2.76 32.70
C ASP F 164 -43.93 -2.32 32.29
N VAL F 165 -44.08 -1.04 31.93
CA VAL F 165 -45.35 -0.50 31.49
C VAL F 165 -45.23 0.05 30.08
N ILE F 166 -46.17 -0.27 29.22
CA ILE F 166 -46.21 0.32 27.90
C ILE F 166 -47.57 0.98 27.71
N VAL F 167 -47.57 2.23 27.25
CA VAL F 167 -48.81 2.92 26.86
C VAL F 167 -48.70 3.38 25.42
N GLN F 168 -49.68 2.99 24.59
CA GLN F 168 -49.77 3.42 23.20
C GLN F 168 -51.24 3.56 22.87
N GLY F 169 -51.58 4.74 22.40
CA GLY F 169 -52.99 5.11 22.16
C GLY F 169 -53.75 4.99 23.47
N ASP F 170 -54.87 4.29 23.41
CA ASP F 170 -55.70 4.11 24.59
C ASP F 170 -55.46 2.78 25.31
N LYS F 171 -54.35 2.09 25.02
CA LYS F 171 -54.07 0.81 25.69
C LYS F 171 -52.84 0.96 26.56
N ALA F 172 -52.90 0.37 27.74
CA ALA F 172 -51.81 0.33 28.68
C ALA F 172 -51.66 -1.12 29.12
N ILE F 173 -50.41 -1.59 29.16
CA ILE F 173 -50.11 -2.97 29.45
C ILE F 173 -48.99 -3.00 30.47
N VAL F 174 -49.01 -4.02 31.34
CA VAL F 174 -47.94 -4.25 32.34
C VAL F 174 -47.33 -5.62 32.07
N LEU F 175 -46.01 -5.66 31.99
CA LEU F 175 -45.28 -6.87 31.72
C LEU F 175 -44.42 -7.24 32.92
N ALA F 176 -44.32 -8.53 33.21
CA ALA F 176 -43.62 -8.97 34.42
C ALA F 176 -42.62 -10.07 34.12
N ASN F 177 -41.70 -9.83 33.18
CA ASN F 177 -40.63 -10.78 32.92
C ASN F 177 -39.29 -10.14 33.28
N GLY F 178 -38.24 -10.97 33.38
CA GLY F 178 -36.87 -10.44 33.46
C GLY F 178 -36.08 -11.08 34.57
N SER F 179 -34.96 -10.45 34.93
CA SER F 179 -34.04 -10.95 35.92
C SER F 179 -33.42 -9.76 36.67
N PRO F 180 -33.22 -9.92 37.97
CA PRO F 180 -32.42 -8.93 38.74
C PRO F 180 -31.00 -8.72 38.20
N LEU F 181 -30.41 -9.70 37.53
CA LEU F 181 -29.09 -9.51 36.97
C LEU F 181 -29.02 -8.45 35.91
N LEU F 182 -30.12 -8.16 35.22
CA LEU F 182 -30.12 -7.05 34.26
C LEU F 182 -29.69 -5.69 34.82
N ALA F 183 -30.09 -5.40 36.05
CA ALA F 183 -29.66 -4.16 36.72
C ALA F 183 -28.16 -4.09 37.04
N ARG F 184 -27.45 -5.22 36.92
CA ARG F 184 -26.03 -5.27 37.21
C ARG F 184 -25.20 -5.31 35.93
N VAL F 185 -25.85 -5.11 34.78
CA VAL F 185 -25.15 -5.03 33.52
C VAL F 185 -25.38 -3.64 32.99
N THR F 186 -24.30 -2.88 32.80
CA THR F 186 -24.47 -1.51 32.41
C THR F 186 -25.08 -1.50 30.99
N GLY F 187 -25.96 -0.56 30.75
CA GLY F 187 -26.54 -0.52 29.42
C GLY F 187 -27.54 -1.63 29.05
N ALA F 188 -27.97 -2.43 30.02
CA ALA F 188 -29.11 -3.36 29.74
C ALA F 188 -30.28 -2.54 29.23
N GLY F 189 -30.64 -1.49 29.96
CA GLY F 189 -31.76 -0.66 29.54
C GLY F 189 -31.47 0.09 28.26
N CYS F 190 -30.22 0.48 28.08
CA CYS F 190 -29.83 1.14 26.87
C CYS F 190 -29.99 0.19 25.66
N LEU F 191 -29.56 -1.08 25.82
CA LEU F 191 -29.73 -2.06 24.77
C LEU F 191 -31.22 -2.25 24.49
N LEU F 192 -32.04 -2.26 25.53
CA LEU F 192 -33.48 -2.41 25.27
C LEU F 192 -33.99 -1.30 24.37
N GLY F 193 -33.47 -0.08 24.53
CA GLY F 193 -33.93 0.99 23.60
C GLY F 193 -33.60 0.61 22.16
N GLY F 194 -32.44 0.00 21.97
CA GLY F 194 -32.05 -0.43 20.64
C GLY F 194 -32.88 -1.54 20.13
N ILE F 195 -33.17 -2.51 20.99
CA ILE F 195 -34.03 -3.62 20.60
C ILE F 195 -35.41 -3.07 20.16
N ILE F 196 -35.96 -2.13 20.90
CA ILE F 196 -37.23 -1.54 20.52
C ILE F 196 -37.15 -0.89 19.16
N ALA F 197 -36.08 -0.16 18.90
CA ALA F 197 -35.86 0.41 17.58
C ALA F 197 -35.83 -0.67 16.49
N GLY F 198 -35.23 -1.79 16.80
CA GLY F 198 -35.19 -2.92 15.89
C GLY F 198 -36.53 -3.47 15.49
N PHE F 199 -37.54 -3.27 16.32
CA PHE F 199 -38.89 -3.82 16.09
C PHE F 199 -39.79 -2.85 15.36
N LEU F 200 -39.31 -1.67 14.98
CA LEU F 200 -40.26 -0.67 14.46
C LEU F 200 -40.57 -0.79 12.96
N PHE F 201 -39.63 -1.25 12.16
CA PHE F 201 -39.92 -1.40 10.71
C PHE F 201 -40.48 -0.17 10.07
N ARG F 202 -39.91 0.98 10.42
CA ARG F 202 -40.24 2.27 9.82
C ARG F 202 -41.65 2.75 10.09
N GLU F 203 -42.30 2.20 11.11
CA GLU F 203 -43.58 2.67 11.55
C GLU F 203 -43.41 3.78 12.55
N THR F 204 -43.87 4.97 12.21
CA THR F 204 -43.72 6.10 13.10
C THR F 204 -44.75 6.10 14.25
N GLU F 205 -45.79 5.29 14.13
CA GLU F 205 -46.77 5.08 15.20
C GLU F 205 -46.90 3.58 15.43
N PRO F 206 -45.96 3.00 16.15
CA PRO F 206 -45.88 1.54 16.15
C PRO F 206 -47.02 0.90 16.91
N ASP F 207 -47.42 -0.27 16.45
CA ASP F 207 -48.43 -1.05 17.08
C ASP F 207 -47.97 -1.44 18.45
N ILE F 208 -48.83 -1.38 19.42
CA ILE F 208 -48.44 -1.76 20.78
C ILE F 208 -47.94 -3.21 20.82
N GLU F 209 -48.39 -4.05 19.90
CA GLU F 209 -47.92 -5.45 19.85
C GLU F 209 -46.41 -5.53 19.53
N ALA F 210 -45.90 -4.63 18.71
CA ALA F 210 -44.49 -4.61 18.41
C ALA F 210 -43.67 -4.20 19.67
N LEU F 211 -44.19 -3.26 20.44
CA LEU F 211 -43.48 -2.80 21.64
C LEU F 211 -43.54 -3.89 22.70
N ILE F 212 -44.70 -4.54 22.83
CA ILE F 212 -44.82 -5.67 23.76
C ILE F 212 -43.84 -6.76 23.40
N GLU F 213 -43.74 -7.10 22.12
CA GLU F 213 -42.84 -8.16 21.70
C GLU F 213 -41.39 -7.77 21.96
N ALA F 214 -41.02 -6.51 21.69
CA ALA F 214 -39.63 -6.07 21.85
C ALA F 214 -39.21 -6.23 23.31
N VAL F 215 -40.03 -5.70 24.22
CA VAL F 215 -39.73 -5.77 25.64
C VAL F 215 -39.75 -7.19 26.15
N SER F 216 -40.69 -7.98 25.69
CA SER F 216 -40.83 -9.35 26.14
C SER F 216 -39.75 -10.26 25.61
N VAL F 217 -39.34 -10.08 24.37
CA VAL F 217 -38.17 -10.82 23.85
C VAL F 217 -36.94 -10.55 24.75
N PHE F 218 -36.68 -9.30 25.06
CA PHE F 218 -35.57 -8.95 25.87
C PHE F 218 -35.65 -9.55 27.27
N ASN F 219 -36.78 -9.34 27.93
CA ASN F 219 -36.88 -9.77 29.31
C ASN F 219 -36.99 -11.27 29.43
N ILE F 220 -37.60 -11.93 28.47
CA ILE F 220 -37.65 -13.39 28.51
C ILE F 220 -36.27 -13.97 28.25
N ALA F 221 -35.54 -13.41 27.29
CA ALA F 221 -34.15 -13.86 27.07
C ALA F 221 -33.35 -13.71 28.36
N ALA F 222 -33.54 -12.58 29.04
CA ALA F 222 -32.86 -12.36 30.29
C ALA F 222 -33.19 -13.44 31.33
N GLU F 223 -34.46 -13.75 31.45
CA GLU F 223 -34.93 -14.73 32.42
C GLU F 223 -34.28 -16.09 32.14
N VAL F 224 -34.26 -16.47 30.87
CA VAL F 224 -33.72 -17.75 30.47
C VAL F 224 -32.20 -17.80 30.64
N ALA F 225 -31.51 -16.73 30.28
CA ALA F 225 -30.11 -16.66 30.45
C ALA F 225 -29.70 -16.81 31.94
N ALA F 226 -30.46 -16.18 32.83
CA ALA F 226 -30.15 -16.24 34.27
C ALA F 226 -30.35 -17.62 34.86
N GLU F 227 -31.17 -18.44 34.21
CA GLU F 227 -31.39 -19.81 34.64
C GLU F 227 -30.34 -20.78 34.15
N ASN F 228 -29.49 -20.34 33.22
CA ASN F 228 -28.50 -21.23 32.65
C ASN F 228 -27.50 -21.68 33.74
N GLU F 229 -27.11 -22.95 33.70
CA GLU F 229 -26.20 -23.53 34.70
C GLU F 229 -24.84 -22.81 34.70
N ASN F 230 -24.46 -22.23 33.56
CA ASN F 230 -23.21 -21.51 33.43
C ASN F 230 -23.33 -20.04 33.75
N CYS F 231 -24.50 -19.58 34.18
CA CYS F 231 -24.61 -18.21 34.64
C CYS F 231 -24.17 -18.12 36.09
N GLY F 232 -23.07 -17.44 36.31
CA GLY F 232 -22.44 -17.38 37.64
C GLY F 232 -22.49 -15.98 38.26
N GLY F 233 -23.15 -15.05 37.58
CA GLY F 233 -23.15 -13.68 38.02
C GLY F 233 -23.36 -12.74 36.85
N PRO F 234 -23.28 -11.43 37.09
CA PRO F 234 -23.50 -10.43 36.04
C PRO F 234 -22.46 -10.46 34.91
N GLY F 235 -21.26 -10.94 35.16
CA GLY F 235 -20.23 -11.08 34.12
C GLY F 235 -20.51 -12.15 33.11
N THR F 236 -20.81 -13.36 33.60
CA THR F 236 -21.18 -14.43 32.65
C THR F 236 -22.59 -14.29 32.12
N PHE F 237 -23.48 -13.61 32.83
CA PHE F 237 -24.83 -13.35 32.32
C PHE F 237 -24.91 -12.60 31.00
N SER F 238 -24.04 -11.63 30.81
CA SER F 238 -24.08 -10.86 29.60
C SER F 238 -23.85 -11.67 28.26
N PRO F 239 -22.78 -12.49 28.16
CA PRO F 239 -22.65 -13.36 26.99
C PRO F 239 -23.84 -14.27 26.84
N LEU F 240 -24.35 -14.78 27.95
CA LEU F 240 -25.47 -15.70 27.88
C LEU F 240 -26.73 -15.03 27.41
N LEU F 241 -26.92 -13.78 27.80
CA LEU F 241 -28.09 -13.03 27.32
C LEU F 241 -28.07 -12.87 25.82
N LEU F 242 -26.89 -12.58 25.28
CA LEU F 242 -26.75 -12.49 23.83
C LEU F 242 -27.00 -13.84 23.12
N ASP F 243 -26.52 -14.92 23.70
CA ASP F 243 -26.79 -16.25 23.14
C ASP F 243 -28.27 -16.55 23.17
N THR F 244 -28.91 -16.22 24.29
CA THR F 244 -30.34 -16.55 24.43
C THR F 244 -31.20 -15.73 23.45
N LEU F 245 -30.85 -14.49 23.20
CA LEU F 245 -31.55 -13.68 22.23
C LEU F 245 -31.40 -14.30 20.87
N TYR F 246 -30.19 -14.77 20.58
CA TYR F 246 -29.95 -15.33 19.28
C TYR F 246 -30.81 -16.57 19.00
N HIS F 247 -31.03 -17.39 20.02
CA HIS F 247 -31.70 -18.68 19.87
C HIS F 247 -33.15 -18.64 20.27
N LEU F 248 -33.64 -17.53 20.83
CA LEU F 248 -35.00 -17.52 21.36
C LEU F 248 -36.01 -18.02 20.31
N ASN F 249 -36.90 -18.93 20.71
CA ASN F 249 -37.93 -19.46 19.80
C ASN F 249 -39.34 -19.19 20.31
N GLU F 250 -40.31 -19.45 19.46
CA GLU F 250 -41.68 -19.11 19.74
C GLU F 250 -42.24 -19.90 20.91
N THR F 251 -41.83 -21.14 21.04
CA THR F 251 -42.27 -21.95 22.15
C THR F 251 -41.88 -21.38 23.50
N THR F 252 -40.62 -20.99 23.62
CA THR F 252 -40.15 -20.40 24.86
C THR F 252 -40.85 -19.08 25.14
N TYR F 253 -40.96 -18.26 24.10
CA TYR F 253 -41.63 -16.99 24.24
C TYR F 253 -43.04 -17.17 24.79
N GLN F 254 -43.82 -18.05 24.16
CA GLN F 254 -45.21 -18.20 24.55
C GLN F 254 -45.35 -18.82 25.94
N GLN F 255 -44.49 -19.75 26.28
CA GLN F 255 -44.52 -20.35 27.61
C GLN F 255 -44.18 -19.36 28.70
N ARG F 256 -43.30 -18.42 28.43
CA ARG F 256 -42.76 -17.59 29.50
C ARG F 256 -43.41 -16.24 29.63
N ILE F 257 -44.00 -15.71 28.58
CA ILE F 257 -44.49 -14.32 28.63
C ILE F 257 -45.49 -14.10 29.76
N ARG F 258 -45.36 -12.99 30.48
CA ARG F 258 -46.27 -12.65 31.59
C ARG F 258 -46.77 -11.22 31.35
N ILE F 259 -47.95 -11.09 30.77
CA ILE F 259 -48.54 -9.78 30.44
C ILE F 259 -49.92 -9.60 31.08
N GLN F 260 -50.25 -8.38 31.52
CA GLN F 260 -51.62 -8.04 31.98
C GLN F 260 -52.11 -6.66 31.52
N GLU F 261 -53.39 -6.64 31.16
CA GLU F 261 -54.31 -5.53 31.48
C GLU F 261 -54.13 -4.34 30.57
#